data_9KUH
#
_entry.id   9KUH
#
_cell.length_a   193.927
_cell.length_b   99.198
_cell.length_c   119.175
_cell.angle_alpha   90.00
_cell.angle_beta   105.90
_cell.angle_gamma   90.00
#
_symmetry.space_group_name_H-M   'C 1 2 1'
#
loop_
_entity.id
_entity.type
_entity.pdbx_description
1 polymer 'NADPH dehydrogenase 2'
2 non-polymer 'FLAVIN MONONUCLEOTIDE'
3 non-polymer 2-prop-1-en-2-ylpyridine
#
_entity_poly.entity_id   1
_entity_poly.type   'polypeptide(L)'
_entity_poly.pdbx_seq_one_letter_code
;MPFVKDFKPQALGDTNLFKPIKIGNNELLHRAVIPPLTRMRAQHPGNIPNRDWAVEYYAQRAQRPGTLIITEGTFPSPQS
GGYDNAPGIWSEEQIKEWTKIFKAIHENKSFAWVQLWVLGWAAFPDTLARDGLRYDSASDNVYMNAEQEEKAKKANNPQH
SITKDEIKQYVKEYVQAAKNSIAAGADGVEIHSANGYLLNQFLDPHSNNRTDEYGGSIENRARFTLEVVDAVVDAIGPEK
VGLRLSPYGVFNSMSGGAETGIVAQYAYVLGELERRAKAGKRLAFVHLVEPRVTNPFLTEGEGEYNGGSNKFAYSIWKGP
IIRAGNFALHPEVVREEVKDPRTLIGYGRFFISNPDLVDRLEKGLPLNKYDRDTFYKMSAEGYIDYPTYEEALKLGWDKN
;
_entity_poly.pdbx_strand_id   A,B,C,D
#
# COMPACT_ATOMS: atom_id res chain seq x y z
N PRO A 2 -23.80 16.08 44.42
CA PRO A 2 -23.99 17.24 45.31
C PRO A 2 -23.18 18.40 44.78
N PHE A 3 -23.73 19.60 44.89
CA PHE A 3 -23.16 20.81 44.33
C PHE A 3 -22.60 21.67 45.45
N VAL A 4 -21.93 22.78 45.10
CA VAL A 4 -21.48 23.67 46.16
C VAL A 4 -22.71 24.31 46.78
N LYS A 5 -22.97 24.00 48.05
CA LYS A 5 -24.29 24.24 48.63
C LYS A 5 -24.56 25.72 48.83
N ASP A 6 -23.52 26.50 49.10
CA ASP A 6 -23.61 27.93 49.36
C ASP A 6 -23.28 28.76 48.13
N PHE A 7 -23.52 28.22 46.96
CA PHE A 7 -23.26 28.92 45.71
C PHE A 7 -24.59 29.29 45.08
N LYS A 8 -24.88 30.59 45.05
CA LYS A 8 -26.03 31.15 44.37
C LYS A 8 -25.61 31.51 42.95
N PRO A 9 -25.73 30.59 41.99
CA PRO A 9 -25.23 30.86 40.65
C PRO A 9 -26.02 31.92 39.91
N GLN A 10 -25.61 32.20 38.69
CA GLN A 10 -26.22 33.23 37.88
C GLN A 10 -25.94 32.91 36.43
N ALA A 11 -26.84 33.31 35.55
CA ALA A 11 -26.64 33.07 34.13
C ALA A 11 -25.65 34.07 33.55
N LEU A 12 -24.77 33.56 32.70
CA LEU A 12 -23.81 34.39 31.98
C LEU A 12 -24.00 34.27 30.48
N GLY A 13 -24.98 33.48 30.04
CA GLY A 13 -25.26 33.31 28.62
C GLY A 13 -25.55 34.62 27.92
N ASP A 14 -25.96 35.63 28.65
CA ASP A 14 -26.22 36.94 28.09
C ASP A 14 -25.01 37.83 28.10
N THR A 15 -23.84 37.30 28.42
CA THR A 15 -22.63 38.10 28.56
C THR A 15 -21.62 37.77 27.45
N ASN A 16 -20.69 38.71 27.24
CA ASN A 16 -19.59 38.47 26.30
C ASN A 16 -18.84 37.18 26.56
N LEU A 17 -18.99 36.58 27.74
CA LEU A 17 -18.44 35.26 27.97
C LEU A 17 -18.97 34.24 26.96
N PHE A 18 -20.07 34.53 26.25
CA PHE A 18 -20.56 33.60 25.23
C PHE A 18 -20.61 34.20 23.83
N LYS A 19 -19.83 35.26 23.56
CA LYS A 19 -19.70 35.85 22.24
C LYS A 19 -18.37 35.39 21.65
N PRO A 20 -18.34 34.92 20.41
CA PRO A 20 -17.11 34.30 19.88
C PRO A 20 -15.95 35.30 19.77
N ILE A 21 -14.76 34.74 19.62
CA ILE A 21 -13.53 35.52 19.69
C ILE A 21 -12.43 34.70 19.05
N LYS A 22 -11.66 35.30 18.14
CA LYS A 22 -10.53 34.59 17.56
C LYS A 22 -9.32 34.83 18.44
N ILE A 23 -8.73 33.75 18.93
CA ILE A 23 -7.46 33.75 19.66
C ILE A 23 -6.45 32.98 18.81
N GLY A 24 -5.36 33.63 18.45
CA GLY A 24 -4.44 32.95 17.55
C GLY A 24 -5.16 32.50 16.29
N ASN A 25 -5.03 31.21 15.96
CA ASN A 25 -5.69 30.66 14.78
C ASN A 25 -7.08 30.11 15.07
N ASN A 26 -7.45 29.98 16.33
CA ASN A 26 -8.67 29.29 16.72
C ASN A 26 -9.84 30.23 16.93
N GLU A 27 -10.92 29.94 16.24
CA GLU A 27 -12.17 30.66 16.38
C GLU A 27 -12.82 30.11 17.65
N LEU A 28 -12.58 30.73 18.81
CA LEU A 28 -13.35 30.37 20.00
C LEU A 28 -14.81 30.78 19.87
N LEU A 29 -15.69 29.95 20.40
CA LEU A 29 -17.13 30.22 20.37
C LEU A 29 -17.66 30.80 21.69
N HIS A 30 -16.97 30.56 22.81
CA HIS A 30 -17.21 31.17 24.11
C HIS A 30 -15.86 31.38 24.74
N ARG A 31 -15.78 32.32 25.67
CA ARG A 31 -14.51 32.74 26.21
C ARG A 31 -14.23 32.12 27.59
N ALA A 32 -14.87 30.99 27.91
CA ALA A 32 -14.43 30.20 29.05
C ALA A 32 -13.22 29.39 28.60
N VAL A 33 -12.08 29.58 29.26
CA VAL A 33 -10.83 28.93 28.89
C VAL A 33 -10.44 28.01 30.03
N ILE A 34 -10.04 26.78 29.71
CA ILE A 34 -9.54 25.89 30.76
C ILE A 34 -8.07 26.19 30.97
N PRO A 35 -7.65 26.58 32.15
CA PRO A 35 -6.24 26.80 32.39
C PRO A 35 -5.51 25.49 32.55
N PRO A 36 -4.18 25.55 32.59
CA PRO A 36 -3.38 24.35 32.91
C PRO A 36 -3.64 23.90 34.34
N LEU A 37 -4.00 22.63 34.46
CA LEU A 37 -4.24 22.03 35.77
C LEU A 37 -3.52 20.70 35.79
N THR A 38 -2.42 20.67 36.55
CA THR A 38 -1.59 19.46 36.66
C THR A 38 -2.30 18.41 37.48
N ARG A 39 -2.65 17.30 36.85
CA ARG A 39 -3.48 16.30 37.48
C ARG A 39 -2.70 15.08 37.97
N MET A 40 -1.41 14.99 37.67
CA MET A 40 -0.52 13.97 38.24
C MET A 40 -0.96 12.55 37.91
N ARG A 41 -1.68 12.38 36.81
CA ARG A 41 -1.99 11.06 36.28
C ARG A 41 -0.98 10.56 35.27
N ALA A 42 0.10 11.28 35.04
CA ALA A 42 1.12 10.78 34.14
C ALA A 42 1.77 9.53 34.71
N GLN A 43 2.26 8.68 33.81
CA GLN A 43 2.80 7.38 34.21
C GLN A 43 4.31 7.42 34.40
N HIS A 44 4.78 6.79 35.49
CA HIS A 44 6.22 6.61 35.67
C HIS A 44 6.58 5.17 35.33
N PRO A 45 7.72 4.95 34.68
CA PRO A 45 8.67 5.93 34.16
C PRO A 45 8.25 6.43 32.78
N GLY A 46 8.85 7.49 32.29
CA GLY A 46 8.57 8.01 30.97
C GLY A 46 7.87 9.34 30.96
N ASN A 47 7.26 9.73 32.08
CA ASN A 47 6.42 10.94 32.15
C ASN A 47 5.34 10.89 31.07
N ILE A 48 4.79 9.69 30.89
CA ILE A 48 3.90 9.42 29.75
C ILE A 48 2.49 9.85 30.14
N PRO A 49 1.78 10.57 29.28
CA PRO A 49 0.38 10.88 29.59
C PRO A 49 -0.42 9.59 29.76
N ASN A 50 -1.32 9.60 30.76
CA ASN A 50 -2.10 8.43 31.13
C ASN A 50 -2.79 7.70 29.98
N ARG A 51 -2.27 6.51 29.67
CA ARG A 51 -2.81 5.71 28.59
C ARG A 51 -4.11 5.03 28.99
N ASP A 52 -4.59 5.21 30.22
CA ASP A 52 -5.91 4.72 30.59
C ASP A 52 -6.99 5.77 30.45
N TRP A 53 -6.71 6.97 30.92
CA TRP A 53 -7.73 7.95 31.30
C TRP A 53 -7.56 9.30 30.64
N ALA A 54 -6.35 9.65 30.20
CA ALA A 54 -6.06 11.02 29.82
C ALA A 54 -6.91 11.47 28.63
N VAL A 55 -7.12 10.59 27.66
CA VAL A 55 -7.93 11.02 26.54
C VAL A 55 -9.39 11.18 26.96
N GLU A 56 -9.90 10.29 27.81
CA GLU A 56 -11.25 10.52 28.31
C GLU A 56 -11.35 11.85 29.05
N TYR A 57 -10.42 12.13 29.96
CA TYR A 57 -10.45 13.37 30.75
C TYR A 57 -10.61 14.60 29.88
N TYR A 58 -9.61 14.87 29.06
CA TYR A 58 -9.59 16.02 28.16
C TYR A 58 -10.77 16.03 27.19
N ALA A 59 -11.08 14.89 26.57
CA ALA A 59 -12.26 14.79 25.72
C ALA A 59 -13.51 15.29 26.45
N GLN A 60 -13.80 14.69 27.61
CA GLN A 60 -14.92 15.13 28.44
C GLN A 60 -14.98 16.64 28.55
N ARG A 61 -13.84 17.26 28.82
CA ARG A 61 -13.84 18.69 29.05
C ARG A 61 -13.84 19.47 27.76
N ALA A 62 -13.60 18.83 26.63
CA ALA A 62 -13.76 19.50 25.36
C ALA A 62 -15.20 19.52 24.89
N GLN A 63 -16.12 18.94 25.67
CA GLN A 63 -17.46 18.62 25.17
C GLN A 63 -18.18 19.85 24.62
N ARG A 64 -18.07 20.99 25.29
CA ARG A 64 -18.65 22.19 24.72
C ARG A 64 -17.84 22.62 23.51
N PRO A 65 -18.45 22.72 22.34
CA PRO A 65 -17.71 23.08 21.13
C PRO A 65 -17.17 24.48 21.23
N GLY A 66 -15.91 24.66 20.86
CA GLY A 66 -15.33 25.99 20.83
C GLY A 66 -14.47 26.35 22.02
N THR A 67 -14.28 25.41 22.94
CA THR A 67 -13.57 25.62 24.19
C THR A 67 -12.05 25.70 23.94
N LEU A 68 -11.45 26.86 24.20
CA LEU A 68 -10.00 26.89 24.38
C LEU A 68 -9.58 26.09 25.61
N ILE A 69 -8.82 25.01 25.40
CA ILE A 69 -8.26 24.20 26.49
C ILE A 69 -6.75 24.37 26.52
N ILE A 70 -6.18 24.69 27.68
CA ILE A 70 -4.73 24.65 27.88
C ILE A 70 -4.38 23.40 28.68
N THR A 71 -3.43 22.63 28.17
CA THR A 71 -3.12 21.35 28.77
C THR A 71 -2.32 21.54 30.05
N GLU A 72 -2.17 20.46 30.80
CA GLU A 72 -1.42 20.50 32.04
C GLU A 72 0.02 20.95 31.80
N GLY A 73 0.72 21.21 32.89
CA GLY A 73 2.06 21.71 32.76
C GLY A 73 2.78 20.53 32.19
N THR A 74 3.62 20.74 31.18
CA THR A 74 4.26 19.65 30.45
C THR A 74 5.75 19.92 30.31
N PHE A 75 6.57 18.90 30.55
CA PHE A 75 8.01 19.12 30.62
C PHE A 75 8.63 19.18 29.22
N PRO A 76 9.40 20.22 28.91
CA PRO A 76 10.09 20.25 27.63
C PRO A 76 11.23 19.28 27.53
N SER A 77 11.79 18.83 28.62
CA SER A 77 12.83 17.82 28.56
C SER A 77 12.86 17.18 29.93
N PRO A 78 13.75 16.23 30.18
CA PRO A 78 13.87 15.71 31.55
C PRO A 78 14.55 16.65 32.52
N GLN A 79 15.64 17.32 32.12
CA GLN A 79 16.19 18.36 32.97
C GLN A 79 15.12 19.39 33.34
N SER A 80 14.04 19.49 32.56
CA SER A 80 13.04 20.52 32.81
C SER A 80 12.12 20.16 33.97
N GLY A 81 11.67 18.91 34.04
CA GLY A 81 10.78 18.51 35.11
C GLY A 81 11.50 18.09 36.38
N GLY A 82 10.90 17.15 37.08
CA GLY A 82 11.37 16.71 38.37
C GLY A 82 10.25 15.99 39.09
N TYR A 83 9.08 15.88 38.44
CA TYR A 83 7.91 15.19 39.02
C TYR A 83 7.63 13.94 38.21
N ASP A 84 7.65 12.79 38.90
CA ASP A 84 7.43 11.50 38.27
C ASP A 84 6.16 11.48 37.44
N ASN A 85 5.06 11.95 37.99
CA ASN A 85 3.75 11.85 37.34
C ASN A 85 3.31 13.20 36.76
N ALA A 86 4.10 13.75 35.85
CA ALA A 86 3.73 14.96 35.17
C ALA A 86 4.14 14.80 33.71
N PRO A 87 3.24 15.01 32.76
CA PRO A 87 3.53 14.64 31.37
C PRO A 87 4.68 15.43 30.77
N GLY A 88 5.52 14.74 30.00
CA GLY A 88 6.48 15.39 29.13
C GLY A 88 6.00 15.40 27.67
N ILE A 89 6.79 16.02 26.82
CA ILE A 89 6.43 16.09 25.42
C ILE A 89 7.72 16.06 24.60
N TRP A 90 8.75 15.37 25.10
CA TRP A 90 10.00 15.28 24.36
C TRP A 90 10.28 13.92 23.74
N SER A 91 9.60 12.87 24.16
CA SER A 91 9.88 11.53 23.67
C SER A 91 8.80 11.08 22.70
N GLU A 92 9.18 10.17 21.79
CA GLU A 92 8.19 9.59 20.89
C GLU A 92 7.08 8.92 21.69
N GLU A 93 7.43 8.27 22.81
CA GLU A 93 6.42 7.75 23.73
C GLU A 93 5.35 8.77 24.05
N GLN A 94 5.79 9.92 24.54
CA GLN A 94 4.86 10.93 25.00
C GLN A 94 4.08 11.48 23.81
N ILE A 95 4.76 11.72 22.71
CA ILE A 95 4.10 12.46 21.65
C ILE A 95 3.02 11.60 21.03
N LYS A 96 3.20 10.28 21.08
CA LYS A 96 2.18 9.38 20.54
C LYS A 96 0.88 9.54 21.31
N GLU A 97 0.96 9.47 22.65
CA GLU A 97 -0.24 9.65 23.46
C GLU A 97 -0.78 11.07 23.34
N TRP A 98 0.11 12.09 23.38
CA TRP A 98 -0.38 13.46 23.21
C TRP A 98 -1.23 13.61 21.95
N THR A 99 -0.77 13.08 20.81
CA THR A 99 -1.54 13.28 19.60
C THR A 99 -2.92 12.64 19.75
N LYS A 100 -2.99 11.50 20.45
CA LYS A 100 -4.30 10.94 20.80
C LYS A 100 -5.17 11.95 21.58
N ILE A 101 -4.56 12.75 22.47
CA ILE A 101 -5.33 13.72 23.28
C ILE A 101 -5.81 14.89 22.43
N PHE A 102 -4.92 15.47 21.62
CA PHE A 102 -5.33 16.56 20.74
C PHE A 102 -6.41 16.10 19.78
N LYS A 103 -6.35 14.84 19.31
CA LYS A 103 -7.38 14.35 18.39
C LYS A 103 -8.73 14.25 19.10
N ALA A 104 -8.71 13.88 20.38
CA ALA A 104 -9.97 13.78 21.14
C ALA A 104 -10.56 15.15 21.40
N ILE A 105 -9.70 16.13 21.66
CA ILE A 105 -10.15 17.50 21.86
C ILE A 105 -10.73 18.05 20.57
N HIS A 106 -10.00 17.84 19.47
CA HIS A 106 -10.38 18.34 18.15
C HIS A 106 -11.67 17.71 17.66
N GLU A 107 -11.82 16.39 17.87
CA GLU A 107 -13.07 15.71 17.51
C GLU A 107 -14.26 16.38 18.16
N ASN A 108 -14.07 16.95 19.34
CA ASN A 108 -15.14 17.67 20.00
C ASN A 108 -15.27 19.12 19.55
N LYS A 109 -14.64 19.52 18.45
CA LYS A 109 -14.69 20.86 17.88
C LYS A 109 -14.05 21.93 18.78
N SER A 110 -13.19 21.52 19.71
CA SER A 110 -12.52 22.38 20.65
C SER A 110 -11.06 22.59 20.22
N PHE A 111 -10.26 23.26 21.05
CA PHE A 111 -8.84 23.47 20.74
C PHE A 111 -7.98 23.04 21.92
N ALA A 112 -6.68 22.92 21.68
CA ALA A 112 -5.75 22.46 22.71
C ALA A 112 -4.41 23.13 22.54
N TRP A 113 -3.91 23.66 23.63
CA TRP A 113 -2.63 24.37 23.66
C TRP A 113 -1.78 23.78 24.75
N VAL A 114 -0.51 23.50 24.47
CA VAL A 114 0.33 22.86 25.45
C VAL A 114 0.99 23.92 26.30
N GLN A 115 1.03 23.71 27.62
CA GLN A 115 1.75 24.64 28.49
C GLN A 115 3.13 24.08 28.74
N LEU A 116 4.16 24.81 28.32
CA LEU A 116 5.52 24.32 28.43
C LEU A 116 6.09 24.73 29.79
N TRP A 117 6.35 23.72 30.61
CA TRP A 117 6.52 23.85 32.05
C TRP A 117 7.93 23.45 32.43
N VAL A 118 8.69 24.39 32.98
CA VAL A 118 10.02 24.07 33.50
C VAL A 118 10.03 24.41 34.99
N LEU A 119 10.42 23.42 35.81
CA LEU A 119 10.11 23.46 37.24
C LEU A 119 11.00 24.41 38.02
N GLY A 120 12.27 24.54 37.64
CA GLY A 120 13.17 25.31 38.48
C GLY A 120 13.31 24.64 39.84
N TRP A 121 13.30 25.48 40.88
CA TRP A 121 13.47 24.98 42.25
C TRP A 121 12.24 24.29 42.81
N ALA A 122 11.09 24.41 42.17
CA ALA A 122 9.96 23.63 42.65
C ALA A 122 10.06 22.16 42.27
N ALA A 123 11.18 21.68 41.76
CA ALA A 123 11.27 20.25 41.54
C ALA A 123 11.77 19.55 42.81
N PHE A 124 11.53 18.26 42.86
CA PHE A 124 12.08 17.42 43.91
C PHE A 124 13.54 17.19 43.63
N PRO A 125 14.45 17.73 44.45
CA PRO A 125 15.88 17.50 44.19
C PRO A 125 16.24 16.03 44.24
N ASP A 126 15.60 15.25 45.09
CA ASP A 126 15.89 13.82 45.15
C ASP A 126 15.35 13.08 43.92
N THR A 127 14.19 13.46 43.39
CA THR A 127 13.76 12.88 42.12
C THR A 127 14.70 13.28 40.98
N LEU A 128 15.24 14.49 41.01
CA LEU A 128 16.20 14.89 39.99
C LEU A 128 17.56 14.26 40.23
N ALA A 129 17.95 14.05 41.48
CA ALA A 129 19.21 13.38 41.73
C ALA A 129 19.12 11.90 41.36
N ARG A 130 17.94 11.29 41.54
CA ARG A 130 17.75 9.91 41.13
C ARG A 130 18.00 9.71 39.65
N ASP A 131 17.64 10.68 38.82
CA ASP A 131 17.82 10.58 37.37
C ASP A 131 19.06 11.30 36.89
N GLY A 132 20.00 11.58 37.80
CA GLY A 132 21.24 12.25 37.46
C GLY A 132 21.08 13.59 36.79
N LEU A 133 20.13 14.40 37.26
CA LEU A 133 19.91 15.74 36.75
C LEU A 133 20.30 16.76 37.82
N ARG A 134 20.55 17.98 37.35
CA ARG A 134 20.77 19.11 38.24
C ARG A 134 19.47 19.50 38.94
N TYR A 135 19.61 20.41 39.90
CA TYR A 135 18.50 21.12 40.54
C TYR A 135 18.71 22.59 40.22
N ASP A 136 17.91 23.14 39.30
CA ASP A 136 18.15 24.46 38.72
C ASP A 136 17.31 25.54 39.40
N SER A 137 17.93 26.67 39.70
CA SER A 137 17.19 27.91 39.95
C SER A 137 17.92 29.07 39.28
N ALA A 138 17.55 30.29 39.71
CA ALA A 138 18.31 31.46 39.33
C ALA A 138 19.56 31.60 40.18
N SER A 139 19.41 31.56 41.50
CA SER A 139 20.56 31.58 42.38
C SER A 139 20.78 30.24 43.03
N ASP A 140 21.97 30.15 43.59
CA ASP A 140 22.40 29.04 44.41
C ASP A 140 22.35 29.30 45.91
N ASN A 141 22.41 30.57 46.34
CA ASN A 141 22.24 30.84 47.77
C ASN A 141 20.79 30.59 48.20
N VAL A 142 19.85 31.14 47.48
CA VAL A 142 18.49 31.24 47.97
C VAL A 142 17.72 29.98 47.63
N TYR A 143 16.96 29.46 48.59
CA TYR A 143 16.18 28.25 48.40
C TYR A 143 14.69 28.52 48.46
N MET A 144 13.91 27.62 47.87
CA MET A 144 12.45 27.77 47.84
C MET A 144 11.86 27.67 49.23
N ASN A 145 12.26 26.68 50.00
CA ASN A 145 11.87 26.64 51.40
C ASN A 145 12.83 25.70 52.11
N ALA A 146 12.68 25.61 53.43
CA ALA A 146 13.65 24.89 54.23
C ALA A 146 13.57 23.39 54.02
N GLU A 147 12.46 22.89 53.49
CA GLU A 147 12.33 21.47 53.23
C GLU A 147 12.99 21.08 51.93
N GLN A 148 12.72 21.82 50.86
CA GLN A 148 13.43 21.60 49.63
C GLN A 148 14.92 21.63 49.88
N GLU A 149 15.35 22.60 50.69
CA GLU A 149 16.77 22.77 50.97
C GLU A 149 17.36 21.52 51.61
N GLU A 150 16.59 20.85 52.48
CA GLU A 150 17.12 19.62 53.07
C GLU A 150 17.10 18.48 52.08
N LYS A 151 15.97 18.31 51.39
CA LYS A 151 15.88 17.34 50.30
C LYS A 151 17.11 17.45 49.41
N ALA A 152 17.35 18.63 48.87
CA ALA A 152 18.52 18.86 48.05
C ALA A 152 19.79 18.53 48.82
N LYS A 153 19.94 19.06 50.03
CA LYS A 153 21.19 18.84 50.72
C LYS A 153 21.33 17.39 51.15
N LYS A 154 20.22 16.70 51.46
CA LYS A 154 20.33 15.31 51.86
C LYS A 154 20.31 14.37 50.67
N ALA A 155 20.51 14.90 49.46
CA ALA A 155 20.71 14.09 48.26
C ALA A 155 21.92 14.56 47.46
N ASN A 156 22.89 15.24 48.11
CA ASN A 156 24.06 15.84 47.44
C ASN A 156 23.69 16.60 46.17
N ASN A 157 22.49 17.16 46.10
CA ASN A 157 22.03 17.86 44.90
C ASN A 157 21.76 19.33 45.22
N PRO A 158 22.76 20.08 45.64
CA PRO A 158 22.54 21.48 45.99
C PRO A 158 22.03 22.29 44.82
N GLN A 159 21.30 23.36 45.16
CA GLN A 159 20.66 24.19 44.16
C GLN A 159 21.73 24.82 43.27
N HIS A 160 21.44 24.88 41.96
CA HIS A 160 22.39 25.25 40.93
C HIS A 160 21.89 26.50 40.22
N SER A 161 22.66 27.59 40.32
CA SER A 161 22.47 28.73 39.44
C SER A 161 22.91 28.36 38.02
N ILE A 162 21.96 28.33 37.09
CA ILE A 162 22.25 27.87 35.72
C ILE A 162 23.03 28.95 34.97
N THR A 163 24.05 28.52 34.21
CA THR A 163 24.94 29.41 33.48
C THR A 163 24.26 29.97 32.22
N LYS A 164 24.93 30.91 31.51
CA LYS A 164 24.34 31.49 30.32
C LYS A 164 24.15 30.44 29.23
N ASP A 165 25.05 29.46 29.18
CA ASP A 165 24.90 28.29 28.32
C ASP A 165 23.65 27.49 28.68
N GLU A 166 23.60 27.02 29.92
CA GLU A 166 22.50 26.17 30.33
C GLU A 166 21.16 26.84 30.09
N ILE A 167 21.12 28.17 30.19
CA ILE A 167 19.92 28.90 29.78
C ILE A 167 19.63 28.67 28.31
N LYS A 168 20.65 28.88 27.46
CA LYS A 168 20.51 28.63 26.03
C LYS A 168 19.92 27.23 25.77
N GLN A 169 20.36 26.24 26.55
CA GLN A 169 19.87 24.89 26.36
C GLN A 169 18.38 24.80 26.68
N TYR A 170 17.95 25.47 27.76
CA TYR A 170 16.53 25.47 28.09
C TYR A 170 15.72 26.15 26.99
N VAL A 171 16.23 27.26 26.48
CA VAL A 171 15.60 27.91 25.34
C VAL A 171 15.47 26.92 24.21
N LYS A 172 16.58 26.31 23.80
CA LYS A 172 16.54 25.19 22.85
C LYS A 172 15.43 24.19 23.19
N GLU A 173 15.44 23.66 24.41
CA GLU A 173 14.48 22.64 24.77
C GLU A 173 13.05 23.16 24.68
N TYR A 174 12.84 24.45 25.01
CA TYR A 174 11.54 25.09 24.84
C TYR A 174 11.07 25.03 23.39
N VAL A 175 11.92 25.48 22.47
CA VAL A 175 11.57 25.52 21.05
C VAL A 175 11.26 24.13 20.52
N GLN A 176 12.09 23.15 20.85
CA GLN A 176 11.80 21.81 20.38
C GLN A 176 10.48 21.32 20.93
N ALA A 177 10.29 21.48 22.25
CA ALA A 177 9.03 21.06 22.85
C ALA A 177 7.84 21.83 22.29
N ALA A 178 8.04 23.10 21.92
CA ALA A 178 7.00 23.80 21.20
C ALA A 178 6.73 23.14 19.84
N LYS A 179 7.80 22.79 19.12
CA LYS A 179 7.69 22.27 17.75
C LYS A 179 7.03 20.90 17.76
N ASN A 180 7.50 20.01 18.65
CA ASN A 180 6.84 18.73 18.87
C ASN A 180 5.36 18.96 18.99
N SER A 181 5.00 19.90 19.86
CA SER A 181 3.61 20.14 20.21
C SER A 181 2.81 20.62 19.02
N ILE A 182 3.42 21.40 18.12
CA ILE A 182 2.66 21.85 16.96
C ILE A 182 2.52 20.74 15.93
N ALA A 183 3.60 20.00 15.67
CA ALA A 183 3.53 18.90 14.71
C ALA A 183 2.59 17.82 15.19
N ALA A 184 2.69 17.46 16.47
CA ALA A 184 1.82 16.45 17.04
C ALA A 184 0.36 16.86 17.02
N GLY A 185 0.06 18.14 16.82
CA GLY A 185 -1.31 18.55 16.58
C GLY A 185 -1.80 19.74 17.38
N ALA A 186 -1.05 20.17 18.39
CA ALA A 186 -1.56 21.21 19.27
C ALA A 186 -1.74 22.53 18.51
N ASP A 187 -2.85 23.24 18.82
CA ASP A 187 -3.17 24.52 18.19
C ASP A 187 -2.24 25.65 18.61
N GLY A 188 -1.50 25.48 19.69
CA GLY A 188 -0.51 26.47 20.09
C GLY A 188 0.08 26.07 21.43
N VAL A 189 1.07 26.84 21.86
CA VAL A 189 1.71 26.57 23.14
C VAL A 189 1.59 27.78 24.05
N GLU A 190 1.68 27.54 25.36
CA GLU A 190 1.71 28.60 26.36
C GLU A 190 3.01 28.46 27.15
N ILE A 191 3.85 29.49 27.07
CA ILE A 191 5.07 29.51 27.87
C ILE A 191 4.66 29.84 29.30
N HIS A 192 4.83 28.85 30.20
CA HIS A 192 4.59 29.01 31.63
C HIS A 192 5.70 29.86 32.20
N SER A 193 5.34 31.08 32.62
CA SER A 193 6.27 32.04 33.18
C SER A 193 5.68 32.64 34.46
N ALA A 194 4.87 31.84 35.16
CA ALA A 194 4.05 32.24 36.29
C ALA A 194 4.31 31.27 37.43
N ASN A 195 3.60 31.46 38.55
CA ASN A 195 3.54 30.51 39.67
C ASN A 195 4.89 30.15 40.28
N GLY A 196 5.92 30.98 40.10
CA GLY A 196 7.19 30.69 40.75
C GLY A 196 8.00 29.55 40.17
N TYR A 197 7.65 29.02 39.00
CA TYR A 197 8.49 27.95 38.49
C TYR A 197 9.70 28.63 37.81
N LEU A 198 10.42 27.93 36.92
CA LEU A 198 11.79 28.40 36.61
C LEU A 198 11.79 29.80 36.03
N LEU A 199 10.93 30.10 35.07
CA LEU A 199 10.94 31.44 34.50
C LEU A 199 10.56 32.47 35.55
N ASN A 200 9.46 32.24 36.27
CA ASN A 200 9.08 33.17 37.34
C ASN A 200 10.24 33.40 38.30
N GLN A 201 11.04 32.36 38.59
CA GLN A 201 12.12 32.49 39.56
C GLN A 201 13.19 33.48 39.11
N PHE A 202 13.32 33.70 37.80
CA PHE A 202 14.22 34.70 37.26
C PHE A 202 13.59 36.08 37.26
N LEU A 203 12.27 36.15 37.04
CA LEU A 203 11.54 37.41 37.11
C LEU A 203 11.58 37.98 38.53
N ASP A 204 11.28 37.15 39.52
CA ASP A 204 11.07 37.67 40.85
C ASP A 204 12.41 38.02 41.47
N PRO A 205 12.59 39.26 41.96
CA PRO A 205 13.89 39.63 42.54
C PRO A 205 14.19 38.94 43.86
N HIS A 206 13.22 38.26 44.46
CA HIS A 206 13.53 37.49 45.66
C HIS A 206 14.34 36.25 45.30
N SER A 207 13.91 35.52 44.26
CA SER A 207 14.56 34.28 43.89
C SER A 207 15.79 34.47 43.00
N ASN A 208 15.95 35.69 42.45
CA ASN A 208 16.97 36.01 41.45
C ASN A 208 18.03 36.94 42.05
N ASN A 209 19.12 36.36 42.55
CA ASN A 209 20.24 37.09 43.12
C ASN A 209 21.37 37.29 42.15
N ARG A 210 21.08 37.22 40.85
CA ARG A 210 22.21 37.10 39.95
C ARG A 210 22.92 38.42 39.75
N THR A 211 24.19 38.30 39.36
CA THR A 211 25.04 39.43 39.10
C THR A 211 25.28 39.62 37.62
N ASP A 212 24.78 38.70 36.79
CA ASP A 212 24.99 38.78 35.34
C ASP A 212 23.75 39.35 34.64
N GLU A 213 23.86 39.46 33.32
CA GLU A 213 22.83 39.96 32.41
C GLU A 213 21.46 39.32 32.62
N TYR A 214 21.37 38.35 33.52
CA TYR A 214 20.11 37.72 33.87
C TYR A 214 19.63 38.06 35.28
N GLY A 215 20.12 39.14 35.85
CA GLY A 215 19.66 39.53 37.17
C GLY A 215 20.24 40.86 37.56
N GLY A 216 19.62 41.45 38.57
CA GLY A 216 20.00 42.75 39.06
C GLY A 216 19.06 43.86 38.63
N SER A 217 18.33 43.68 37.55
CA SER A 217 17.54 44.77 37.02
C SER A 217 16.24 44.22 36.45
N ILE A 218 15.29 45.12 36.21
CA ILE A 218 14.00 44.70 35.67
C ILE A 218 14.20 44.07 34.32
N GLU A 219 15.09 44.65 33.50
CA GLU A 219 15.29 44.15 32.14
C GLU A 219 15.98 42.79 32.19
N ASN A 220 17.02 42.69 33.02
CA ASN A 220 17.78 41.46 33.15
C ASN A 220 16.89 40.31 33.56
N ARG A 221 16.24 40.45 34.70
CA ARG A 221 15.32 39.43 35.19
C ARG A 221 14.34 38.99 34.10
N ALA A 222 13.80 39.95 33.37
CA ALA A 222 12.88 39.60 32.32
C ALA A 222 13.58 39.05 31.09
N ARG A 223 14.91 39.18 31.00
CA ARG A 223 15.60 38.77 29.78
C ARG A 223 15.28 37.33 29.40
N PHE A 224 15.42 36.40 30.36
CA PHE A 224 15.16 34.99 30.09
C PHE A 224 13.73 34.77 29.56
N THR A 225 12.71 35.25 30.27
CA THR A 225 11.34 34.97 29.84
C THR A 225 11.10 35.47 28.42
N LEU A 226 11.55 36.69 28.11
CA LEU A 226 11.46 37.21 26.74
C LEU A 226 12.28 36.36 25.76
N GLU A 227 13.40 35.81 26.22
CA GLU A 227 14.24 35.00 25.37
C GLU A 227 13.54 33.72 24.91
N VAL A 228 12.90 33.02 25.84
CA VAL A 228 12.09 31.85 25.47
C VAL A 228 10.96 32.25 24.53
N VAL A 229 10.32 33.40 24.80
CA VAL A 229 9.23 33.87 23.93
C VAL A 229 9.75 34.15 22.52
N ASP A 230 10.97 34.69 22.42
CA ASP A 230 11.47 35.05 21.10
C ASP A 230 11.82 33.82 20.29
N ALA A 231 12.44 32.84 20.95
CA ALA A 231 12.77 31.60 20.29
C ALA A 231 11.51 30.89 19.83
N VAL A 232 10.62 30.56 20.77
CA VAL A 232 9.40 29.83 20.42
C VAL A 232 8.58 30.59 19.37
N VAL A 233 8.65 31.91 19.36
CA VAL A 233 7.85 32.63 18.38
C VAL A 233 8.47 32.52 17.00
N ASP A 234 9.76 32.83 16.88
CA ASP A 234 10.43 32.71 15.59
C ASP A 234 10.55 31.26 15.13
N ALA A 235 10.14 30.29 15.97
CA ALA A 235 10.11 28.89 15.55
C ALA A 235 8.77 28.55 14.91
N ILE A 236 7.71 28.51 15.73
CA ILE A 236 6.39 28.03 15.27
C ILE A 236 5.47 29.16 14.83
N GLY A 237 5.70 30.40 15.27
CA GLY A 237 4.90 31.52 14.83
C GLY A 237 4.13 32.19 15.96
N PRO A 238 4.14 33.52 15.95
CA PRO A 238 3.51 34.27 17.05
C PRO A 238 2.05 33.89 17.32
N GLU A 239 1.24 33.66 16.29
CA GLU A 239 -0.17 33.30 16.49
C GLU A 239 -0.38 31.94 17.16
N LYS A 240 0.69 31.21 17.51
CA LYS A 240 0.63 29.90 18.18
C LYS A 240 1.22 29.92 19.58
N VAL A 241 1.49 31.10 20.14
CA VAL A 241 2.33 31.25 21.31
C VAL A 241 1.67 32.17 22.35
N GLY A 242 1.28 31.59 23.48
CA GLY A 242 0.84 32.34 24.64
C GLY A 242 1.91 32.41 25.74
N LEU A 243 1.58 33.19 26.78
CA LEU A 243 2.51 33.45 27.87
C LEU A 243 1.71 33.67 29.14
N ARG A 244 2.07 32.97 30.22
CA ARG A 244 1.34 33.09 31.49
C ARG A 244 2.17 33.77 32.56
N LEU A 245 1.62 34.82 33.15
CA LEU A 245 2.28 35.62 34.17
C LEU A 245 1.45 35.56 35.46
N SER A 246 2.10 35.70 36.61
CA SER A 246 1.38 35.65 37.90
C SER A 246 1.87 36.78 38.82
N PRO A 247 1.60 38.04 38.43
CA PRO A 247 2.34 39.15 39.04
C PRO A 247 2.27 39.18 40.55
N TYR A 248 1.06 39.09 41.12
CA TYR A 248 0.81 39.22 42.55
C TYR A 248 0.90 37.90 43.32
N GLY A 249 1.10 36.79 42.64
CA GLY A 249 1.14 35.53 43.32
C GLY A 249 2.37 35.43 44.20
N VAL A 250 2.24 34.65 45.26
CA VAL A 250 3.34 34.31 46.16
C VAL A 250 3.64 32.82 46.21
N PHE A 251 2.91 31.99 45.48
CA PHE A 251 3.17 30.57 45.50
C PHE A 251 4.63 30.27 45.18
N ASN A 252 5.14 29.13 45.66
CA ASN A 252 6.53 28.72 45.42
C ASN A 252 7.52 29.83 45.81
N SER A 253 7.12 30.71 46.73
CA SER A 253 7.99 31.71 47.33
C SER A 253 8.40 32.79 46.33
N MET A 254 7.38 33.52 45.86
CA MET A 254 7.49 34.71 45.03
C MET A 254 7.05 35.93 45.83
N SER A 255 7.56 37.11 45.46
CA SER A 255 7.27 38.31 46.25
C SER A 255 5.80 38.70 46.19
N GLY A 256 5.18 38.56 45.03
CA GLY A 256 3.88 39.16 44.86
C GLY A 256 3.88 40.62 45.27
N GLY A 257 2.67 41.11 45.61
CA GLY A 257 2.41 42.48 46.00
C GLY A 257 3.39 43.04 47.02
N ALA A 258 3.90 42.13 47.89
CA ALA A 258 4.85 42.48 48.94
C ALA A 258 6.06 43.22 48.39
N GLU A 259 6.35 43.04 47.10
CA GLU A 259 7.42 43.76 46.45
C GLU A 259 6.83 45.06 45.90
N THR A 260 7.49 46.18 46.15
CA THR A 260 6.99 47.45 45.65
C THR A 260 7.08 47.51 44.13
N GLY A 261 8.23 47.15 43.60
CA GLY A 261 8.45 47.30 42.18
C GLY A 261 8.02 46.08 41.41
N ILE A 262 7.22 45.18 42.02
CA ILE A 262 6.77 44.00 41.28
C ILE A 262 5.93 44.41 40.09
N VAL A 263 5.26 45.56 40.16
CA VAL A 263 4.38 45.87 39.05
C VAL A 263 5.16 46.46 37.91
N ALA A 264 6.25 47.19 38.20
CA ALA A 264 7.12 47.64 37.12
C ALA A 264 7.78 46.46 36.42
N GLN A 265 8.06 45.38 37.16
CA GLN A 265 8.65 44.19 36.55
C GLN A 265 7.72 43.59 35.50
N TYR A 266 6.44 43.46 35.82
CA TYR A 266 5.51 42.85 34.90
C TYR A 266 5.07 43.84 33.83
N ALA A 267 4.95 45.11 34.20
CA ALA A 267 4.72 46.11 33.17
C ALA A 267 5.81 46.07 32.12
N TYR A 268 7.06 45.83 32.55
CA TYR A 268 8.15 45.86 31.58
C TYR A 268 7.98 44.76 30.53
N VAL A 269 7.62 43.57 30.98
CA VAL A 269 7.47 42.43 30.07
C VAL A 269 6.26 42.63 29.18
N LEU A 270 5.15 43.11 29.74
CA LEU A 270 4.03 43.45 28.87
C LEU A 270 4.37 44.58 27.93
N GLY A 271 5.30 45.44 28.30
CA GLY A 271 5.74 46.47 27.37
C GLY A 271 6.59 45.89 26.26
N GLU A 272 7.43 44.92 26.59
CA GLU A 272 8.25 44.32 25.57
C GLU A 272 7.46 43.36 24.70
N LEU A 273 6.36 42.78 25.20
CA LEU A 273 5.51 42.02 24.29
C LEU A 273 4.73 42.95 23.38
N GLU A 274 4.40 44.16 23.85
CA GLU A 274 3.71 45.09 22.97
C GLU A 274 4.62 45.69 21.93
N ARG A 275 5.89 45.92 22.27
CA ARG A 275 6.84 46.41 21.28
C ARG A 275 7.01 45.42 20.16
N ARG A 276 7.12 44.13 20.49
CA ARG A 276 7.17 43.10 19.46
C ARG A 276 5.89 43.05 18.68
N ALA A 277 4.75 43.27 19.34
CA ALA A 277 3.47 43.22 18.65
C ALA A 277 3.39 44.29 17.57
N LYS A 278 3.80 45.52 17.91
CA LYS A 278 3.74 46.60 16.94
C LYS A 278 4.75 46.41 15.82
N ALA A 279 5.72 45.51 16.01
CA ALA A 279 6.71 45.13 15.00
C ALA A 279 6.27 43.93 14.20
N GLY A 280 5.00 43.55 14.26
CA GLY A 280 4.45 42.49 13.46
C GLY A 280 4.17 41.20 14.19
N LYS A 281 4.75 40.99 15.37
CA LYS A 281 4.75 39.68 16.02
C LYS A 281 3.95 39.71 17.34
N ARG A 282 2.63 39.88 17.23
CA ARG A 282 1.75 39.86 18.41
C ARG A 282 1.47 38.42 18.86
N LEU A 283 1.67 38.13 20.16
CA LEU A 283 1.32 36.81 20.67
C LEU A 283 -0.17 36.51 20.46
N ALA A 284 -0.51 35.24 20.61
CA ALA A 284 -1.90 34.87 20.45
C ALA A 284 -2.74 35.39 21.61
N PHE A 285 -2.24 35.26 22.84
CA PHE A 285 -2.84 35.84 24.04
C PHE A 285 -1.80 36.01 25.14
N VAL A 286 -2.24 36.68 26.19
CA VAL A 286 -1.50 36.77 27.44
C VAL A 286 -2.42 36.31 28.55
N HIS A 287 -1.91 35.41 29.38
CA HIS A 287 -2.71 34.69 30.38
C HIS A 287 -2.27 35.18 31.76
N LEU A 288 -3.14 35.92 32.45
CA LEU A 288 -2.82 36.48 33.76
C LEU A 288 -3.50 35.70 34.87
N VAL A 289 -2.75 35.39 35.90
CA VAL A 289 -3.33 35.03 37.17
C VAL A 289 -3.80 36.31 37.85
N GLU A 290 -5.06 36.33 38.29
CA GLU A 290 -5.55 37.46 39.07
C GLU A 290 -4.99 37.38 40.49
N PRO A 291 -4.94 38.50 41.22
CA PRO A 291 -4.53 38.42 42.62
C PRO A 291 -5.57 37.74 43.49
N ARG A 292 -6.77 37.49 42.94
CA ARG A 292 -7.81 36.76 43.66
C ARG A 292 -7.31 35.45 44.22
N VAL A 293 -6.40 34.79 43.51
CA VAL A 293 -5.87 33.48 43.87
C VAL A 293 -4.35 33.59 43.79
N THR A 294 -3.69 33.80 44.94
CA THR A 294 -2.24 33.84 44.97
C THR A 294 -1.64 32.56 45.54
N ASN A 295 -2.47 31.62 45.91
CA ASN A 295 -2.01 30.26 46.11
C ASN A 295 -3.17 29.34 45.74
N PRO A 296 -3.02 28.53 44.69
CA PRO A 296 -4.15 27.69 44.27
C PRO A 296 -4.50 26.61 45.28
N PHE A 297 -3.57 26.25 46.16
CA PHE A 297 -3.84 25.24 47.16
C PHE A 297 -4.39 25.81 48.46
N LEU A 298 -4.72 27.11 48.49
CA LEU A 298 -5.60 27.65 49.51
C LEU A 298 -7.01 27.68 48.96
N THR A 299 -7.99 27.30 49.79
CA THR A 299 -9.39 27.35 49.38
C THR A 299 -9.76 28.76 48.93
N GLU A 300 -10.94 28.90 48.31
CA GLU A 300 -11.29 30.17 47.66
C GLU A 300 -11.63 31.29 48.66
N GLY A 301 -11.27 32.50 48.25
CA GLY A 301 -11.34 33.64 49.09
C GLY A 301 -10.05 33.93 49.82
N GLU A 302 -9.28 32.89 50.15
CA GLU A 302 -8.07 33.06 50.96
C GLU A 302 -6.82 33.29 50.10
N GLY A 303 -5.81 33.87 50.74
CA GLY A 303 -4.60 34.29 50.05
C GLY A 303 -4.85 35.27 48.93
N GLU A 304 -5.91 36.07 49.01
CA GLU A 304 -6.35 36.96 47.93
C GLU A 304 -5.87 38.39 48.18
N TYR A 305 -4.84 38.82 47.45
CA TYR A 305 -4.22 40.13 47.66
C TYR A 305 -5.11 41.24 47.11
N ASN A 306 -5.71 42.02 48.01
CA ASN A 306 -6.56 43.12 47.57
C ASN A 306 -5.76 44.32 47.07
N GLY A 307 -4.57 44.57 47.61
CA GLY A 307 -3.84 45.80 47.32
C GLY A 307 -3.21 45.86 45.96
N GLY A 308 -3.82 45.21 44.96
CA GLY A 308 -3.25 45.17 43.63
C GLY A 308 -4.20 44.65 42.58
N SER A 309 -4.15 45.25 41.40
CA SER A 309 -5.04 44.85 40.32
C SER A 309 -4.24 44.66 39.05
N ASN A 310 -4.73 43.72 38.22
CA ASN A 310 -4.14 43.39 36.94
C ASN A 310 -4.53 44.34 35.83
N LYS A 311 -5.29 45.38 36.15
CA LYS A 311 -5.80 46.27 35.12
C LYS A 311 -4.64 46.91 34.36
N PHE A 312 -3.48 47.08 35.02
CA PHE A 312 -2.37 47.78 34.40
C PHE A 312 -1.93 47.07 33.12
N ALA A 313 -2.20 45.77 33.02
CA ALA A 313 -1.91 45.03 31.80
C ALA A 313 -2.52 45.71 30.59
N TYR A 314 -3.82 46.03 30.70
CA TYR A 314 -4.62 46.50 29.57
C TYR A 314 -4.12 47.83 29.03
N SER A 315 -3.54 48.67 29.89
CA SER A 315 -2.98 49.92 29.36
C SER A 315 -1.71 49.70 28.56
N ILE A 316 -1.12 48.50 28.65
CA ILE A 316 0.14 48.19 27.99
C ILE A 316 -0.10 47.27 26.81
N TRP A 317 -0.18 45.97 27.11
CA TRP A 317 -0.50 44.90 26.15
C TRP A 317 -1.91 45.07 25.59
N LYS A 318 -2.04 45.12 24.28
CA LYS A 318 -3.32 45.45 23.69
C LYS A 318 -4.07 44.24 23.13
N GLY A 319 -3.50 43.04 23.23
CA GLY A 319 -4.13 41.86 22.69
C GLY A 319 -4.99 41.16 23.72
N PRO A 320 -5.50 39.98 23.38
CA PRO A 320 -6.35 39.24 24.30
C PRO A 320 -5.68 38.98 25.64
N ILE A 321 -6.53 38.83 26.65
CA ILE A 321 -6.11 38.67 28.04
C ILE A 321 -6.97 37.62 28.68
N ILE A 322 -6.39 36.48 29.01
CA ILE A 322 -7.02 35.45 29.83
C ILE A 322 -6.76 35.75 31.30
N ARG A 323 -7.82 35.69 32.11
CA ARG A 323 -7.77 35.96 33.53
C ARG A 323 -8.35 34.75 34.24
N ALA A 324 -7.56 34.18 35.12
CA ALA A 324 -7.96 33.01 35.87
C ALA A 324 -7.87 33.34 37.34
N GLY A 325 -8.87 32.88 38.09
CA GLY A 325 -8.82 32.91 39.54
C GLY A 325 -10.15 33.13 40.22
N ASN A 326 -10.66 32.12 40.94
CA ASN A 326 -11.81 32.30 41.84
C ASN A 326 -13.03 32.84 41.11
N PHE A 327 -13.11 32.64 39.80
CA PHE A 327 -14.19 33.17 38.99
C PHE A 327 -15.39 32.24 38.93
N ALA A 328 -15.22 30.98 39.34
CA ALA A 328 -16.33 30.04 39.35
C ALA A 328 -17.44 30.52 40.27
N LEU A 329 -17.09 30.82 41.53
CA LEU A 329 -18.04 31.13 42.58
C LEU A 329 -18.49 32.58 42.57
N HIS A 330 -18.24 33.34 41.49
CA HIS A 330 -18.48 34.79 41.47
C HIS A 330 -18.89 35.23 40.08
N PRO A 331 -20.08 34.83 39.64
CA PRO A 331 -20.50 35.22 38.28
C PRO A 331 -20.69 36.71 38.16
N GLU A 332 -21.03 37.39 39.26
CA GLU A 332 -21.14 38.85 39.25
C GLU A 332 -19.81 39.53 38.96
N VAL A 333 -18.69 38.91 39.34
CA VAL A 333 -17.39 39.48 39.01
C VAL A 333 -17.08 39.25 37.54
N VAL A 334 -17.43 38.06 37.05
CA VAL A 334 -17.17 37.71 35.67
C VAL A 334 -18.04 38.56 34.76
N ARG A 335 -19.29 38.82 35.15
CA ARG A 335 -20.18 39.58 34.28
C ARG A 335 -19.61 40.96 34.01
N GLU A 336 -18.96 41.55 35.00
CA GLU A 336 -18.33 42.83 34.76
C GLU A 336 -17.06 42.68 33.96
N GLU A 337 -16.16 41.79 34.39
CA GLU A 337 -14.86 41.69 33.76
C GLU A 337 -14.95 41.34 32.28
N VAL A 338 -16.03 40.71 31.83
CA VAL A 338 -16.14 40.31 30.43
C VAL A 338 -16.72 41.42 29.57
N LYS A 339 -17.13 42.55 30.16
CA LYS A 339 -17.61 43.67 29.37
C LYS A 339 -16.52 44.18 28.44
N ASP A 340 -15.26 44.10 28.88
CA ASP A 340 -14.13 44.40 28.02
C ASP A 340 -14.02 43.36 26.91
N PRO A 341 -13.94 43.79 25.64
CA PRO A 341 -14.16 42.87 24.52
C PRO A 341 -12.97 41.98 24.14
N ARG A 342 -11.84 42.05 24.85
CA ARG A 342 -10.72 41.12 24.64
C ARG A 342 -10.37 40.33 25.90
N THR A 343 -11.25 40.35 26.89
CA THR A 343 -11.09 39.57 28.11
C THR A 343 -11.67 38.17 27.92
N LEU A 344 -10.95 37.17 28.38
CA LEU A 344 -11.44 35.81 28.47
C LEU A 344 -11.25 35.35 29.91
N ILE A 345 -12.12 34.49 30.41
CA ILE A 345 -12.07 34.07 31.80
C ILE A 345 -11.54 32.65 31.88
N GLY A 346 -10.60 32.44 32.79
CA GLY A 346 -10.04 31.12 33.03
C GLY A 346 -10.74 30.51 34.24
N TYR A 347 -11.18 29.29 34.08
CA TYR A 347 -11.85 28.56 35.16
C TYR A 347 -11.02 27.35 35.53
N GLY A 348 -10.47 27.35 36.73
CA GLY A 348 -9.51 26.33 37.09
C GLY A 348 -10.13 25.19 37.83
N ARG A 349 -10.15 25.28 39.16
CA ARG A 349 -10.58 24.15 39.98
C ARG A 349 -11.98 23.67 39.59
N PHE A 350 -12.91 24.57 39.37
CA PHE A 350 -14.24 24.13 39.04
C PHE A 350 -14.40 23.68 37.59
N PHE A 351 -13.33 23.64 36.80
CA PHE A 351 -13.45 22.88 35.58
C PHE A 351 -13.00 21.43 35.83
N ILE A 352 -12.31 21.18 36.95
CA ILE A 352 -11.97 19.82 37.37
C ILE A 352 -13.21 19.03 37.70
N SER A 353 -14.15 19.66 38.38
CA SER A 353 -15.34 18.96 38.85
C SER A 353 -16.51 18.96 37.87
N ASN A 354 -16.56 19.90 36.93
CA ASN A 354 -17.70 20.05 36.02
C ASN A 354 -17.27 19.92 34.57
N PRO A 355 -17.22 18.70 34.01
CA PRO A 355 -16.84 18.60 32.58
C PRO A 355 -17.75 19.42 31.67
N ASP A 356 -19.02 19.56 32.02
CA ASP A 356 -19.88 20.50 31.31
C ASP A 356 -19.89 21.86 31.99
N LEU A 357 -18.74 22.41 32.37
CA LEU A 357 -18.80 23.67 33.10
C LEU A 357 -19.32 24.79 32.21
N VAL A 358 -19.12 24.68 30.90
CA VAL A 358 -19.58 25.75 30.02
C VAL A 358 -21.12 25.78 29.99
N ASP A 359 -21.81 24.63 30.03
CA ASP A 359 -23.26 24.69 30.13
C ASP A 359 -23.69 25.34 31.43
N ARG A 360 -23.18 24.82 32.54
CA ARG A 360 -23.58 25.32 33.86
C ARG A 360 -23.39 26.83 33.97
N LEU A 361 -22.45 27.39 33.21
CA LEU A 361 -22.28 28.83 33.22
C LEU A 361 -23.31 29.52 32.32
N GLU A 362 -23.62 28.96 31.16
CA GLU A 362 -24.63 29.58 30.33
C GLU A 362 -26.00 29.51 30.98
N LYS A 363 -26.29 28.37 31.62
CA LYS A 363 -27.63 28.09 32.12
C LYS A 363 -27.79 28.41 33.61
N GLY A 364 -26.74 28.93 34.25
CA GLY A 364 -26.79 29.25 35.66
C GLY A 364 -26.94 28.06 36.57
N LEU A 365 -26.59 26.86 36.10
CA LEU A 365 -26.81 25.67 36.89
C LEU A 365 -25.76 25.55 37.99
N PRO A 366 -26.04 24.75 39.02
CA PRO A 366 -25.08 24.60 40.12
C PRO A 366 -23.82 23.87 39.68
N LEU A 367 -22.76 24.05 40.45
CA LEU A 367 -21.49 23.44 40.12
C LEU A 367 -21.19 22.27 41.04
N ASN A 368 -20.61 21.23 40.47
CA ASN A 368 -20.19 20.09 41.27
C ASN A 368 -19.19 20.59 42.32
N LYS A 369 -19.41 20.21 43.58
CA LYS A 369 -18.34 20.33 44.55
C LYS A 369 -17.15 19.50 44.05
N TYR A 370 -15.94 19.91 44.41
CA TYR A 370 -14.72 19.27 43.92
C TYR A 370 -13.94 18.63 45.07
N ASP A 371 -13.18 17.56 44.77
CA ASP A 371 -12.46 16.81 45.79
C ASP A 371 -10.98 17.15 45.78
N ARG A 372 -10.54 17.91 46.78
CA ARG A 372 -9.14 18.36 46.87
C ARG A 372 -8.17 17.19 46.88
N ASP A 373 -8.60 16.03 47.38
CA ASP A 373 -7.71 14.91 47.65
C ASP A 373 -7.43 14.05 46.44
N THR A 374 -8.23 14.19 45.38
CA THR A 374 -7.96 13.52 44.10
C THR A 374 -7.41 14.48 43.05
N PHE A 375 -7.05 15.70 43.44
CA PHE A 375 -6.32 16.59 42.55
C PHE A 375 -5.08 15.90 42.00
N TYR A 376 -4.23 15.43 42.91
CA TYR A 376 -2.92 14.85 42.60
C TYR A 376 -2.93 13.36 42.95
N LYS A 377 -3.54 12.54 42.11
CA LYS A 377 -3.72 11.15 42.52
C LYS A 377 -3.77 10.20 41.33
N MET A 378 -3.04 9.10 41.43
CA MET A 378 -3.09 8.11 40.37
C MET A 378 -4.35 7.29 40.55
N SER A 379 -5.47 7.86 40.05
CA SER A 379 -6.77 7.21 40.10
C SER A 379 -7.67 7.86 39.04
N ALA A 380 -8.69 7.11 38.60
CA ALA A 380 -9.68 7.68 37.70
C ALA A 380 -10.72 8.47 38.47
N GLU A 381 -10.92 8.13 39.74
CA GLU A 381 -11.81 8.90 40.57
C GLU A 381 -11.24 10.29 40.76
N GLY A 382 -12.12 11.28 40.83
CA GLY A 382 -11.67 12.66 40.92
C GLY A 382 -11.00 13.16 39.66
N TYR A 383 -11.05 12.33 38.62
CA TYR A 383 -10.44 12.66 37.34
C TYR A 383 -11.50 12.69 36.23
N ILE A 384 -12.15 11.58 35.94
CA ILE A 384 -13.14 11.52 34.86
C ILE A 384 -14.52 11.12 35.33
N ASP A 385 -14.68 10.66 36.59
CA ASP A 385 -15.97 10.29 37.17
C ASP A 385 -16.72 11.46 37.80
N TYR A 386 -16.54 12.66 37.27
CA TYR A 386 -17.29 13.82 37.71
C TYR A 386 -18.51 13.97 36.79
N PRO A 387 -19.72 13.84 37.31
CA PRO A 387 -20.90 13.83 36.43
C PRO A 387 -21.16 15.17 35.76
N THR A 388 -21.74 15.10 34.56
CA THR A 388 -22.40 16.28 34.02
C THR A 388 -23.70 16.54 34.79
N TYR A 389 -24.32 17.68 34.53
CA TYR A 389 -25.57 17.97 35.24
C TYR A 389 -26.65 16.94 34.97
N GLU A 390 -26.80 16.48 33.71
CA GLU A 390 -27.80 15.45 33.43
C GLU A 390 -27.56 14.21 34.30
N GLU A 391 -26.30 13.85 34.46
CA GLU A 391 -25.89 12.62 35.13
C GLU A 391 -26.02 12.76 36.65
N ALA A 392 -25.77 13.95 37.20
CA ALA A 392 -25.76 14.14 38.65
C ALA A 392 -27.17 14.09 39.25
N LEU A 393 -28.12 14.77 38.60
CA LEU A 393 -29.52 14.60 38.96
C LEU A 393 -29.91 13.13 38.91
N LYS A 394 -29.64 12.46 37.76
CA LYS A 394 -29.84 11.02 37.58
C LYS A 394 -29.11 10.17 38.63
N LEU A 395 -28.38 10.79 39.55
CA LEU A 395 -27.88 10.14 40.76
C LEU A 395 -28.70 10.66 41.95
N PRO B 2 5.11 39.21 -23.63
CA PRO B 2 3.84 39.87 -23.93
C PRO B 2 2.66 39.01 -23.45
N PHE B 3 1.53 39.12 -24.13
CA PHE B 3 0.38 38.28 -23.80
C PHE B 3 0.35 37.02 -24.70
N VAL B 4 -0.67 36.20 -24.50
CA VAL B 4 -0.93 35.06 -25.38
C VAL B 4 -1.84 35.50 -26.52
N LYS B 5 -1.38 35.32 -27.75
CA LYS B 5 -2.00 35.96 -28.90
C LYS B 5 -3.28 35.29 -29.37
N ASP B 6 -3.41 33.97 -29.19
CA ASP B 6 -4.47 33.22 -29.81
C ASP B 6 -5.62 32.95 -28.86
N PHE B 7 -5.60 33.56 -27.69
CA PHE B 7 -6.46 33.15 -26.59
C PHE B 7 -7.64 34.09 -26.46
N LYS B 8 -8.84 33.53 -26.60
CA LYS B 8 -10.04 34.28 -26.25
C LYS B 8 -10.33 33.98 -24.79
N PRO B 9 -9.95 34.85 -23.85
CA PRO B 9 -10.18 34.57 -22.43
C PRO B 9 -11.65 34.34 -22.13
N GLN B 10 -11.96 33.82 -20.95
CA GLN B 10 -13.36 33.72 -20.61
C GLN B 10 -13.51 33.89 -19.11
N ALA B 11 -14.27 34.92 -18.72
CA ALA B 11 -14.51 35.20 -17.32
C ALA B 11 -15.14 34.01 -16.63
N LEU B 12 -14.78 33.82 -15.37
CA LEU B 12 -15.11 32.61 -14.65
C LEU B 12 -15.67 32.89 -13.26
N GLY B 13 -15.79 34.16 -12.87
CA GLY B 13 -16.22 34.47 -11.51
C GLY B 13 -17.56 33.83 -11.16
N ASP B 14 -18.50 33.85 -12.10
CA ASP B 14 -19.86 33.38 -11.83
C ASP B 14 -19.92 31.94 -11.38
N THR B 15 -18.85 31.17 -11.63
CA THR B 15 -18.82 29.72 -11.46
C THR B 15 -18.47 29.33 -10.02
N ASN B 16 -18.38 28.01 -9.79
CA ASN B 16 -17.91 27.47 -8.51
C ASN B 16 -16.41 27.62 -8.29
N LEU B 17 -15.65 27.99 -9.32
CA LEU B 17 -14.24 28.30 -9.14
C LEU B 17 -14.02 29.47 -8.21
N PHE B 18 -15.05 30.30 -8.00
CA PHE B 18 -14.95 31.41 -7.05
C PHE B 18 -15.90 31.27 -5.87
N LYS B 19 -16.51 30.10 -5.69
CA LYS B 19 -17.26 29.87 -4.44
C LYS B 19 -16.28 29.36 -3.38
N PRO B 20 -16.39 29.71 -2.11
CA PRO B 20 -15.38 29.24 -1.14
C PRO B 20 -15.59 27.76 -0.83
N ILE B 21 -14.63 27.18 -0.09
CA ILE B 21 -14.64 25.76 0.21
C ILE B 21 -13.60 25.46 1.29
N LYS B 22 -13.86 24.46 2.12
CA LYS B 22 -12.93 24.11 3.18
C LYS B 22 -12.17 22.87 2.75
N ILE B 23 -10.85 22.94 2.84
CA ILE B 23 -9.92 21.90 2.40
C ILE B 23 -8.98 21.70 3.57
N GLY B 24 -9.20 20.65 4.35
CA GLY B 24 -8.43 20.49 5.58
C GLY B 24 -8.80 21.56 6.62
N ASN B 25 -7.78 22.19 7.20
CA ASN B 25 -7.98 23.31 8.10
C ASN B 25 -8.05 24.68 7.42
N ASN B 26 -8.09 24.74 6.09
CA ASN B 26 -8.04 26.02 5.39
C ASN B 26 -9.35 26.34 4.70
N GLU B 27 -9.77 27.60 4.81
CA GLU B 27 -11.04 28.06 4.26
C GLU B 27 -10.65 28.83 3.01
N LEU B 28 -10.52 28.12 1.90
CA LEU B 28 -10.25 28.75 0.62
C LEU B 28 -11.38 29.69 0.23
N LEU B 29 -11.02 30.77 -0.46
CA LEU B 29 -11.96 31.76 -0.93
C LEU B 29 -12.27 31.61 -2.40
N HIS B 30 -11.36 30.96 -3.14
CA HIS B 30 -11.49 30.57 -4.54
C HIS B 30 -10.75 29.26 -4.72
N ARG B 31 -11.16 28.49 -5.75
CA ARG B 31 -10.73 27.10 -5.93
C ARG B 31 -9.63 26.93 -6.98
N ALA B 32 -9.08 28.01 -7.50
CA ALA B 32 -7.85 27.93 -8.26
C ALA B 32 -6.71 27.62 -7.30
N VAL B 33 -6.03 26.49 -7.52
CA VAL B 33 -4.94 26.01 -6.66
C VAL B 33 -3.65 26.12 -7.43
N ILE B 34 -2.56 26.50 -6.76
CA ILE B 34 -1.23 26.44 -7.34
C ILE B 34 -0.67 25.04 -7.10
N PRO B 35 -0.44 24.24 -8.14
CA PRO B 35 0.17 22.93 -7.96
C PRO B 35 1.65 23.03 -7.68
N PRO B 36 2.26 21.94 -7.22
CA PRO B 36 3.70 21.98 -6.93
C PRO B 36 4.50 22.21 -8.20
N LEU B 37 5.11 23.40 -8.29
CA LEU B 37 5.89 23.79 -9.46
C LEU B 37 7.37 23.91 -9.08
N THR B 38 8.17 22.89 -9.43
CA THR B 38 9.61 22.86 -9.13
C THR B 38 10.36 23.89 -9.98
N ARG B 39 11.08 24.81 -9.33
CA ARG B 39 11.65 25.98 -9.99
C ARG B 39 13.17 26.08 -9.95
N MET B 40 13.86 25.17 -9.25
CA MET B 40 15.33 25.06 -9.32
C MET B 40 16.03 26.38 -9.00
N ARG B 41 15.47 27.14 -8.06
CA ARG B 41 16.14 28.28 -7.46
C ARG B 41 16.71 27.98 -6.10
N ALA B 42 16.72 26.73 -5.68
CA ALA B 42 17.28 26.37 -4.39
C ALA B 42 18.80 26.40 -4.46
N GLN B 43 19.41 26.65 -3.31
CA GLN B 43 20.81 27.01 -3.21
C GLN B 43 21.69 25.83 -2.84
N HIS B 44 22.76 25.66 -3.60
CA HIS B 44 23.70 24.61 -3.28
C HIS B 44 24.92 25.25 -2.62
N PRO B 45 25.53 24.59 -1.65
CA PRO B 45 25.20 23.29 -1.07
C PRO B 45 24.10 23.39 -0.04
N GLY B 46 23.51 22.27 0.35
CA GLY B 46 22.54 22.25 1.42
C GLY B 46 21.08 22.40 1.04
N ASN B 47 20.76 22.52 -0.26
CA ASN B 47 19.38 22.44 -0.72
C ASN B 47 18.51 23.41 0.04
N ILE B 48 18.95 24.66 0.06
CA ILE B 48 18.29 25.75 0.79
C ILE B 48 17.36 26.44 -0.17
N PRO B 49 16.12 26.76 0.22
CA PRO B 49 15.30 27.65 -0.61
C PRO B 49 16.02 28.96 -0.84
N ASN B 50 15.56 29.70 -1.83
CA ASN B 50 16.31 30.88 -2.27
C ASN B 50 16.20 32.03 -1.29
N ARG B 51 17.30 32.30 -0.57
CA ARG B 51 17.34 33.43 0.34
C ARG B 51 17.25 34.76 -0.37
N ASP B 52 17.42 34.81 -1.68
CA ASP B 52 17.25 36.09 -2.36
C ASP B 52 15.83 36.29 -2.87
N TRP B 53 15.29 35.30 -3.60
CA TRP B 53 14.09 35.49 -4.38
C TRP B 53 12.88 34.74 -3.86
N ALA B 54 13.08 33.69 -3.03
CA ALA B 54 12.03 32.69 -2.88
C ALA B 54 10.82 33.25 -2.15
N VAL B 55 11.03 34.12 -1.16
CA VAL B 55 9.88 34.71 -0.48
C VAL B 55 9.11 35.65 -1.40
N GLU B 56 9.82 36.52 -2.13
CA GLU B 56 9.15 37.38 -3.10
C GLU B 56 8.31 36.56 -4.06
N TYR B 57 8.83 35.39 -4.48
CA TYR B 57 8.14 34.50 -5.42
C TYR B 57 6.82 33.95 -4.88
N TYR B 58 6.83 33.39 -3.68
CA TYR B 58 5.64 32.74 -3.12
C TYR B 58 4.63 33.77 -2.66
N ALA B 59 5.12 34.85 -2.04
CA ALA B 59 4.26 35.96 -1.64
C ALA B 59 3.60 36.61 -2.85
N GLN B 60 4.31 36.66 -3.98
CA GLN B 60 3.70 37.20 -5.19
C GLN B 60 2.43 36.43 -5.57
N ARG B 61 2.48 35.11 -5.49
CA ARG B 61 1.38 34.35 -6.05
C ARG B 61 0.34 34.04 -5.00
N ALA B 62 0.62 34.37 -3.75
CA ALA B 62 -0.40 34.32 -2.72
C ALA B 62 -1.34 35.50 -2.78
N GLN B 63 -1.05 36.50 -3.61
CA GLN B 63 -1.65 37.82 -3.43
C GLN B 63 -3.17 37.74 -3.33
N ARG B 64 -3.80 36.80 -4.04
CA ARG B 64 -5.24 36.66 -3.98
C ARG B 64 -5.65 35.82 -2.79
N PRO B 65 -6.17 36.44 -1.72
CA PRO B 65 -6.40 35.71 -0.47
C PRO B 65 -7.42 34.61 -0.65
N GLY B 66 -7.21 33.53 0.10
CA GLY B 66 -7.93 32.28 -0.07
C GLY B 66 -7.32 31.34 -1.07
N THR B 67 -6.09 31.59 -1.52
CA THR B 67 -5.41 30.76 -2.49
C THR B 67 -4.81 29.53 -1.80
N LEU B 68 -4.95 28.38 -2.45
CA LEU B 68 -4.22 27.17 -2.04
C LEU B 68 -2.89 27.13 -2.78
N ILE B 69 -1.79 27.19 -2.04
CA ILE B 69 -0.47 27.08 -2.62
C ILE B 69 0.19 25.80 -2.10
N ILE B 70 0.59 24.95 -3.05
CA ILE B 70 1.35 23.72 -2.82
C ILE B 70 2.76 24.00 -3.30
N THR B 71 3.73 23.88 -2.40
CA THR B 71 5.12 24.19 -2.68
C THR B 71 5.68 23.25 -3.75
N GLU B 72 6.77 23.71 -4.40
CA GLU B 72 7.60 22.85 -5.22
C GLU B 72 7.93 21.54 -4.51
N GLY B 73 8.39 20.53 -5.25
CA GLY B 73 8.75 19.28 -4.60
C GLY B 73 9.87 19.52 -3.61
N THR B 74 9.81 18.81 -2.48
CA THR B 74 10.76 19.07 -1.40
C THR B 74 11.23 17.77 -0.75
N PHE B 75 12.56 17.64 -0.59
CA PHE B 75 13.20 16.38 -0.17
C PHE B 75 13.08 16.18 1.34
N PRO B 76 12.37 15.14 1.81
CA PRO B 76 12.34 14.84 3.24
C PRO B 76 13.69 14.51 3.83
N SER B 77 14.63 14.02 3.03
CA SER B 77 15.97 13.67 3.51
C SER B 77 16.92 13.84 2.34
N PRO B 78 18.24 13.74 2.60
CA PRO B 78 19.18 13.69 1.45
C PRO B 78 19.03 12.44 0.61
N GLN B 79 18.67 11.30 1.21
CA GLN B 79 18.51 10.08 0.43
C GLN B 79 17.34 10.20 -0.53
N SER B 80 16.33 10.95 -0.15
CA SER B 80 15.22 11.27 -1.03
C SER B 80 15.64 12.11 -2.22
N GLY B 81 16.80 12.77 -2.13
CA GLY B 81 17.14 13.87 -3.00
C GLY B 81 17.86 13.39 -4.24
N GLY B 82 18.81 14.19 -4.70
CA GLY B 82 19.47 13.92 -5.97
C GLY B 82 19.64 15.12 -6.88
N TYR B 83 18.69 16.05 -6.91
CA TYR B 83 18.84 17.31 -7.63
C TYR B 83 19.49 18.35 -6.70
N ASP B 84 20.45 19.09 -7.23
CA ASP B 84 21.21 19.99 -6.34
C ASP B 84 20.43 21.25 -6.02
N ASN B 85 19.70 21.79 -7.00
CA ASN B 85 18.94 23.03 -6.81
C ASN B 85 17.46 22.76 -6.56
N ALA B 86 17.17 21.77 -5.73
CA ALA B 86 15.82 21.58 -5.24
C ALA B 86 15.84 21.68 -3.72
N PRO B 87 14.86 22.36 -3.12
CA PRO B 87 14.84 22.52 -1.66
C PRO B 87 14.53 21.24 -0.89
N GLY B 88 15.18 21.13 0.27
CA GLY B 88 14.88 20.08 1.22
C GLY B 88 14.26 20.67 2.49
N ILE B 89 13.80 19.78 3.35
CA ILE B 89 13.17 20.27 4.57
C ILE B 89 13.63 19.38 5.72
N TRP B 90 14.88 18.91 5.66
CA TRP B 90 15.36 18.05 6.73
C TRP B 90 16.26 18.78 7.73
N SER B 91 16.97 19.82 7.31
CA SER B 91 17.91 20.54 8.15
C SER B 91 17.29 21.81 8.71
N GLU B 92 17.84 22.25 9.84
CA GLU B 92 17.49 23.54 10.41
C GLU B 92 17.66 24.66 9.38
N GLU B 93 18.74 24.61 8.58
CA GLU B 93 19.00 25.66 7.59
C GLU B 93 17.86 25.82 6.60
N GLN B 94 17.18 24.75 6.28
CA GLN B 94 16.16 24.86 5.26
C GLN B 94 14.87 25.38 5.88
N ILE B 95 14.55 24.86 7.06
CA ILE B 95 13.32 25.20 7.75
C ILE B 95 13.26 26.69 8.02
N LYS B 96 14.41 27.28 8.38
CA LYS B 96 14.46 28.71 8.64
C LYS B 96 13.97 29.49 7.43
N GLU B 97 14.45 29.12 6.23
CA GLU B 97 14.00 29.81 5.02
C GLU B 97 12.53 29.53 4.78
N TRP B 98 12.09 28.29 5.03
CA TRP B 98 10.71 27.91 4.75
C TRP B 98 9.75 28.70 5.63
N THR B 99 10.09 28.86 6.90
CA THR B 99 9.21 29.64 7.77
C THR B 99 8.99 31.02 7.18
N LYS B 100 10.09 31.68 6.79
CA LYS B 100 10.04 32.97 6.08
C LYS B 100 9.12 32.89 4.88
N ILE B 101 8.96 31.71 4.29
CA ILE B 101 8.11 31.54 3.11
C ILE B 101 6.66 31.28 3.48
N PHE B 102 6.39 30.43 4.47
CA PHE B 102 5.03 30.32 4.97
C PHE B 102 4.54 31.66 5.48
N LYS B 103 5.38 32.35 6.27
CA LYS B 103 4.98 33.66 6.79
C LYS B 103 4.55 34.60 5.68
N ALA B 104 5.27 34.63 4.55
CA ALA B 104 4.86 35.48 3.45
C ALA B 104 3.51 35.04 2.86
N ILE B 105 3.36 33.72 2.63
CA ILE B 105 2.13 33.17 2.07
C ILE B 105 0.95 33.45 3.01
N HIS B 106 1.19 33.36 4.30
CA HIS B 106 0.13 33.59 5.26
C HIS B 106 -0.22 35.06 5.35
N GLU B 107 0.79 35.91 5.26
CA GLU B 107 0.55 37.34 5.36
C GLU B 107 -0.32 37.83 4.21
N ASN B 108 -0.16 37.25 3.04
CA ASN B 108 -1.11 37.50 1.96
C ASN B 108 -2.47 36.79 2.16
N LYS B 109 -2.71 36.22 3.36
CA LYS B 109 -3.98 35.57 3.74
C LYS B 109 -4.31 34.38 2.84
N SER B 110 -3.29 33.58 2.50
CA SER B 110 -3.39 32.37 1.68
C SER B 110 -2.77 31.19 2.43
N PHE B 111 -2.73 30.04 1.77
CA PHE B 111 -2.26 28.83 2.44
C PHE B 111 -1.08 28.19 1.73
N ALA B 112 -0.32 27.39 2.47
CA ALA B 112 0.88 26.78 1.94
C ALA B 112 0.92 25.33 2.39
N TRP B 113 1.05 24.41 1.43
CA TRP B 113 1.22 22.99 1.68
C TRP B 113 2.49 22.50 1.02
N VAL B 114 3.32 21.81 1.79
CA VAL B 114 4.59 21.31 1.27
C VAL B 114 4.35 19.96 0.60
N GLN B 115 4.84 19.82 -0.63
CA GLN B 115 4.90 18.52 -1.29
C GLN B 115 6.19 17.79 -0.93
N LEU B 116 6.05 16.62 -0.34
CA LEU B 116 7.19 15.83 0.04
C LEU B 116 7.57 14.93 -1.11
N TRP B 117 8.80 15.09 -1.58
CA TRP B 117 9.24 14.65 -2.91
C TRP B 117 10.46 13.74 -2.81
N VAL B 118 10.25 12.44 -2.96
CA VAL B 118 11.38 11.51 -3.02
C VAL B 118 11.54 11.10 -4.49
N LEU B 119 12.76 11.24 -5.00
CA LEU B 119 13.02 11.07 -6.43
C LEU B 119 12.91 9.63 -6.90
N GLY B 120 13.68 8.73 -6.26
CA GLY B 120 13.79 7.37 -6.76
C GLY B 120 14.75 7.31 -7.93
N TRP B 121 14.29 6.73 -9.04
CA TRP B 121 15.18 6.53 -10.18
C TRP B 121 15.33 7.78 -11.03
N ALA B 122 14.49 8.78 -10.81
CA ALA B 122 14.67 10.03 -11.53
C ALA B 122 15.75 10.90 -10.92
N ALA B 123 16.45 10.38 -9.90
CA ALA B 123 17.57 11.10 -9.34
C ALA B 123 18.76 11.02 -10.28
N PHE B 124 19.77 11.82 -10.00
CA PHE B 124 21.03 11.71 -10.73
C PHE B 124 22.00 10.80 -9.97
N PRO B 125 22.28 9.60 -10.48
CA PRO B 125 23.08 8.65 -9.70
C PRO B 125 24.50 9.14 -9.48
N ASP B 126 25.01 9.99 -10.38
CA ASP B 126 26.30 10.62 -10.09
C ASP B 126 26.19 11.60 -8.92
N THR B 127 25.12 12.39 -8.84
CA THR B 127 25.00 13.33 -7.74
C THR B 127 24.86 12.61 -6.40
N LEU B 128 24.06 11.54 -6.35
CA LEU B 128 23.89 10.81 -5.11
C LEU B 128 25.20 10.16 -4.71
N ALA B 129 25.87 9.53 -5.67
CA ALA B 129 27.15 8.91 -5.40
C ALA B 129 28.23 9.95 -5.04
N ARG B 130 28.19 11.17 -5.61
CA ARG B 130 29.06 12.22 -5.07
C ARG B 130 28.92 12.32 -3.57
N ASP B 131 27.68 12.20 -3.08
CA ASP B 131 27.36 12.43 -1.69
C ASP B 131 27.16 11.13 -0.91
N GLY B 132 27.63 10.01 -1.46
CA GLY B 132 27.56 8.73 -0.78
C GLY B 132 26.17 8.14 -0.64
N LEU B 133 25.18 8.68 -1.33
CA LEU B 133 23.81 8.20 -1.22
C LEU B 133 23.55 7.14 -2.27
N ARG B 134 22.64 6.23 -1.97
CA ARG B 134 22.24 5.22 -2.93
C ARG B 134 21.47 5.80 -4.09
N TYR B 135 21.21 4.96 -5.09
CA TYR B 135 20.36 5.29 -6.26
C TYR B 135 19.16 4.37 -6.12
N ASP B 136 18.06 4.84 -5.58
CA ASP B 136 17.05 3.88 -5.16
C ASP B 136 15.96 3.75 -6.19
N SER B 137 15.37 2.55 -6.26
CA SER B 137 14.08 2.40 -6.91
C SER B 137 13.45 1.09 -6.48
N ALA B 138 12.33 0.73 -7.12
CA ALA B 138 11.65 -0.50 -6.77
C ALA B 138 12.38 -1.72 -7.31
N SER B 139 12.66 -1.79 -8.61
CA SER B 139 13.52 -2.87 -9.05
C SER B 139 14.96 -2.44 -9.12
N ASP B 140 15.77 -3.44 -9.33
CA ASP B 140 17.19 -3.33 -9.59
C ASP B 140 17.61 -3.76 -11.00
N ASN B 141 16.76 -4.48 -11.73
CA ASN B 141 17.00 -4.62 -13.16
C ASN B 141 16.49 -3.42 -13.96
N VAL B 142 15.22 -3.06 -13.81
CA VAL B 142 14.60 -2.09 -14.72
C VAL B 142 15.09 -0.69 -14.40
N TYR B 143 15.47 0.05 -15.43
CA TYR B 143 16.02 1.38 -15.33
C TYR B 143 15.10 2.35 -16.02
N MET B 144 15.11 3.57 -15.52
CA MET B 144 14.26 4.60 -16.09
C MET B 144 14.53 4.76 -17.57
N ASN B 145 15.79 4.90 -17.95
CA ASN B 145 16.10 4.96 -19.36
C ASN B 145 17.58 4.68 -19.52
N ALA B 146 17.98 4.50 -20.79
CA ALA B 146 19.35 4.11 -21.10
C ALA B 146 20.35 5.12 -20.51
N GLU B 147 19.98 6.40 -20.55
CA GLU B 147 20.94 7.44 -20.17
C GLU B 147 21.14 7.51 -18.66
N GLN B 148 20.13 7.12 -17.89
CA GLN B 148 20.35 6.99 -16.46
C GLN B 148 21.23 5.79 -16.16
N GLU B 149 20.97 4.69 -16.85
CA GLU B 149 21.71 3.48 -16.58
C GLU B 149 23.20 3.72 -16.80
N GLU B 150 23.55 4.35 -17.94
CA GLU B 150 24.94 4.72 -18.18
C GLU B 150 25.48 5.59 -17.06
N LYS B 151 24.71 6.61 -16.67
CA LYS B 151 25.13 7.48 -15.58
C LYS B 151 25.39 6.67 -14.30
N ALA B 152 24.43 5.84 -13.93
CA ALA B 152 24.57 4.98 -12.75
C ALA B 152 25.87 4.17 -12.80
N LYS B 153 26.07 3.40 -13.87
CA LYS B 153 27.18 2.47 -13.91
C LYS B 153 28.51 3.18 -14.06
N LYS B 154 28.56 4.31 -14.78
CA LYS B 154 29.84 4.99 -14.92
C LYS B 154 30.25 5.60 -13.59
N ALA B 155 29.29 6.12 -12.81
CA ALA B 155 29.57 6.56 -11.45
C ALA B 155 29.30 5.46 -10.41
N ASN B 156 29.51 4.18 -10.79
CA ASN B 156 29.56 3.03 -9.87
C ASN B 156 28.41 3.00 -8.86
N ASN B 157 27.25 3.47 -9.27
CA ASN B 157 26.09 3.53 -8.42
C ASN B 157 24.97 2.78 -9.11
N PRO B 158 25.07 1.46 -9.15
CA PRO B 158 24.01 0.67 -9.78
C PRO B 158 22.69 0.89 -9.06
N GLN B 159 21.60 0.52 -9.72
CA GLN B 159 20.29 0.78 -9.14
C GLN B 159 20.00 -0.19 -8.01
N HIS B 160 19.54 0.36 -6.87
CA HIS B 160 19.39 -0.37 -5.61
C HIS B 160 17.90 -0.53 -5.36
N SER B 161 17.39 -1.73 -5.58
CA SER B 161 16.09 -2.13 -5.06
C SER B 161 16.19 -1.95 -3.55
N ILE B 162 15.39 -1.05 -2.99
CA ILE B 162 15.40 -0.84 -1.56
C ILE B 162 14.76 -2.04 -0.88
N THR B 163 15.35 -2.43 0.25
CA THR B 163 14.83 -3.47 1.13
C THR B 163 13.68 -2.92 1.97
N LYS B 164 13.01 -3.81 2.72
CA LYS B 164 11.87 -3.37 3.55
C LYS B 164 12.30 -2.34 4.58
N ASP B 165 13.44 -2.57 5.24
CA ASP B 165 13.95 -1.59 6.20
C ASP B 165 14.21 -0.26 5.54
N GLU B 166 14.88 -0.26 4.40
CA GLU B 166 15.06 1.00 3.70
C GLU B 166 13.72 1.64 3.34
N ILE B 167 12.68 0.84 3.10
CA ILE B 167 11.35 1.40 2.90
C ILE B 167 10.87 2.05 4.19
N LYS B 168 11.02 1.35 5.32
CA LYS B 168 10.63 1.91 6.61
C LYS B 168 11.35 3.24 6.87
N GLN B 169 12.67 3.22 6.76
CA GLN B 169 13.49 4.42 6.89
C GLN B 169 13.00 5.57 6.02
N TYR B 170 12.62 5.28 4.78
CA TYR B 170 12.01 6.31 3.94
C TYR B 170 10.71 6.82 4.56
N VAL B 171 9.85 5.92 5.03
CA VAL B 171 8.61 6.35 5.67
C VAL B 171 8.93 7.17 6.90
N LYS B 172 9.79 6.64 7.78
CA LYS B 172 10.37 7.50 8.81
C LYS B 172 10.73 8.88 8.27
N GLU B 173 11.59 8.98 7.27
CA GLU B 173 11.98 10.28 6.76
C GLU B 173 10.81 11.10 6.20
N TYR B 174 9.71 10.46 5.80
CA TYR B 174 8.51 11.19 5.38
C TYR B 174 7.80 11.85 6.57
N VAL B 175 7.39 11.04 7.54
CA VAL B 175 6.81 11.54 8.79
C VAL B 175 7.60 12.73 9.30
N GLN B 176 8.89 12.49 9.59
CA GLN B 176 9.77 13.52 10.11
C GLN B 176 9.76 14.80 9.29
N ALA B 177 9.78 14.69 7.96
CA ALA B 177 9.72 15.91 7.16
C ALA B 177 8.34 16.53 7.18
N ALA B 178 7.31 15.71 7.33
CA ALA B 178 5.97 16.25 7.45
C ALA B 178 5.84 17.04 8.76
N LYS B 179 6.28 16.43 9.87
CA LYS B 179 6.33 17.12 11.15
C LYS B 179 7.01 18.47 11.01
N ASN B 180 8.20 18.48 10.38
CA ASN B 180 8.96 19.72 10.19
C ASN B 180 8.23 20.76 9.39
N SER B 181 7.35 20.35 8.47
CA SER B 181 6.60 21.36 7.73
C SER B 181 5.47 21.93 8.57
N ILE B 182 4.87 21.13 9.45
CA ILE B 182 3.80 21.69 10.28
C ILE B 182 4.39 22.58 11.36
N ALA B 183 5.54 22.19 11.93
CA ALA B 183 6.19 23.06 12.90
C ALA B 183 6.78 24.31 12.23
N ALA B 184 7.14 24.26 10.97
CA ALA B 184 7.55 25.53 10.40
C ALA B 184 6.34 26.41 10.06
N GLY B 185 5.14 25.87 10.14
CA GLY B 185 3.94 26.64 9.90
C GLY B 185 3.18 26.32 8.63
N ALA B 186 3.57 25.29 7.88
CA ALA B 186 2.82 24.91 6.69
C ALA B 186 1.44 24.43 7.11
N ASP B 187 0.43 24.75 6.28
CA ASP B 187 -0.93 24.32 6.57
C ASP B 187 -1.12 22.82 6.36
N GLY B 188 -0.34 22.19 5.51
CA GLY B 188 -0.31 20.74 5.44
C GLY B 188 0.85 20.27 4.60
N VAL B 189 0.85 18.94 4.33
CA VAL B 189 1.80 18.36 3.39
C VAL B 189 1.03 17.58 2.34
N GLU B 190 1.66 17.42 1.17
CA GLU B 190 1.13 16.64 0.07
C GLU B 190 2.09 15.52 -0.27
N ILE B 191 1.67 14.27 -0.06
CA ILE B 191 2.54 13.15 -0.46
C ILE B 191 2.54 13.02 -1.98
N HIS B 192 3.67 13.42 -2.59
CA HIS B 192 3.89 13.22 -4.00
C HIS B 192 4.05 11.73 -4.24
N SER B 193 3.19 11.21 -5.12
CA SER B 193 3.07 9.79 -5.43
C SER B 193 2.76 9.61 -6.91
N ALA B 194 3.38 10.43 -7.75
CA ALA B 194 2.91 10.61 -9.12
C ALA B 194 4.06 11.05 -10.00
N ASN B 195 3.79 11.14 -11.28
CA ASN B 195 4.79 11.54 -12.27
C ASN B 195 6.03 10.67 -12.18
N GLY B 196 5.86 9.41 -11.78
CA GLY B 196 6.97 8.50 -11.78
C GLY B 196 8.08 8.74 -10.78
N TYR B 197 7.80 9.36 -9.65
CA TYR B 197 8.82 9.37 -8.63
C TYR B 197 8.69 8.14 -7.74
N LEU B 198 9.45 8.10 -6.64
CA LEU B 198 9.71 6.84 -5.94
C LEU B 198 8.43 6.11 -5.61
N LEU B 199 7.44 6.80 -5.04
CA LEU B 199 6.18 6.11 -4.79
C LEU B 199 5.59 5.59 -6.09
N ASN B 200 5.44 6.47 -7.08
CA ASN B 200 4.85 6.05 -8.35
C ASN B 200 5.58 4.83 -8.92
N GLN B 201 6.91 4.78 -8.77
CA GLN B 201 7.68 3.65 -9.30
C GLN B 201 7.27 2.35 -8.64
N PHE B 202 6.96 2.37 -7.34
CA PHE B 202 6.43 1.20 -6.69
C PHE B 202 5.01 0.88 -7.14
N LEU B 203 4.22 1.90 -7.50
CA LEU B 203 2.81 1.70 -7.85
C LEU B 203 2.65 1.09 -9.23
N ASP B 204 3.49 1.51 -10.16
CA ASP B 204 3.38 1.22 -11.58
C ASP B 204 4.06 -0.11 -11.89
N PRO B 205 3.42 -1.01 -12.66
CA PRO B 205 3.98 -2.36 -12.82
C PRO B 205 5.21 -2.40 -13.72
N HIS B 206 5.38 -1.40 -14.59
CA HIS B 206 6.54 -1.37 -15.48
C HIS B 206 7.84 -1.09 -14.72
N SER B 207 7.76 -0.46 -13.56
CA SER B 207 8.94 -0.13 -12.81
C SER B 207 9.15 -1.05 -11.63
N ASN B 208 8.19 -1.92 -11.36
CA ASN B 208 8.15 -2.65 -10.12
C ASN B 208 8.12 -4.14 -10.43
N ASN B 209 9.30 -4.77 -10.38
CA ASN B 209 9.45 -6.21 -10.54
C ASN B 209 9.71 -6.91 -9.22
N ARG B 210 9.20 -6.40 -8.12
CA ARG B 210 9.59 -7.05 -6.87
C ARG B 210 8.82 -8.34 -6.68
N THR B 211 9.40 -9.23 -5.86
CA THR B 211 8.76 -10.51 -5.53
C THR B 211 8.33 -10.56 -4.07
N ASP B 212 8.44 -9.44 -3.36
CA ASP B 212 8.11 -9.40 -1.95
C ASP B 212 6.73 -8.73 -1.79
N GLU B 213 6.41 -8.36 -0.55
CA GLU B 213 5.10 -7.83 -0.22
C GLU B 213 4.87 -6.49 -0.86
N TYR B 214 5.90 -5.91 -1.47
CA TYR B 214 5.81 -4.63 -2.13
C TYR B 214 5.78 -4.76 -3.66
N GLY B 215 5.56 -5.96 -4.18
CA GLY B 215 5.41 -6.09 -5.62
C GLY B 215 4.55 -7.26 -6.01
N GLY B 216 4.07 -7.20 -7.25
CA GLY B 216 3.43 -8.32 -7.90
C GLY B 216 1.93 -8.35 -7.80
N SER B 217 1.30 -7.26 -7.37
CA SER B 217 -0.15 -7.24 -7.28
C SER B 217 -0.57 -5.80 -7.02
N ILE B 218 -1.81 -5.48 -7.38
CA ILE B 218 -2.33 -4.16 -7.08
C ILE B 218 -2.04 -3.85 -5.61
N GLU B 219 -2.40 -4.80 -4.73
CA GLU B 219 -2.33 -4.55 -3.30
C GLU B 219 -0.88 -4.34 -2.82
N ASN B 220 0.05 -5.11 -3.36
CA ASN B 220 1.43 -4.92 -2.94
C ASN B 220 2.04 -3.66 -3.50
N ARG B 221 1.68 -3.28 -4.72
CA ARG B 221 2.25 -2.08 -5.32
C ARG B 221 1.76 -0.83 -4.61
N ALA B 222 0.55 -0.87 -4.09
CA ALA B 222 0.04 0.23 -3.29
C ALA B 222 0.60 0.23 -1.88
N ARG B 223 1.22 -0.85 -1.42
CA ARG B 223 1.57 -0.93 -0.01
C ARG B 223 2.51 0.21 0.38
N PHE B 224 3.48 0.57 -0.48
CA PHE B 224 4.42 1.62 -0.07
C PHE B 224 3.71 2.97 0.02
N THR B 225 2.87 3.32 -0.95
CA THR B 225 2.20 4.61 -0.89
C THR B 225 1.21 4.69 0.29
N LEU B 226 0.36 3.69 0.45
CA LEU B 226 -0.54 3.66 1.60
C LEU B 226 0.25 3.64 2.90
N GLU B 227 1.47 3.11 2.88
CA GLU B 227 2.25 3.08 4.11
C GLU B 227 2.84 4.45 4.41
N VAL B 228 3.06 5.28 3.39
CA VAL B 228 3.49 6.65 3.62
C VAL B 228 2.33 7.49 4.14
N VAL B 229 1.18 7.36 3.48
CA VAL B 229 -0.02 8.08 3.87
C VAL B 229 -0.34 7.76 5.32
N ASP B 230 -0.32 6.48 5.66
CA ASP B 230 -0.74 6.08 6.99
C ASP B 230 0.12 6.74 8.06
N ALA B 231 1.44 6.64 7.93
CA ALA B 231 2.26 7.07 9.06
C ALA B 231 2.36 8.58 9.13
N VAL B 232 2.19 9.28 8.01
CA VAL B 232 2.12 10.74 8.04
C VAL B 232 0.79 11.21 8.63
N VAL B 233 -0.29 10.53 8.27
CA VAL B 233 -1.59 10.82 8.86
C VAL B 233 -1.58 10.54 10.35
N ASP B 234 -0.87 9.50 10.77
CA ASP B 234 -0.83 9.26 12.20
C ASP B 234 0.04 10.28 12.92
N ALA B 235 0.95 10.94 12.20
CA ALA B 235 1.84 11.90 12.85
C ALA B 235 1.16 13.27 12.97
N ILE B 236 0.73 13.82 11.85
CA ILE B 236 0.23 15.18 11.83
C ILE B 236 -1.27 15.21 11.57
N GLY B 237 -1.95 14.06 11.62
CA GLY B 237 -3.40 14.03 11.55
C GLY B 237 -3.96 14.27 10.16
N PRO B 238 -5.10 13.68 9.85
CA PRO B 238 -5.49 13.54 8.44
C PRO B 238 -5.80 14.85 7.71
N GLU B 239 -6.25 15.89 8.39
CA GLU B 239 -6.65 17.14 7.73
C GLU B 239 -5.46 17.99 7.29
N LYS B 240 -4.25 17.46 7.40
CA LYS B 240 -3.02 18.12 6.98
C LYS B 240 -2.27 17.29 5.93
N VAL B 241 -2.92 16.28 5.36
CA VAL B 241 -2.28 15.34 4.43
C VAL B 241 -3.08 15.31 3.12
N GLY B 242 -2.43 15.70 2.03
CA GLY B 242 -2.96 15.50 0.70
C GLY B 242 -2.10 14.52 -0.08
N LEU B 243 -2.63 13.95 -1.17
CA LEU B 243 -1.90 12.93 -1.92
C LEU B 243 -2.07 13.21 -3.41
N ARG B 244 -0.95 13.35 -4.11
CA ARG B 244 -0.95 13.59 -5.56
C ARG B 244 -0.72 12.29 -6.31
N LEU B 245 -1.63 11.99 -7.24
CA LEU B 245 -1.58 10.79 -8.06
C LEU B 245 -1.79 11.18 -9.51
N SER B 246 -1.10 10.48 -10.41
CA SER B 246 -1.08 10.83 -11.82
C SER B 246 -1.33 9.59 -12.68
N PRO B 247 -2.57 9.07 -12.66
CA PRO B 247 -2.80 7.71 -13.16
C PRO B 247 -2.32 7.48 -14.57
N TYR B 248 -2.71 8.34 -15.53
CA TYR B 248 -2.41 8.16 -16.94
C TYR B 248 -1.10 8.79 -17.38
N GLY B 249 -0.31 9.32 -16.44
CA GLY B 249 0.94 9.94 -16.80
C GLY B 249 2.00 8.90 -17.14
N VAL B 250 2.83 9.27 -18.11
CA VAL B 250 3.92 8.43 -18.57
C VAL B 250 5.28 9.05 -18.30
N PHE B 251 5.33 10.27 -17.78
CA PHE B 251 6.59 10.92 -17.45
C PHE B 251 7.38 10.04 -16.49
N ASN B 252 8.71 10.07 -16.65
CA ASN B 252 9.65 9.22 -15.90
C ASN B 252 9.38 7.72 -16.10
N SER B 253 8.93 7.36 -17.31
CA SER B 253 8.74 5.99 -17.76
C SER B 253 7.71 5.25 -16.92
N MET B 254 6.53 5.82 -16.82
CA MET B 254 5.43 5.13 -16.18
C MET B 254 4.48 4.60 -17.24
N SER B 255 3.75 3.54 -16.86
CA SER B 255 2.93 2.84 -17.85
C SER B 255 1.83 3.73 -18.42
N GLY B 256 1.19 4.55 -17.58
CA GLY B 256 0.09 5.34 -18.12
C GLY B 256 -0.98 4.47 -18.76
N GLY B 257 -1.72 5.08 -19.70
CA GLY B 257 -2.87 4.41 -20.26
C GLY B 257 -2.55 3.09 -20.91
N ALA B 258 -1.36 2.95 -21.50
CA ALA B 258 -0.98 1.74 -22.21
C ALA B 258 -1.06 0.51 -21.33
N GLU B 259 -1.12 0.68 -20.02
CA GLU B 259 -1.26 -0.44 -19.11
C GLU B 259 -2.74 -0.62 -18.83
N THR B 260 -3.28 -1.80 -19.14
CA THR B 260 -4.72 -2.03 -18.98
C THR B 260 -5.14 -2.02 -17.51
N GLY B 261 -4.37 -2.68 -16.66
CA GLY B 261 -4.76 -2.68 -15.26
C GLY B 261 -4.46 -1.41 -14.52
N ILE B 262 -4.01 -0.36 -15.23
CA ILE B 262 -3.61 0.89 -14.57
C ILE B 262 -4.76 1.49 -13.77
N VAL B 263 -5.96 1.47 -14.32
CA VAL B 263 -7.07 2.08 -13.59
C VAL B 263 -7.32 1.30 -12.32
N ALA B 264 -7.34 -0.02 -12.40
CA ALA B 264 -7.59 -0.81 -11.20
C ALA B 264 -6.50 -0.56 -10.16
N GLN B 265 -5.26 -0.37 -10.62
CA GLN B 265 -4.19 -0.04 -9.69
C GLN B 265 -4.48 1.25 -8.93
N TYR B 266 -4.88 2.31 -9.64
CA TYR B 266 -5.20 3.59 -8.98
C TYR B 266 -6.55 3.59 -8.30
N ALA B 267 -7.55 2.90 -8.84
CA ALA B 267 -8.80 2.83 -8.10
C ALA B 267 -8.57 2.23 -6.73
N TYR B 268 -7.73 1.20 -6.65
CA TYR B 268 -7.54 0.54 -5.37
C TYR B 268 -6.91 1.44 -4.33
N VAL B 269 -6.07 2.39 -4.71
CA VAL B 269 -5.62 3.35 -3.70
C VAL B 269 -6.78 4.23 -3.27
N LEU B 270 -7.48 4.83 -4.22
CA LEU B 270 -8.63 5.66 -3.86
C LEU B 270 -9.57 4.89 -2.95
N GLY B 271 -9.90 3.66 -3.34
CA GLY B 271 -10.72 2.81 -2.52
C GLY B 271 -10.20 2.59 -1.11
N GLU B 272 -8.89 2.77 -0.89
CA GLU B 272 -8.28 2.56 0.42
C GLU B 272 -8.18 3.86 1.21
N LEU B 273 -8.02 4.98 0.51
CA LEU B 273 -8.23 6.26 1.16
C LEU B 273 -9.69 6.41 1.59
N GLU B 274 -10.62 5.85 0.81
CA GLU B 274 -12.03 5.97 1.19
C GLU B 274 -12.35 5.06 2.36
N ARG B 275 -11.73 3.89 2.40
CA ARG B 275 -11.96 3.00 3.53
C ARG B 275 -11.53 3.66 4.83
N ARG B 276 -10.43 4.40 4.79
CA ARG B 276 -9.90 5.10 5.95
C ARG B 276 -10.71 6.34 6.28
N ALA B 277 -11.34 6.95 5.28
CA ALA B 277 -12.22 8.09 5.55
C ALA B 277 -13.48 7.64 6.26
N LYS B 278 -14.10 6.56 5.79
CA LYS B 278 -15.30 6.08 6.47
C LYS B 278 -14.99 5.65 7.88
N ALA B 279 -13.72 5.38 8.17
CA ALA B 279 -13.28 5.00 9.51
C ALA B 279 -12.84 6.18 10.37
N GLY B 280 -12.96 7.41 9.86
CA GLY B 280 -12.63 8.61 10.62
C GLY B 280 -11.38 9.38 10.21
N LYS B 281 -10.69 9.01 9.14
CA LYS B 281 -9.42 9.67 8.79
C LYS B 281 -9.45 9.99 7.29
N ARG B 282 -10.23 11.00 6.92
CA ARG B 282 -10.29 11.42 5.54
C ARG B 282 -9.14 12.37 5.24
N LEU B 283 -8.41 12.07 4.17
CA LEU B 283 -7.42 13.01 3.68
C LEU B 283 -8.07 14.33 3.31
N ALA B 284 -7.25 15.37 3.27
CA ALA B 284 -7.78 16.69 2.97
C ALA B 284 -8.08 16.85 1.49
N PHE B 285 -7.24 16.28 0.62
CA PHE B 285 -7.55 16.28 -0.80
C PHE B 285 -6.74 15.20 -1.50
N VAL B 286 -7.23 14.82 -2.67
CA VAL B 286 -6.57 13.93 -3.61
C VAL B 286 -6.24 14.75 -4.86
N HIS B 287 -4.96 14.84 -5.19
CA HIS B 287 -4.52 15.74 -6.24
C HIS B 287 -4.24 14.91 -7.49
N LEU B 288 -5.08 15.04 -8.49
CA LEU B 288 -4.98 14.22 -9.69
C LEU B 288 -4.45 15.04 -10.85
N VAL B 289 -3.35 14.59 -11.44
CA VAL B 289 -2.96 15.08 -12.75
C VAL B 289 -3.86 14.50 -13.83
N GLU B 290 -4.35 15.35 -14.73
CA GLU B 290 -5.22 14.96 -15.82
C GLU B 290 -4.44 14.33 -16.96
N PRO B 291 -5.07 13.44 -17.74
CA PRO B 291 -4.42 12.92 -18.94
C PRO B 291 -4.31 13.95 -20.05
N ARG B 292 -4.83 15.15 -19.85
CA ARG B 292 -4.61 16.26 -20.78
C ARG B 292 -3.12 16.58 -20.88
N VAL B 293 -2.39 16.43 -19.78
CA VAL B 293 -0.95 16.74 -19.69
C VAL B 293 -0.26 15.52 -19.09
N THR B 294 0.29 14.65 -19.95
CA THR B 294 1.03 13.46 -19.55
C THR B 294 2.54 13.62 -19.64
N ASN B 295 3.02 14.74 -20.17
CA ASN B 295 4.42 15.15 -20.05
C ASN B 295 4.38 16.66 -19.91
N PRO B 296 4.51 17.19 -18.68
CA PRO B 296 4.48 18.65 -18.49
C PRO B 296 5.66 19.37 -19.14
N PHE B 297 6.65 18.64 -19.66
CA PHE B 297 7.72 19.20 -20.46
C PHE B 297 7.32 19.38 -21.93
N LEU B 298 6.17 18.85 -22.34
CA LEU B 298 5.60 19.10 -23.66
C LEU B 298 4.63 20.27 -23.60
N THR B 299 4.57 21.08 -24.66
CA THR B 299 3.61 22.17 -24.69
C THR B 299 2.18 21.62 -24.75
N GLU B 300 1.22 22.51 -24.55
CA GLU B 300 -0.12 22.12 -24.11
C GLU B 300 -0.92 21.50 -25.26
N GLY B 301 -1.46 20.31 -25.02
CA GLY B 301 -2.13 19.58 -26.08
C GLY B 301 -1.30 18.39 -26.52
N GLU B 302 0.02 18.59 -26.62
CA GLU B 302 0.94 17.51 -26.96
C GLU B 302 1.16 16.61 -25.75
N GLY B 303 1.23 15.30 -26.00
CA GLY B 303 1.27 14.32 -24.93
C GLY B 303 -0.02 14.31 -24.14
N GLU B 304 -1.13 13.99 -24.81
CA GLU B 304 -2.46 14.01 -24.21
C GLU B 304 -3.21 12.75 -24.58
N TYR B 305 -3.50 11.91 -23.59
CA TYR B 305 -4.14 10.60 -23.78
C TYR B 305 -5.65 10.71 -23.63
N ASN B 306 -6.36 10.50 -24.73
CA ASN B 306 -7.81 10.65 -24.76
C ASN B 306 -8.51 9.33 -24.61
N GLY B 307 -7.77 8.26 -24.32
CA GLY B 307 -8.37 6.97 -24.09
C GLY B 307 -8.49 6.69 -22.61
N GLY B 308 -8.52 7.76 -21.80
CA GLY B 308 -8.58 7.70 -20.34
C GLY B 308 -9.12 8.92 -19.61
N SER B 309 -9.86 8.72 -18.52
CA SER B 309 -10.53 9.84 -17.88
C SER B 309 -10.58 9.63 -16.38
N ASN B 310 -10.32 10.70 -15.63
CA ASN B 310 -10.22 10.59 -14.18
C ASN B 310 -11.58 10.52 -13.51
N LYS B 311 -12.67 10.48 -14.29
CA LYS B 311 -14.01 10.47 -13.73
C LYS B 311 -14.20 9.27 -12.81
N PHE B 312 -13.37 8.22 -12.96
CA PHE B 312 -13.49 7.06 -12.10
C PHE B 312 -13.19 7.43 -10.66
N ALA B 313 -12.23 8.36 -10.46
CA ALA B 313 -11.83 8.77 -9.11
C ALA B 313 -13.04 9.21 -8.32
N TYR B 314 -13.93 9.96 -8.95
CA TYR B 314 -15.10 10.49 -8.26
C TYR B 314 -15.98 9.37 -7.70
N SER B 315 -16.18 8.30 -8.47
CA SER B 315 -17.05 7.23 -8.02
C SER B 315 -16.50 6.46 -6.83
N ILE B 316 -15.27 6.79 -6.41
CA ILE B 316 -14.54 6.02 -5.42
C ILE B 316 -14.26 6.89 -4.21
N TRP B 317 -13.63 8.02 -4.47
CA TRP B 317 -13.18 8.94 -3.44
C TRP B 317 -14.21 10.05 -3.29
N LYS B 318 -14.77 10.17 -2.11
CA LYS B 318 -15.87 11.09 -1.92
C LYS B 318 -15.45 12.50 -1.49
N GLY B 319 -14.17 12.71 -1.10
CA GLY B 319 -13.66 14.00 -0.69
C GLY B 319 -13.19 14.89 -1.84
N PRO B 320 -12.45 15.95 -1.52
CA PRO B 320 -12.12 16.95 -2.55
C PRO B 320 -11.10 16.40 -3.53
N ILE B 321 -11.18 16.90 -4.78
CA ILE B 321 -10.32 16.47 -5.88
C ILE B 321 -9.75 17.69 -6.59
N ILE B 322 -8.43 17.87 -6.53
CA ILE B 322 -7.75 18.91 -7.30
C ILE B 322 -7.30 18.29 -8.61
N ARG B 323 -7.73 18.89 -9.73
CA ARG B 323 -7.50 18.38 -11.07
C ARG B 323 -6.60 19.38 -11.78
N ALA B 324 -5.45 18.92 -12.23
CA ALA B 324 -4.48 19.80 -12.84
C ALA B 324 -4.19 19.36 -14.27
N GLY B 325 -3.89 20.34 -15.11
CA GLY B 325 -3.31 20.10 -16.42
C GLY B 325 -3.99 20.84 -17.55
N ASN B 326 -3.30 21.83 -18.13
CA ASN B 326 -3.73 22.45 -19.39
C ASN B 326 -5.08 23.16 -19.27
N PHE B 327 -5.53 23.45 -18.05
CA PHE B 327 -6.82 24.11 -17.92
C PHE B 327 -6.75 25.61 -18.19
N ALA B 328 -5.56 26.18 -18.32
CA ALA B 328 -5.44 27.64 -18.38
C ALA B 328 -5.98 28.19 -19.69
N LEU B 329 -5.56 27.61 -20.80
CA LEU B 329 -6.05 28.02 -22.11
C LEU B 329 -7.45 27.50 -22.38
N HIS B 330 -8.06 26.78 -21.43
CA HIS B 330 -9.35 26.12 -21.63
C HIS B 330 -10.35 26.50 -20.54
N PRO B 331 -10.80 27.76 -20.51
CA PRO B 331 -11.86 28.11 -19.54
C PRO B 331 -13.18 27.42 -19.84
N GLU B 332 -13.43 27.02 -21.08
CA GLU B 332 -14.65 26.29 -21.41
C GLU B 332 -14.68 24.90 -20.79
N VAL B 333 -13.52 24.35 -20.45
CA VAL B 333 -13.52 23.07 -19.75
C VAL B 333 -13.54 23.27 -18.23
N VAL B 334 -12.85 24.30 -17.72
CA VAL B 334 -12.88 24.56 -16.28
C VAL B 334 -14.31 24.80 -15.83
N ARG B 335 -15.05 25.62 -16.59
CA ARG B 335 -16.46 25.88 -16.33
C ARG B 335 -17.22 24.57 -16.11
N GLU B 336 -17.07 23.61 -17.02
CA GLU B 336 -17.73 22.33 -16.87
C GLU B 336 -17.22 21.53 -15.67
N GLU B 337 -15.91 21.45 -15.47
CA GLU B 337 -15.42 20.58 -14.42
C GLU B 337 -15.79 21.12 -13.05
N VAL B 338 -15.84 22.44 -12.90
CA VAL B 338 -16.14 23.04 -11.61
C VAL B 338 -17.63 23.05 -11.30
N LYS B 339 -18.48 22.58 -12.23
CA LYS B 339 -19.87 22.35 -11.84
C LYS B 339 -19.95 21.34 -10.71
N ASP B 340 -18.92 20.50 -10.53
CA ASP B 340 -18.92 19.55 -9.42
C ASP B 340 -18.40 20.23 -8.16
N PRO B 341 -19.16 20.21 -7.06
CA PRO B 341 -18.84 21.07 -5.91
C PRO B 341 -17.68 20.59 -5.04
N ARG B 342 -16.97 19.50 -5.36
CA ARG B 342 -15.74 19.19 -4.64
C ARG B 342 -14.53 19.17 -5.56
N THR B 343 -14.66 19.73 -6.75
CA THR B 343 -13.57 19.78 -7.71
C THR B 343 -12.81 21.09 -7.56
N LEU B 344 -11.49 21.01 -7.64
CA LEU B 344 -10.63 22.18 -7.73
C LEU B 344 -9.70 22.05 -8.92
N ILE B 345 -9.33 23.19 -9.48
CA ILE B 345 -8.60 23.24 -10.74
C ILE B 345 -7.22 23.83 -10.47
N GLY B 346 -6.21 22.97 -10.47
CA GLY B 346 -4.83 23.39 -10.39
C GLY B 346 -4.27 23.92 -11.70
N TYR B 347 -3.81 25.17 -11.67
CA TYR B 347 -3.21 25.84 -12.80
C TYR B 347 -1.70 25.86 -12.63
N GLY B 348 -0.97 25.24 -13.57
CA GLY B 348 0.45 25.01 -13.38
C GLY B 348 1.35 26.01 -14.05
N ARG B 349 1.68 25.77 -15.32
CA ARG B 349 2.60 26.65 -16.04
C ARG B 349 2.12 28.09 -16.08
N PHE B 350 0.81 28.32 -16.11
CA PHE B 350 0.30 29.68 -16.22
C PHE B 350 0.15 30.41 -14.90
N PHE B 351 0.33 29.74 -13.77
CA PHE B 351 0.67 30.51 -12.58
C PHE B 351 2.12 30.96 -12.62
N ILE B 352 3.00 30.19 -13.28
CA ILE B 352 4.41 30.57 -13.29
C ILE B 352 4.57 31.96 -13.87
N SER B 353 3.79 32.27 -14.92
CA SER B 353 3.90 33.54 -15.59
C SER B 353 2.95 34.62 -15.08
N ASN B 354 1.87 34.28 -14.38
CA ASN B 354 0.87 35.25 -13.93
C ASN B 354 0.75 35.29 -12.42
N PRO B 355 1.40 36.23 -11.71
CA PRO B 355 1.18 36.29 -10.26
C PRO B 355 -0.27 36.53 -9.90
N ASP B 356 -0.96 37.36 -10.68
CA ASP B 356 -2.38 37.67 -10.46
C ASP B 356 -3.28 36.76 -11.28
N LEU B 357 -3.04 35.44 -11.26
CA LEU B 357 -3.75 34.58 -12.21
C LEU B 357 -5.21 34.41 -11.82
N VAL B 358 -5.50 34.27 -10.52
CA VAL B 358 -6.89 34.13 -10.10
C VAL B 358 -7.71 35.33 -10.56
N ASP B 359 -7.15 36.54 -10.42
CA ASP B 359 -7.83 37.75 -10.89
C ASP B 359 -8.21 37.63 -12.36
N ARG B 360 -7.21 37.45 -13.21
CA ARG B 360 -7.46 37.29 -14.64
C ARG B 360 -8.52 36.24 -14.91
N LEU B 361 -8.47 35.13 -14.17
CA LEU B 361 -9.52 34.13 -14.28
C LEU B 361 -10.89 34.72 -13.98
N GLU B 362 -11.00 35.47 -12.87
CA GLU B 362 -12.30 36.00 -12.49
C GLU B 362 -12.87 36.91 -13.58
N LYS B 363 -12.08 37.87 -14.08
CA LYS B 363 -12.59 38.90 -14.98
C LYS B 363 -12.27 38.63 -16.45
N GLY B 364 -11.94 37.39 -16.81
CA GLY B 364 -11.62 37.02 -18.18
C GLY B 364 -10.55 37.85 -18.88
N LEU B 365 -9.39 37.98 -18.26
CA LEU B 365 -8.31 38.83 -18.70
C LEU B 365 -7.30 38.06 -19.52
N PRO B 366 -6.57 38.74 -20.40
CA PRO B 366 -5.52 38.07 -21.16
C PRO B 366 -4.42 37.55 -20.25
N LEU B 367 -3.71 36.54 -20.72
CA LEU B 367 -2.74 35.85 -19.90
C LEU B 367 -1.32 36.19 -20.31
N ASN B 368 -0.42 36.13 -19.34
CA ASN B 368 0.99 36.34 -19.60
C ASN B 368 1.58 35.07 -20.23
N LYS B 369 2.18 35.22 -21.42
CA LYS B 369 2.94 34.14 -22.05
C LYS B 369 3.96 33.59 -21.05
N TYR B 370 4.44 32.37 -21.22
CA TYR B 370 5.47 31.91 -20.31
C TYR B 370 6.76 31.65 -21.08
N ASP B 371 7.89 31.82 -20.39
CA ASP B 371 9.19 31.60 -21.00
C ASP B 371 9.74 30.30 -20.45
N ARG B 372 9.65 29.23 -21.25
CA ARG B 372 10.05 27.90 -20.80
C ARG B 372 11.51 27.88 -20.38
N ASP B 373 12.32 28.75 -20.96
CA ASP B 373 13.75 28.77 -20.65
C ASP B 373 14.07 29.34 -19.28
N THR B 374 13.09 29.90 -18.58
CA THR B 374 13.29 30.40 -17.23
C THR B 374 12.72 29.46 -16.16
N PHE B 375 12.25 28.28 -16.55
CA PHE B 375 11.63 27.38 -15.59
C PHE B 375 12.66 26.85 -14.60
N TYR B 376 13.66 26.13 -15.08
CA TYR B 376 14.71 25.56 -14.23
C TYR B 376 15.97 26.41 -14.33
N LYS B 377 15.95 27.62 -13.78
CA LYS B 377 17.14 28.42 -14.01
C LYS B 377 17.47 29.25 -12.79
N MET B 378 18.77 29.47 -12.59
CA MET B 378 19.25 30.16 -11.39
C MET B 378 19.33 31.65 -11.68
N SER B 379 18.16 32.28 -11.71
CA SER B 379 18.04 33.72 -11.86
C SER B 379 16.62 34.11 -11.50
N ALA B 380 16.45 35.38 -11.08
CA ALA B 380 15.13 35.89 -10.74
C ALA B 380 14.33 36.27 -11.98
N GLU B 381 15.00 36.42 -13.12
CA GLU B 381 14.31 36.56 -14.40
C GLU B 381 13.45 35.32 -14.68
N GLY B 382 12.19 35.56 -15.08
CA GLY B 382 11.24 34.49 -15.26
C GLY B 382 10.77 33.83 -13.98
N TYR B 383 11.12 34.40 -12.83
CA TYR B 383 10.79 33.85 -11.51
C TYR B 383 9.96 34.81 -10.69
N ILE B 384 10.44 36.04 -10.51
CA ILE B 384 9.71 37.04 -9.75
C ILE B 384 9.37 38.27 -10.58
N ASP B 385 9.94 38.39 -11.78
CA ASP B 385 9.76 39.56 -12.64
C ASP B 385 8.53 39.49 -13.55
N TYR B 386 7.75 38.42 -13.50
CA TYR B 386 6.55 38.33 -14.33
C TYR B 386 5.55 39.39 -13.84
N PRO B 387 5.04 40.26 -14.72
CA PRO B 387 4.23 41.41 -14.27
C PRO B 387 2.78 41.02 -14.02
N THR B 388 2.10 41.87 -13.24
CA THR B 388 0.66 41.73 -13.10
C THR B 388 -0.03 42.31 -14.35
N TYR B 389 -1.37 42.22 -14.40
CA TYR B 389 -2.10 42.82 -15.52
C TYR B 389 -2.03 44.35 -15.50
N GLU B 390 -2.21 44.98 -14.33
CA GLU B 390 -2.04 46.42 -14.21
C GLU B 390 -0.65 46.85 -14.67
N GLU B 391 0.38 46.16 -14.17
CA GLU B 391 1.76 46.43 -14.54
C GLU B 391 2.01 46.17 -16.02
N ALA B 392 1.49 45.05 -16.55
CA ALA B 392 1.66 44.73 -17.97
C ALA B 392 1.15 45.86 -18.88
N LEU B 393 0.05 46.50 -18.49
CA LEU B 393 -0.45 47.63 -19.28
C LEU B 393 0.50 48.81 -19.21
N LYS B 394 1.09 49.07 -18.04
CA LYS B 394 2.11 50.11 -17.96
C LYS B 394 3.33 49.82 -18.84
N LEU B 395 3.34 48.70 -19.57
CA LEU B 395 4.49 48.34 -20.39
C LEU B 395 4.01 48.11 -21.82
N PRO C 2 -53.05 -1.75 -21.67
CA PRO C 2 -52.92 -0.37 -21.21
C PRO C 2 -51.46 0.07 -21.27
N PHE C 3 -51.22 1.33 -20.94
CA PHE C 3 -49.88 1.89 -21.06
C PHE C 3 -49.47 2.44 -19.70
N VAL C 4 -48.18 2.74 -19.56
CA VAL C 4 -47.66 3.39 -18.36
C VAL C 4 -48.18 4.83 -18.35
N LYS C 5 -49.02 5.16 -17.36
CA LYS C 5 -49.87 6.34 -17.43
C LYS C 5 -49.06 7.63 -17.47
N ASP C 6 -47.97 7.67 -16.73
CA ASP C 6 -47.23 8.88 -16.43
C ASP C 6 -46.01 9.07 -17.33
N PHE C 7 -45.76 8.13 -18.23
CA PHE C 7 -44.53 8.07 -19.01
C PHE C 7 -44.65 8.97 -20.24
N LYS C 8 -43.76 9.95 -20.35
CA LYS C 8 -43.69 10.76 -21.57
C LYS C 8 -42.58 10.23 -22.48
N PRO C 9 -42.94 9.58 -23.60
CA PRO C 9 -41.92 8.96 -24.47
C PRO C 9 -41.15 10.02 -25.22
N GLN C 10 -40.20 9.56 -26.01
CA GLN C 10 -39.38 10.46 -26.80
C GLN C 10 -38.83 9.66 -27.95
N ALA C 11 -39.03 10.15 -29.17
CA ALA C 11 -38.57 9.42 -30.34
C ALA C 11 -37.05 9.33 -30.29
N LEU C 12 -36.53 8.10 -30.35
CA LEU C 12 -35.09 7.86 -30.31
C LEU C 12 -34.54 7.34 -31.63
N GLY C 13 -35.36 7.31 -32.70
CA GLY C 13 -34.86 6.82 -33.97
C GLY C 13 -33.68 7.60 -34.49
N ASP C 14 -33.59 8.89 -34.15
CA ASP C 14 -32.55 9.75 -34.69
C ASP C 14 -31.19 9.47 -34.09
N THR C 15 -31.09 8.62 -33.08
CA THR C 15 -29.84 8.48 -32.34
C THR C 15 -29.08 7.23 -32.79
N ASN C 16 -27.94 7.01 -32.12
CA ASN C 16 -27.11 5.87 -32.42
C ASN C 16 -27.76 4.57 -31.97
N LEU C 17 -28.77 4.65 -31.10
CA LEU C 17 -29.51 3.44 -30.70
C LEU C 17 -30.05 2.71 -31.91
N PHE C 18 -30.29 3.42 -33.02
CA PHE C 18 -30.73 2.78 -34.24
C PHE C 18 -29.69 2.76 -35.35
N LYS C 19 -28.45 3.22 -35.08
CA LYS C 19 -27.36 2.99 -36.03
C LYS C 19 -26.85 1.55 -35.85
N PRO C 20 -26.67 0.80 -36.95
CA PRO C 20 -26.27 -0.62 -36.83
C PRO C 20 -24.87 -0.76 -36.26
N ILE C 21 -24.52 -1.97 -35.85
CA ILE C 21 -23.27 -2.19 -35.15
C ILE C 21 -22.98 -3.68 -35.15
N LYS C 22 -21.70 -4.02 -35.25
CA LYS C 22 -21.30 -5.41 -35.32
C LYS C 22 -20.82 -5.85 -33.94
N ILE C 23 -21.43 -6.91 -33.41
CA ILE C 23 -21.13 -7.50 -32.10
C ILE C 23 -20.80 -8.95 -32.37
N GLY C 24 -19.59 -9.35 -32.08
CA GLY C 24 -19.21 -10.73 -32.37
C GLY C 24 -19.39 -11.08 -33.84
N ASN C 25 -20.15 -12.13 -34.11
CA ASN C 25 -20.44 -12.46 -35.50
C ASN C 25 -21.64 -11.70 -36.06
N ASN C 26 -22.48 -11.13 -35.19
CA ASN C 26 -23.83 -10.70 -35.56
C ASN C 26 -23.84 -9.23 -35.98
N GLU C 27 -24.53 -8.96 -37.08
CA GLU C 27 -24.64 -7.58 -37.57
C GLU C 27 -25.93 -7.01 -36.98
N LEU C 28 -25.80 -6.30 -35.87
CA LEU C 28 -27.00 -5.69 -35.30
C LEU C 28 -27.48 -4.54 -36.17
N LEU C 29 -28.80 -4.35 -36.24
CA LEU C 29 -29.35 -3.20 -36.94
C LEU C 29 -29.68 -2.06 -36.01
N HIS C 30 -29.90 -2.35 -34.73
CA HIS C 30 -30.18 -1.38 -33.69
C HIS C 30 -29.58 -1.88 -32.39
N ARG C 31 -29.31 -0.94 -31.48
CA ARG C 31 -28.56 -1.21 -30.26
C ARG C 31 -29.46 -1.40 -29.05
N ALA C 32 -30.73 -1.78 -29.27
CA ALA C 32 -31.67 -2.04 -28.18
C ALA C 32 -31.63 -3.54 -27.89
N VAL C 33 -30.84 -3.90 -26.90
CA VAL C 33 -30.52 -5.28 -26.57
C VAL C 33 -31.57 -5.82 -25.62
N ILE C 34 -31.98 -7.08 -25.78
CA ILE C 34 -32.77 -7.75 -24.76
C ILE C 34 -31.78 -8.35 -23.76
N PRO C 35 -31.80 -7.96 -22.49
CA PRO C 35 -30.92 -8.60 -21.52
C PRO C 35 -31.49 -9.93 -21.06
N PRO C 36 -30.73 -10.71 -20.32
CA PRO C 36 -31.27 -11.95 -19.74
C PRO C 36 -32.42 -11.72 -18.77
N LEU C 37 -33.53 -12.41 -19.02
CA LEU C 37 -34.76 -12.27 -18.23
C LEU C 37 -35.34 -13.65 -17.90
N THR C 38 -34.97 -14.19 -16.73
CA THR C 38 -35.51 -15.46 -16.25
C THR C 38 -37.01 -15.40 -16.07
N ARG C 39 -37.74 -16.28 -16.73
CA ARG C 39 -39.19 -16.23 -16.70
C ARG C 39 -39.83 -17.41 -15.98
N MET C 40 -39.05 -18.44 -15.61
CA MET C 40 -39.52 -19.55 -14.77
C MET C 40 -40.67 -20.36 -15.39
N ARG C 41 -40.63 -20.53 -16.72
CA ARG C 41 -41.56 -21.42 -17.40
C ARG C 41 -40.92 -22.74 -17.84
N ALA C 42 -39.72 -23.07 -17.38
CA ALA C 42 -39.06 -24.28 -17.81
C ALA C 42 -39.63 -25.50 -17.12
N GLN C 43 -39.90 -26.56 -17.89
CA GLN C 43 -40.66 -27.70 -17.39
C GLN C 43 -39.83 -28.61 -16.50
N HIS C 44 -40.28 -28.77 -15.26
CA HIS C 44 -39.83 -29.71 -14.24
C HIS C 44 -40.66 -30.99 -14.32
N PRO C 45 -40.04 -32.17 -14.30
CA PRO C 45 -38.63 -32.42 -14.01
C PRO C 45 -37.81 -32.25 -15.28
N GLY C 46 -36.55 -31.85 -15.17
CA GLY C 46 -35.65 -31.89 -16.31
C GLY C 46 -35.23 -30.55 -16.87
N ASN C 47 -35.70 -29.44 -16.29
CA ASN C 47 -35.24 -28.10 -16.65
C ASN C 47 -35.22 -27.90 -18.16
N ILE C 48 -36.35 -28.23 -18.78
CA ILE C 48 -36.49 -28.18 -20.23
C ILE C 48 -37.22 -26.88 -20.58
N PRO C 49 -36.73 -26.11 -21.54
CA PRO C 49 -37.53 -24.95 -22.03
C PRO C 49 -38.96 -25.31 -22.42
N ASN C 50 -39.87 -24.35 -22.21
CA ASN C 50 -41.31 -24.62 -22.25
C ASN C 50 -41.78 -25.06 -23.62
N ARG C 51 -42.23 -26.30 -23.71
CA ARG C 51 -42.58 -26.84 -25.01
C ARG C 51 -43.92 -26.34 -25.55
N ASP C 52 -44.59 -25.42 -24.86
CA ASP C 52 -45.77 -24.73 -25.38
C ASP C 52 -45.51 -23.30 -25.82
N TRP C 53 -44.80 -22.52 -24.99
CA TRP C 53 -44.82 -21.07 -25.06
C TRP C 53 -43.46 -20.46 -25.37
N ALA C 54 -42.35 -21.16 -25.07
CA ALA C 54 -41.03 -20.52 -25.04
C ALA C 54 -40.53 -20.13 -26.43
N VAL C 55 -40.91 -20.86 -27.48
CA VAL C 55 -40.55 -20.42 -28.83
C VAL C 55 -41.32 -19.17 -29.21
N GLU C 56 -42.62 -19.13 -28.91
CA GLU C 56 -43.43 -17.96 -29.24
C GLU C 56 -42.96 -16.74 -28.47
N TYR C 57 -42.71 -16.89 -27.17
CA TYR C 57 -42.12 -15.82 -26.36
C TYR C 57 -40.90 -15.21 -27.03
N TYR C 58 -39.96 -16.05 -27.44
CA TYR C 58 -38.72 -15.58 -28.07
C TYR C 58 -38.97 -15.12 -29.50
N ALA C 59 -39.80 -15.84 -30.26
CA ALA C 59 -40.19 -15.36 -31.59
C ALA C 59 -40.93 -14.03 -31.51
N GLN C 60 -41.73 -13.81 -30.46
CA GLN C 60 -42.45 -12.56 -30.33
C GLN C 60 -41.49 -11.38 -30.19
N ARG C 61 -40.41 -11.56 -29.45
CA ARG C 61 -39.54 -10.46 -29.08
C ARG C 61 -38.36 -10.30 -30.04
N ALA C 62 -38.21 -11.22 -30.98
CA ALA C 62 -37.27 -11.08 -32.08
C ALA C 62 -37.85 -10.33 -33.26
N GLN C 63 -39.14 -9.98 -33.20
CA GLN C 63 -39.86 -9.46 -34.36
C GLN C 63 -39.15 -8.29 -35.03
N ARG C 64 -38.31 -7.55 -34.32
CA ARG C 64 -37.55 -6.48 -34.95
C ARG C 64 -36.25 -7.07 -35.49
N PRO C 65 -36.01 -7.02 -36.81
CA PRO C 65 -34.80 -7.65 -37.36
C PRO C 65 -33.53 -7.08 -36.73
N GLY C 66 -32.50 -7.92 -36.66
CA GLY C 66 -31.22 -7.50 -36.13
C GLY C 66 -31.23 -7.16 -34.66
N THR C 67 -32.18 -7.71 -33.90
CA THR C 67 -32.29 -7.48 -32.46
C THR C 67 -31.48 -8.50 -31.69
N LEU C 68 -30.47 -8.04 -30.95
CA LEU C 68 -29.66 -8.94 -30.14
C LEU C 68 -30.46 -9.39 -28.92
N ILE C 69 -30.66 -10.69 -28.79
CA ILE C 69 -31.43 -11.27 -27.71
C ILE C 69 -30.48 -12.14 -26.91
N ILE C 70 -30.45 -11.95 -25.60
CA ILE C 70 -29.77 -12.87 -24.67
C ILE C 70 -30.85 -13.69 -23.99
N THR C 71 -30.72 -15.01 -24.02
CA THR C 71 -31.73 -15.87 -23.41
C THR C 71 -31.83 -15.64 -21.90
N GLU C 72 -32.76 -16.33 -21.25
CA GLU C 72 -32.76 -16.35 -19.80
C GLU C 72 -31.49 -16.99 -19.29
N GLY C 73 -31.28 -16.86 -17.98
CA GLY C 73 -30.20 -17.58 -17.36
C GLY C 73 -30.40 -19.05 -17.56
N THR C 74 -29.35 -19.77 -17.96
CA THR C 74 -29.45 -21.17 -18.31
C THR C 74 -28.35 -21.94 -17.58
N PHE C 75 -28.76 -23.00 -16.87
CA PHE C 75 -27.83 -23.84 -16.11
C PHE C 75 -26.89 -24.63 -17.01
N PRO C 76 -25.58 -24.53 -16.80
CA PRO C 76 -24.67 -25.41 -17.54
C PRO C 76 -24.72 -26.86 -17.09
N SER C 77 -25.25 -27.15 -15.91
CA SER C 77 -25.16 -28.49 -15.36
C SER C 77 -26.04 -28.57 -14.11
N PRO C 78 -26.53 -29.77 -13.76
CA PRO C 78 -27.45 -29.88 -12.63
C PRO C 78 -26.94 -29.30 -11.33
N GLN C 79 -25.62 -29.32 -11.12
CA GLN C 79 -25.04 -28.70 -9.94
C GLN C 79 -25.04 -27.18 -10.04
N SER C 80 -25.12 -26.65 -11.26
CA SER C 80 -25.13 -25.21 -11.42
C SER C 80 -26.46 -24.59 -11.01
N GLY C 81 -27.50 -25.41 -10.79
CA GLY C 81 -28.82 -24.91 -10.60
C GLY C 81 -29.34 -25.05 -9.19
N GLY C 82 -30.67 -25.02 -9.08
CA GLY C 82 -31.34 -25.00 -7.80
C GLY C 82 -32.82 -24.78 -8.03
N TYR C 83 -33.16 -23.93 -9.00
CA TYR C 83 -34.55 -23.59 -9.26
C TYR C 83 -35.16 -24.63 -10.18
N ASP C 84 -36.41 -24.99 -9.89
CA ASP C 84 -37.01 -26.09 -10.65
C ASP C 84 -37.35 -25.68 -12.07
N ASN C 85 -37.84 -24.46 -12.28
CA ASN C 85 -38.40 -24.11 -13.58
C ASN C 85 -37.53 -23.09 -14.33
N ALA C 86 -36.25 -23.23 -14.20
CA ALA C 86 -35.38 -22.50 -15.11
C ALA C 86 -34.71 -23.50 -16.06
N PRO C 87 -34.43 -23.11 -17.28
CA PRO C 87 -33.94 -24.05 -18.27
C PRO C 87 -32.49 -24.45 -18.08
N GLY C 88 -32.12 -25.56 -18.73
CA GLY C 88 -30.76 -26.02 -18.79
C GLY C 88 -30.32 -26.29 -20.22
N ILE C 89 -29.04 -26.61 -20.37
CA ILE C 89 -28.49 -26.77 -21.71
C ILE C 89 -27.44 -27.88 -21.69
N TRP C 90 -27.58 -28.82 -20.76
CA TRP C 90 -26.67 -29.97 -20.72
C TRP C 90 -27.24 -31.22 -21.39
N SER C 91 -28.56 -31.39 -21.44
CA SER C 91 -29.21 -32.64 -21.83
C SER C 91 -29.73 -32.58 -23.26
N GLU C 92 -29.92 -33.77 -23.85
CA GLU C 92 -30.49 -33.83 -25.19
C GLU C 92 -31.89 -33.23 -25.21
N GLU C 93 -32.70 -33.49 -24.17
CA GLU C 93 -34.05 -32.95 -24.11
C GLU C 93 -34.04 -31.43 -24.21
N GLN C 94 -33.25 -30.79 -23.35
CA GLN C 94 -33.18 -29.34 -23.32
C GLN C 94 -32.68 -28.80 -24.66
N ILE C 95 -31.61 -29.38 -25.19
CA ILE C 95 -31.02 -28.89 -26.42
C ILE C 95 -32.03 -28.95 -27.56
N LYS C 96 -32.79 -30.05 -27.63
CA LYS C 96 -33.79 -30.19 -28.68
C LYS C 96 -34.74 -29.01 -28.66
N GLU C 97 -35.09 -28.55 -27.46
CA GLU C 97 -36.04 -27.45 -27.35
C GLU C 97 -35.34 -26.10 -27.58
N TRP C 98 -34.10 -25.95 -27.10
CA TRP C 98 -33.38 -24.69 -27.37
C TRP C 98 -33.23 -24.46 -28.86
N THR C 99 -32.98 -25.53 -29.63
CA THR C 99 -32.75 -25.35 -31.05
C THR C 99 -34.00 -24.84 -31.75
N LYS C 100 -35.17 -25.26 -31.27
CA LYS C 100 -36.39 -24.68 -31.83
C LYS C 100 -36.43 -23.19 -31.57
N ILE C 101 -35.87 -22.75 -30.44
CA ILE C 101 -35.90 -21.35 -30.06
C ILE C 101 -34.93 -20.53 -30.92
N PHE C 102 -33.75 -21.07 -31.21
CA PHE C 102 -32.78 -20.29 -31.97
C PHE C 102 -33.15 -20.23 -33.45
N LYS C 103 -33.74 -21.30 -34.00
CA LYS C 103 -34.27 -21.18 -35.35
C LYS C 103 -35.38 -20.14 -35.40
N ALA C 104 -36.22 -20.11 -34.36
CA ALA C 104 -37.28 -19.11 -34.30
C ALA C 104 -36.71 -17.69 -34.21
N ILE C 105 -35.68 -17.49 -33.37
CA ILE C 105 -35.10 -16.15 -33.24
C ILE C 105 -34.40 -15.75 -34.53
N HIS C 106 -33.82 -16.72 -35.23
CA HIS C 106 -33.13 -16.54 -36.49
C HIS C 106 -34.10 -16.33 -37.63
N GLU C 107 -35.17 -17.12 -37.68
CA GLU C 107 -36.21 -16.90 -38.67
C GLU C 107 -36.83 -15.51 -38.57
N ASN C 108 -36.63 -14.82 -37.45
CA ASN C 108 -36.93 -13.40 -37.37
C ASN C 108 -35.69 -12.53 -37.55
N LYS C 109 -34.67 -13.06 -38.27
CA LYS C 109 -33.44 -12.34 -38.60
C LYS C 109 -32.84 -11.59 -37.40
N SER C 110 -32.99 -12.16 -36.20
CA SER C 110 -32.38 -11.67 -34.96
C SER C 110 -31.45 -12.75 -34.40
N PHE C 111 -30.66 -12.38 -33.40
CA PHE C 111 -29.59 -13.23 -32.88
C PHE C 111 -29.87 -13.67 -31.45
N ALA C 112 -29.37 -14.84 -31.09
CA ALA C 112 -29.58 -15.34 -29.74
C ALA C 112 -28.25 -15.61 -29.07
N TRP C 113 -28.20 -15.37 -27.78
CA TRP C 113 -27.02 -15.59 -26.96
C TRP C 113 -27.46 -16.24 -25.66
N VAL C 114 -26.93 -17.42 -25.36
CA VAL C 114 -27.30 -18.14 -24.16
C VAL C 114 -26.55 -17.55 -22.97
N GLN C 115 -27.28 -16.99 -22.01
CA GLN C 115 -26.67 -16.66 -20.72
C GLN C 115 -26.44 -17.94 -19.93
N LEU C 116 -25.22 -18.12 -19.47
CA LEU C 116 -24.85 -19.27 -18.66
C LEU C 116 -24.81 -18.84 -17.19
N TRP C 117 -25.53 -19.56 -16.34
CA TRP C 117 -25.96 -19.13 -15.02
C TRP C 117 -25.63 -20.18 -13.97
N VAL C 118 -24.90 -19.80 -12.93
CA VAL C 118 -24.54 -20.75 -11.86
C VAL C 118 -24.85 -20.10 -10.51
N LEU C 119 -25.83 -20.66 -9.80
CA LEU C 119 -26.52 -19.94 -8.74
C LEU C 119 -25.65 -19.71 -7.51
N GLY C 120 -24.85 -20.69 -7.11
CA GLY C 120 -24.24 -20.58 -5.80
C GLY C 120 -25.31 -20.42 -4.73
N TRP C 121 -25.11 -19.48 -3.81
CA TRP C 121 -25.92 -19.45 -2.60
C TRP C 121 -27.34 -18.95 -2.81
N ALA C 122 -27.66 -18.44 -3.99
CA ALA C 122 -29.02 -18.04 -4.29
C ALA C 122 -29.90 -19.20 -4.71
N ALA C 123 -29.38 -20.42 -4.74
CA ALA C 123 -30.23 -21.55 -5.06
C ALA C 123 -31.11 -21.88 -3.87
N PHE C 124 -32.06 -22.78 -4.09
CA PHE C 124 -32.82 -23.33 -2.98
C PHE C 124 -32.09 -24.54 -2.42
N PRO C 125 -31.65 -24.50 -1.16
CA PRO C 125 -30.89 -25.63 -0.62
C PRO C 125 -31.74 -26.87 -0.51
N ASP C 126 -33.04 -26.71 -0.26
CA ASP C 126 -33.89 -27.88 -0.16
C ASP C 126 -34.03 -28.57 -1.50
N THR C 127 -34.25 -27.81 -2.58
CA THR C 127 -34.34 -28.43 -3.89
C THR C 127 -33.05 -29.11 -4.31
N LEU C 128 -31.91 -28.51 -3.99
CA LEU C 128 -30.63 -29.15 -4.28
C LEU C 128 -30.46 -30.44 -3.50
N ALA C 129 -30.91 -30.47 -2.26
CA ALA C 129 -30.81 -31.69 -1.48
C ALA C 129 -31.70 -32.80 -2.07
N ARG C 130 -32.88 -32.44 -2.56
CA ARG C 130 -33.80 -33.45 -3.08
C ARG C 130 -33.13 -34.30 -4.16
N ASP C 131 -32.34 -33.67 -5.03
CA ASP C 131 -31.66 -34.37 -6.10
C ASP C 131 -30.24 -34.72 -5.73
N GLY C 132 -29.87 -34.54 -4.45
CA GLY C 132 -28.54 -34.83 -3.96
C GLY C 132 -27.42 -34.04 -4.58
N LEU C 133 -27.53 -32.72 -4.52
CA LEU C 133 -26.48 -31.83 -4.98
C LEU C 133 -26.09 -30.85 -3.88
N ARG C 134 -24.79 -30.55 -3.82
CA ARG C 134 -24.24 -29.55 -2.92
C ARG C 134 -25.00 -28.22 -3.00
N TYR C 135 -24.88 -27.40 -1.96
CA TYR C 135 -25.33 -26.01 -1.95
C TYR C 135 -24.05 -25.17 -1.96
N ASP C 136 -23.66 -24.67 -3.13
CA ASP C 136 -22.29 -24.20 -3.30
C ASP C 136 -22.16 -22.72 -3.01
N SER C 137 -20.94 -22.32 -2.64
CA SER C 137 -20.55 -20.92 -2.64
C SER C 137 -19.04 -20.80 -2.40
N ALA C 138 -18.61 -19.54 -2.24
CA ALA C 138 -17.20 -19.24 -2.09
C ALA C 138 -16.73 -19.56 -0.69
N SER C 139 -17.59 -19.31 0.29
CA SER C 139 -17.26 -19.58 1.68
C SER C 139 -18.45 -20.21 2.35
N ASP C 140 -18.16 -21.06 3.32
CA ASP C 140 -19.17 -21.75 4.10
C ASP C 140 -19.41 -21.14 5.48
N ASN C 141 -18.87 -19.95 5.74
CA ASN C 141 -19.12 -19.27 7.00
C ASN C 141 -19.86 -17.94 6.84
N VAL C 142 -20.34 -17.66 5.65
CA VAL C 142 -21.20 -16.51 5.38
C VAL C 142 -22.32 -16.99 4.48
N TYR C 143 -23.53 -16.53 4.73
CA TYR C 143 -24.71 -16.98 4.03
C TYR C 143 -25.36 -15.80 3.32
N MET C 144 -26.26 -16.11 2.42
CA MET C 144 -26.92 -15.04 1.71
C MET C 144 -27.83 -14.27 2.64
N ASN C 145 -28.71 -14.99 3.34
CA ASN C 145 -29.58 -14.34 4.31
C ASN C 145 -30.07 -15.38 5.30
N ALA C 146 -30.71 -14.89 6.36
CA ALA C 146 -31.16 -15.75 7.45
C ALA C 146 -31.97 -16.92 6.91
N GLU C 147 -32.90 -16.62 6.02
CA GLU C 147 -33.84 -17.64 5.55
C GLU C 147 -33.13 -18.72 4.76
N GLN C 148 -32.16 -18.36 3.93
CA GLN C 148 -31.43 -19.42 3.23
C GLN C 148 -30.64 -20.28 4.21
N GLU C 149 -30.06 -19.67 5.24
CA GLU C 149 -29.27 -20.45 6.18
C GLU C 149 -30.12 -21.46 6.93
N GLU C 150 -31.38 -21.12 7.19
CA GLU C 150 -32.27 -22.08 7.84
C GLU C 150 -32.62 -23.22 6.90
N LYS C 151 -33.12 -22.88 5.69
CA LYS C 151 -33.47 -23.91 4.71
C LYS C 151 -32.36 -24.94 4.58
N ALA C 152 -31.13 -24.46 4.34
CA ALA C 152 -29.99 -25.34 4.19
C ALA C 152 -29.84 -26.26 5.39
N LYS C 153 -29.82 -25.69 6.59
CA LYS C 153 -29.61 -26.52 7.77
C LYS C 153 -30.76 -27.52 7.94
N LYS C 154 -32.00 -27.08 7.78
CA LYS C 154 -33.08 -28.06 7.96
C LYS C 154 -33.14 -29.05 6.81
N ALA C 155 -32.68 -28.70 5.62
CA ALA C 155 -32.58 -29.68 4.55
C ALA C 155 -31.28 -30.47 4.59
N ASN C 156 -30.58 -30.47 5.73
CA ASN C 156 -29.26 -31.11 5.90
C ASN C 156 -28.29 -30.79 4.78
N ASN C 157 -28.39 -29.63 4.17
CA ASN C 157 -27.48 -29.28 3.08
C ASN C 157 -26.80 -27.95 3.42
N PRO C 158 -25.91 -27.95 4.41
CA PRO C 158 -25.17 -26.72 4.72
C PRO C 158 -24.43 -26.21 3.50
N GLN C 159 -24.08 -24.92 3.57
CA GLN C 159 -23.38 -24.28 2.46
C GLN C 159 -21.95 -24.81 2.36
N HIS C 160 -21.58 -25.26 1.18
CA HIS C 160 -20.26 -25.82 0.89
C HIS C 160 -19.40 -24.78 0.19
N SER C 161 -18.22 -24.55 0.73
CA SER C 161 -17.23 -23.67 0.10
C SER C 161 -16.47 -24.53 -0.89
N ILE C 162 -16.78 -24.36 -2.18
CA ILE C 162 -16.30 -25.28 -3.20
C ILE C 162 -14.77 -25.35 -3.24
N THR C 163 -14.26 -26.53 -3.61
CA THR C 163 -12.83 -26.81 -3.65
C THR C 163 -12.24 -26.31 -4.97
N LYS C 164 -10.93 -26.45 -5.12
CA LYS C 164 -10.32 -26.07 -6.39
C LYS C 164 -10.71 -27.04 -7.49
N ASP C 165 -10.94 -28.31 -7.16
CA ASP C 165 -11.37 -29.21 -8.20
C ASP C 165 -12.82 -28.98 -8.58
N GLU C 166 -13.67 -28.68 -7.61
CA GLU C 166 -15.05 -28.45 -7.95
C GLU C 166 -15.20 -27.15 -8.75
N ILE C 167 -14.25 -26.23 -8.61
CA ILE C 167 -14.20 -25.08 -9.50
C ILE C 167 -13.85 -25.51 -10.91
N LYS C 168 -12.77 -26.28 -11.05
CA LYS C 168 -12.40 -26.82 -12.36
C LYS C 168 -13.56 -27.58 -12.97
N GLN C 169 -14.30 -28.32 -12.13
CA GLN C 169 -15.47 -29.05 -12.62
C GLN C 169 -16.54 -28.09 -13.13
N TYR C 170 -16.72 -26.96 -12.44
CA TYR C 170 -17.58 -25.91 -12.96
C TYR C 170 -17.01 -25.36 -14.26
N VAL C 171 -15.73 -24.99 -14.24
CA VAL C 171 -15.06 -24.46 -15.42
C VAL C 171 -15.32 -25.37 -16.60
N LYS C 172 -15.24 -26.69 -16.36
CA LYS C 172 -15.55 -27.67 -17.40
C LYS C 172 -17.00 -27.54 -17.85
N GLU C 173 -17.93 -27.40 -16.90
CA GLU C 173 -19.35 -27.43 -17.22
C GLU C 173 -19.79 -26.19 -17.97
N TYR C 174 -19.20 -25.03 -17.61
CA TYR C 174 -19.31 -23.84 -18.43
C TYR C 174 -18.84 -24.09 -19.85
N VAL C 175 -17.69 -24.75 -19.99
CA VAL C 175 -17.18 -25.00 -21.32
C VAL C 175 -18.17 -25.82 -22.13
N GLN C 176 -18.72 -26.87 -21.52
CA GLN C 176 -19.62 -27.76 -22.26
C GLN C 176 -20.98 -27.14 -22.51
N ALA C 177 -21.52 -26.37 -21.57
CA ALA C 177 -22.74 -25.65 -21.85
C ALA C 177 -22.55 -24.67 -22.97
N ALA C 178 -21.37 -24.06 -23.05
CA ALA C 178 -21.11 -23.12 -24.13
C ALA C 178 -21.08 -23.84 -25.47
N LYS C 179 -20.28 -24.89 -25.56
CA LYS C 179 -20.26 -25.72 -26.75
C LYS C 179 -21.68 -26.07 -27.17
N ASN C 180 -22.44 -26.68 -26.26
CA ASN C 180 -23.83 -27.04 -26.55
C ASN C 180 -24.64 -25.88 -27.09
N SER C 181 -24.50 -24.68 -26.48
CA SER C 181 -25.25 -23.53 -26.96
C SER C 181 -24.94 -23.23 -28.41
N ILE C 182 -23.65 -23.15 -28.75
CA ILE C 182 -23.29 -22.94 -30.16
C ILE C 182 -23.85 -24.08 -31.00
N ALA C 183 -23.63 -25.32 -30.57
CA ALA C 183 -24.03 -26.44 -31.40
C ALA C 183 -25.54 -26.51 -31.57
N ALA C 184 -26.31 -25.96 -30.63
CA ALA C 184 -27.75 -25.87 -30.84
C ALA C 184 -28.12 -24.69 -31.72
N GLY C 185 -27.17 -23.81 -32.00
CA GLY C 185 -27.39 -22.72 -32.92
C GLY C 185 -27.27 -21.32 -32.33
N ALA C 186 -27.02 -21.19 -31.03
CA ALA C 186 -26.83 -19.86 -30.47
C ALA C 186 -25.65 -19.17 -31.16
N ASP C 187 -25.79 -17.86 -31.39
CA ASP C 187 -24.70 -17.09 -31.96
C ASP C 187 -23.57 -16.81 -30.96
N GLY C 188 -23.83 -16.92 -29.66
CA GLY C 188 -22.80 -16.79 -28.65
C GLY C 188 -23.37 -17.09 -27.28
N VAL C 189 -22.50 -17.00 -26.26
CA VAL C 189 -22.94 -17.13 -24.87
C VAL C 189 -22.50 -15.91 -24.07
N GLU C 190 -23.21 -15.68 -22.97
CA GLU C 190 -22.92 -14.59 -22.04
C GLU C 190 -22.69 -15.19 -20.67
N ILE C 191 -21.46 -15.08 -20.19
CA ILE C 191 -21.16 -15.54 -18.84
C ILE C 191 -21.81 -14.59 -17.83
N HIS C 192 -22.67 -15.14 -16.97
CA HIS C 192 -23.26 -14.41 -15.86
C HIS C 192 -22.24 -14.34 -14.72
N SER C 193 -21.62 -13.17 -14.54
CA SER C 193 -20.74 -12.92 -13.41
C SER C 193 -21.29 -11.80 -12.52
N ALA C 194 -22.60 -11.58 -12.50
CA ALA C 194 -23.19 -10.41 -11.86
C ALA C 194 -24.23 -10.78 -10.82
N ASN C 195 -24.99 -9.81 -10.30
CA ASN C 195 -26.26 -10.06 -9.60
C ASN C 195 -26.13 -11.11 -8.51
N GLY C 196 -24.98 -11.17 -7.85
CA GLY C 196 -24.86 -12.04 -6.69
C GLY C 196 -24.98 -13.53 -6.93
N TYR C 197 -24.73 -14.02 -8.13
CA TYR C 197 -24.71 -15.45 -8.29
C TYR C 197 -23.25 -15.91 -8.19
N LEU C 198 -22.94 -17.14 -8.63
CA LEU C 198 -21.74 -17.78 -8.08
C LEU C 198 -20.46 -17.02 -8.47
N LEU C 199 -20.33 -16.62 -9.74
CA LEU C 199 -19.13 -15.85 -10.10
C LEU C 199 -19.07 -14.51 -9.37
N ASN C 200 -20.19 -13.78 -9.33
CA ASN C 200 -20.21 -12.59 -8.48
C ASN C 200 -19.80 -12.94 -7.06
N GLN C 201 -20.24 -14.10 -6.55
CA GLN C 201 -19.92 -14.46 -5.16
C GLN C 201 -18.42 -14.63 -4.93
N PHE C 202 -17.68 -14.97 -5.98
CA PHE C 202 -16.23 -14.96 -5.86
C PHE C 202 -15.68 -13.55 -5.97
N LEU C 203 -16.23 -12.76 -6.88
CA LEU C 203 -15.77 -11.39 -7.04
C LEU C 203 -15.86 -10.62 -5.72
N ASP C 204 -17.05 -10.67 -5.03
CA ASP C 204 -17.44 -9.71 -3.99
C ASP C 204 -16.85 -10.08 -2.63
N PRO C 205 -16.15 -9.15 -1.95
CA PRO C 205 -15.40 -9.55 -0.75
C PRO C 205 -16.27 -9.76 0.47
N HIS C 206 -17.57 -9.49 0.38
CA HIS C 206 -18.46 -9.81 1.49
C HIS C 206 -18.76 -11.29 1.52
N SER C 207 -18.88 -11.89 0.35
CA SER C 207 -19.22 -13.29 0.23
C SER C 207 -18.01 -14.21 0.11
N ASN C 208 -16.82 -13.65 -0.18
CA ASN C 208 -15.60 -14.42 -0.43
C ASN C 208 -14.64 -14.20 0.74
N ASN C 209 -14.58 -15.15 1.66
CA ASN C 209 -13.67 -15.14 2.79
C ASN C 209 -12.40 -15.94 2.56
N ARG C 210 -12.31 -16.63 1.42
CA ARG C 210 -11.23 -17.56 1.18
C ARG C 210 -9.87 -16.90 1.31
N THR C 211 -8.88 -17.68 1.68
CA THR C 211 -7.52 -17.21 1.63
C THR C 211 -6.69 -17.94 0.60
N ASP C 212 -7.29 -18.86 -0.15
CA ASP C 212 -6.54 -19.60 -1.16
C ASP C 212 -6.46 -18.75 -2.43
N GLU C 213 -5.95 -19.32 -3.51
CA GLU C 213 -5.78 -18.63 -4.77
C GLU C 213 -7.06 -18.08 -5.41
N TYR C 214 -8.23 -18.29 -4.81
CA TYR C 214 -9.45 -17.71 -5.35
C TYR C 214 -10.09 -16.63 -4.47
N GLY C 215 -9.46 -16.24 -3.37
CA GLY C 215 -9.97 -15.17 -2.54
C GLY C 215 -8.84 -14.39 -1.88
N GLY C 216 -9.22 -13.34 -1.15
CA GLY C 216 -8.27 -12.59 -0.36
C GLY C 216 -7.44 -11.56 -1.10
N SER C 217 -7.65 -11.38 -2.40
CA SER C 217 -7.07 -10.24 -3.09
C SER C 217 -7.96 -9.95 -4.29
N ILE C 218 -7.80 -8.76 -4.86
CA ILE C 218 -8.50 -8.49 -6.10
C ILE C 218 -8.17 -9.58 -7.12
N GLU C 219 -6.89 -9.81 -7.37
CA GLU C 219 -6.49 -10.72 -8.44
C GLU C 219 -7.11 -12.11 -8.25
N ASN C 220 -7.17 -12.59 -7.00
CA ASN C 220 -7.73 -13.92 -6.77
C ASN C 220 -9.25 -13.92 -6.95
N ARG C 221 -9.93 -13.00 -6.29
CA ARG C 221 -11.39 -12.99 -6.36
C ARG C 221 -11.86 -13.06 -7.82
N ALA C 222 -11.19 -12.31 -8.70
CA ALA C 222 -11.47 -12.34 -10.13
C ALA C 222 -10.96 -13.59 -10.83
N ARG C 223 -10.13 -14.42 -10.18
CA ARG C 223 -9.56 -15.56 -10.87
C ARG C 223 -10.63 -16.54 -11.38
N PHE C 224 -11.60 -16.91 -10.53
CA PHE C 224 -12.65 -17.82 -10.97
C PHE C 224 -13.41 -17.27 -12.18
N THR C 225 -13.72 -15.98 -12.20
CA THR C 225 -14.42 -15.45 -13.35
C THR C 225 -13.54 -15.46 -14.59
N LEU C 226 -12.32 -14.96 -14.49
CA LEU C 226 -11.42 -14.98 -15.63
C LEU C 226 -11.15 -16.40 -16.11
N GLU C 227 -11.11 -17.36 -15.20
CA GLU C 227 -10.88 -18.74 -15.63
C GLU C 227 -12.05 -19.26 -16.45
N VAL C 228 -13.28 -18.95 -16.03
CA VAL C 228 -14.44 -19.34 -16.83
C VAL C 228 -14.36 -18.68 -18.21
N VAL C 229 -14.17 -17.36 -18.25
CA VAL C 229 -14.10 -16.64 -19.53
C VAL C 229 -13.03 -17.24 -20.43
N ASP C 230 -11.83 -17.46 -19.88
CA ASP C 230 -10.74 -18.03 -20.66
C ASP C 230 -11.14 -19.40 -21.23
N ALA C 231 -11.68 -20.25 -20.36
CA ALA C 231 -12.06 -21.60 -20.76
C ALA C 231 -13.03 -21.57 -21.94
N VAL C 232 -14.02 -20.68 -21.89
CA VAL C 232 -15.07 -20.59 -22.90
C VAL C 232 -14.57 -19.93 -24.17
N VAL C 233 -13.78 -18.84 -24.08
CA VAL C 233 -13.18 -18.27 -25.29
C VAL C 233 -12.33 -19.32 -26.00
N ASP C 234 -11.63 -20.14 -25.23
CA ASP C 234 -10.82 -21.20 -25.83
C ASP C 234 -11.69 -22.21 -26.57
N ALA C 235 -12.93 -22.40 -26.12
CA ALA C 235 -13.74 -23.46 -26.70
C ALA C 235 -14.63 -22.99 -27.85
N ILE C 236 -15.09 -21.74 -27.88
CA ILE C 236 -16.03 -21.39 -28.95
C ILE C 236 -15.59 -20.12 -29.64
N GLY C 237 -14.59 -19.45 -29.07
CA GLY C 237 -13.99 -18.30 -29.70
C GLY C 237 -14.42 -17.00 -29.04
N PRO C 238 -13.49 -16.05 -28.91
CA PRO C 238 -13.81 -14.80 -28.20
C PRO C 238 -14.92 -14.01 -28.86
N GLU C 239 -15.07 -14.13 -30.18
CA GLU C 239 -16.14 -13.43 -30.89
C GLU C 239 -17.52 -13.99 -30.56
N LYS C 240 -17.60 -15.06 -29.75
CA LYS C 240 -18.84 -15.69 -29.35
C LYS C 240 -19.03 -15.68 -27.82
N VAL C 241 -18.39 -14.75 -27.11
CA VAL C 241 -18.42 -14.71 -25.65
C VAL C 241 -18.55 -13.28 -25.17
N GLY C 242 -19.63 -13.01 -24.44
CA GLY C 242 -19.79 -11.79 -23.67
C GLY C 242 -19.78 -12.13 -22.19
N LEU C 243 -19.77 -11.08 -21.38
CA LEU C 243 -19.61 -11.22 -19.94
C LEU C 243 -20.43 -10.13 -19.25
N ARG C 244 -21.28 -10.53 -18.29
CA ARG C 244 -22.15 -9.61 -17.56
C ARG C 244 -21.63 -9.37 -16.14
N LEU C 245 -21.56 -8.08 -15.76
CA LEU C 245 -21.02 -7.64 -14.48
C LEU C 245 -21.93 -6.55 -13.91
N SER C 246 -22.10 -6.56 -12.59
CA SER C 246 -22.99 -5.61 -11.92
C SER C 246 -22.22 -4.99 -10.76
N PRO C 247 -21.31 -4.04 -11.03
CA PRO C 247 -20.42 -3.55 -9.98
C PRO C 247 -21.17 -3.03 -8.75
N TYR C 248 -22.14 -2.15 -8.97
CA TYR C 248 -22.84 -1.56 -7.84
C TYR C 248 -24.00 -2.41 -7.36
N GLY C 249 -24.24 -3.55 -7.99
CA GLY C 249 -25.36 -4.39 -7.57
C GLY C 249 -25.21 -4.80 -6.11
N VAL C 250 -26.34 -4.87 -5.44
CA VAL C 250 -26.39 -5.40 -4.08
C VAL C 250 -27.29 -6.62 -3.98
N PHE C 251 -28.06 -6.92 -5.04
CA PHE C 251 -28.97 -8.06 -5.02
C PHE C 251 -28.22 -9.34 -4.67
N ASN C 252 -28.93 -10.23 -3.98
CA ASN C 252 -28.36 -11.48 -3.46
C ASN C 252 -27.15 -11.19 -2.57
N SER C 253 -27.25 -10.07 -1.84
CA SER C 253 -26.37 -9.71 -0.73
C SER C 253 -24.90 -9.51 -1.16
N MET C 254 -24.74 -8.74 -2.24
CA MET C 254 -23.45 -8.29 -2.73
C MET C 254 -23.16 -6.92 -2.17
N SER C 255 -21.87 -6.64 -1.93
CA SER C 255 -21.48 -5.45 -1.18
C SER C 255 -22.06 -4.18 -1.79
N GLY C 256 -21.86 -3.97 -3.08
CA GLY C 256 -22.35 -2.76 -3.66
C GLY C 256 -21.33 -1.67 -3.44
N GLY C 257 -21.75 -0.44 -3.74
CA GLY C 257 -20.81 0.68 -3.68
C GLY C 257 -20.30 0.91 -2.26
N ALA C 258 -21.06 0.44 -1.26
CA ALA C 258 -20.63 0.50 0.13
C ALA C 258 -19.22 -0.04 0.30
N GLU C 259 -18.87 -1.03 -0.51
CA GLU C 259 -17.54 -1.61 -0.47
C GLU C 259 -16.58 -0.68 -1.22
N THR C 260 -15.72 0.02 -0.48
CA THR C 260 -14.95 1.08 -1.09
C THR C 260 -14.07 0.56 -2.21
N GLY C 261 -13.62 -0.68 -2.11
CA GLY C 261 -12.76 -1.21 -3.13
C GLY C 261 -13.49 -1.94 -4.24
N ILE C 262 -14.79 -1.71 -4.39
CA ILE C 262 -15.52 -2.40 -5.44
C ILE C 262 -14.99 -1.98 -6.81
N VAL C 263 -14.82 -0.68 -7.05
CA VAL C 263 -14.46 -0.24 -8.40
C VAL C 263 -13.10 -0.78 -8.79
N ALA C 264 -12.15 -0.76 -7.84
CA ALA C 264 -10.88 -1.42 -8.10
C ALA C 264 -11.09 -2.87 -8.52
N GLN C 265 -11.91 -3.61 -7.78
CA GLN C 265 -12.11 -5.02 -8.09
C GLN C 265 -12.61 -5.20 -9.51
N TYR C 266 -13.63 -4.43 -9.89
CA TYR C 266 -14.20 -4.59 -11.23
C TYR C 266 -13.30 -4.01 -12.32
N ALA C 267 -12.55 -2.95 -12.01
CA ALA C 267 -11.62 -2.39 -12.98
C ALA C 267 -10.50 -3.35 -13.31
N TYR C 268 -10.14 -4.25 -12.39
CA TYR C 268 -9.15 -5.28 -12.68
C TYR C 268 -9.70 -6.33 -13.64
N VAL C 269 -10.94 -6.78 -13.42
CA VAL C 269 -11.60 -7.66 -14.36
C VAL C 269 -11.66 -7.06 -15.76
N LEU C 270 -12.21 -5.86 -15.89
CA LEU C 270 -12.13 -5.18 -17.19
C LEU C 270 -10.69 -4.89 -17.58
N GLY C 271 -9.80 -4.75 -16.59
CA GLY C 271 -8.39 -4.57 -16.90
C GLY C 271 -7.80 -5.78 -17.58
N GLU C 272 -8.17 -6.97 -17.15
CA GLU C 272 -7.62 -8.17 -17.76
C GLU C 272 -8.22 -8.41 -19.12
N LEU C 273 -9.49 -8.06 -19.30
CA LEU C 273 -10.14 -8.34 -20.58
C LEU C 273 -9.54 -7.49 -21.69
N GLU C 274 -9.09 -6.28 -21.39
CA GLU C 274 -8.49 -5.46 -22.44
C GLU C 274 -7.10 -5.96 -22.81
N ARG C 275 -6.37 -6.50 -21.84
CA ARG C 275 -5.12 -7.18 -22.16
C ARG C 275 -5.37 -8.35 -23.11
N ARG C 276 -6.22 -9.32 -22.70
CA ARG C 276 -6.58 -10.43 -23.56
C ARG C 276 -7.04 -9.97 -24.92
N ALA C 277 -7.85 -8.91 -24.94
CA ALA C 277 -8.17 -8.25 -26.20
C ALA C 277 -6.89 -7.79 -26.90
N LYS C 278 -6.07 -6.98 -26.21
CA LYS C 278 -4.86 -6.51 -26.88
C LYS C 278 -3.96 -7.66 -27.30
N ALA C 279 -4.17 -8.86 -26.79
CA ALA C 279 -3.45 -10.05 -27.25
C ALA C 279 -4.16 -10.76 -28.40
N GLY C 280 -5.19 -10.15 -28.98
CA GLY C 280 -5.88 -10.70 -30.13
C GLY C 280 -7.28 -11.21 -29.85
N LYS C 281 -7.59 -11.57 -28.61
CA LYS C 281 -8.81 -12.28 -28.23
C LYS C 281 -9.79 -11.35 -27.48
N ARG C 282 -10.63 -10.62 -28.23
CA ARG C 282 -11.56 -9.67 -27.62
C ARG C 282 -12.95 -10.28 -27.41
N LEU C 283 -13.44 -10.22 -26.17
CA LEU C 283 -14.82 -10.60 -25.89
C LEU C 283 -15.78 -9.80 -26.74
N ALA C 284 -16.92 -10.41 -27.09
CA ALA C 284 -17.88 -9.73 -27.95
C ALA C 284 -18.43 -8.46 -27.31
N PHE C 285 -18.69 -8.51 -26.01
CA PHE C 285 -19.22 -7.35 -25.30
C PHE C 285 -19.03 -7.55 -23.79
N VAL C 286 -18.98 -6.42 -23.10
CA VAL C 286 -19.08 -6.42 -21.66
C VAL C 286 -20.46 -5.85 -21.35
N HIS C 287 -21.20 -6.53 -20.49
CA HIS C 287 -22.58 -6.20 -20.20
C HIS C 287 -22.67 -5.74 -18.75
N LEU C 288 -22.87 -4.45 -18.54
CA LEU C 288 -22.85 -3.85 -17.21
C LEU C 288 -24.25 -3.50 -16.74
N VAL C 289 -24.58 -3.91 -15.50
CA VAL C 289 -25.81 -3.45 -14.85
C VAL C 289 -25.58 -2.10 -14.22
N GLU C 290 -26.28 -1.10 -14.72
CA GLU C 290 -26.16 0.26 -14.20
C GLU C 290 -26.55 0.29 -12.73
N PRO C 291 -25.89 1.14 -11.92
CA PRO C 291 -26.36 1.34 -10.54
C PRO C 291 -27.76 1.93 -10.48
N ARG C 292 -28.35 2.25 -11.64
CA ARG C 292 -29.73 2.70 -11.74
C ARG C 292 -30.71 1.64 -11.21
N VAL C 293 -30.33 0.35 -11.27
CA VAL C 293 -31.10 -0.76 -10.72
C VAL C 293 -30.11 -1.72 -10.06
N THR C 294 -29.93 -1.61 -8.74
CA THR C 294 -29.06 -2.51 -7.96
C THR C 294 -29.81 -3.70 -7.39
N ASN C 295 -31.15 -3.73 -7.56
CA ASN C 295 -32.10 -4.80 -7.24
C ASN C 295 -33.17 -4.80 -8.33
N PRO C 296 -33.25 -5.85 -9.16
CA PRO C 296 -34.19 -5.80 -10.29
C PRO C 296 -35.66 -5.97 -9.89
N PHE C 297 -35.95 -6.40 -8.65
CA PHE C 297 -37.34 -6.61 -8.24
C PHE C 297 -37.94 -5.41 -7.52
N LEU C 298 -37.15 -4.39 -7.19
CA LEU C 298 -37.70 -3.15 -6.69
C LEU C 298 -38.25 -2.34 -7.87
N THR C 299 -39.37 -1.67 -7.66
CA THR C 299 -39.94 -0.80 -8.68
C THR C 299 -38.90 0.24 -9.11
N GLU C 300 -39.05 0.74 -10.34
CA GLU C 300 -38.01 1.59 -10.93
C GLU C 300 -37.84 2.87 -10.14
N GLY C 301 -36.58 3.23 -9.88
CA GLY C 301 -36.21 4.38 -9.09
C GLY C 301 -35.80 4.03 -7.67
N GLU C 302 -36.53 3.11 -7.04
CA GLU C 302 -36.14 2.60 -5.73
C GLU C 302 -34.96 1.66 -5.89
N GLY C 303 -34.02 1.76 -4.95
CA GLY C 303 -32.79 0.99 -5.03
C GLY C 303 -31.80 1.49 -6.08
N GLU C 304 -31.47 2.78 -6.04
CA GLU C 304 -30.62 3.37 -7.07
C GLU C 304 -29.47 4.12 -6.42
N TYR C 305 -28.25 3.63 -6.62
CA TYR C 305 -27.06 4.17 -5.94
C TYR C 305 -26.49 5.30 -6.79
N ASN C 306 -26.67 6.54 -6.34
CA ASN C 306 -26.14 7.69 -7.08
C ASN C 306 -24.73 8.05 -6.65
N GLY C 307 -24.08 7.21 -5.86
CA GLY C 307 -22.73 7.43 -5.39
C GLY C 307 -21.63 6.73 -6.16
N GLY C 308 -21.92 6.15 -7.33
CA GLY C 308 -20.90 5.59 -8.18
C GLY C 308 -21.44 5.41 -9.57
N SER C 309 -20.59 5.57 -10.57
CA SER C 309 -20.99 5.47 -11.97
C SER C 309 -20.18 4.40 -12.69
N ASN C 310 -20.79 3.79 -13.71
CA ASN C 310 -20.09 2.83 -14.56
C ASN C 310 -19.16 3.47 -15.57
N LYS C 311 -18.99 4.79 -15.56
CA LYS C 311 -18.15 5.43 -16.57
C LYS C 311 -16.74 4.85 -16.58
N PHE C 312 -16.27 4.31 -15.44
CA PHE C 312 -14.89 3.81 -15.38
C PHE C 312 -14.67 2.68 -16.39
N ALA C 313 -15.72 1.90 -16.72
CA ALA C 313 -15.56 0.83 -17.69
C ALA C 313 -15.02 1.35 -19.00
N TYR C 314 -15.53 2.48 -19.47
CA TYR C 314 -15.11 3.00 -20.75
C TYR C 314 -13.64 3.41 -20.77
N SER C 315 -13.02 3.61 -19.61
CA SER C 315 -11.61 3.95 -19.65
C SER C 315 -10.70 2.73 -19.68
N ILE C 316 -11.22 1.53 -19.48
CA ILE C 316 -10.38 0.34 -19.41
C ILE C 316 -10.73 -0.52 -20.61
N TRP C 317 -11.86 -1.21 -20.55
CA TRP C 317 -12.39 -1.98 -21.66
C TRP C 317 -12.77 -1.09 -22.83
N LYS C 318 -12.17 -1.34 -23.98
CA LYS C 318 -12.40 -0.51 -25.17
C LYS C 318 -13.45 -1.09 -26.12
N GLY C 319 -14.02 -2.27 -25.83
CA GLY C 319 -14.98 -2.86 -26.72
C GLY C 319 -16.40 -2.35 -26.57
N PRO C 320 -17.39 -3.13 -27.01
CA PRO C 320 -18.79 -2.78 -26.74
C PRO C 320 -19.18 -2.95 -25.28
N ILE C 321 -19.95 -1.99 -24.79
CA ILE C 321 -20.53 -2.05 -23.46
C ILE C 321 -22.03 -2.03 -23.64
N ILE C 322 -22.68 -3.10 -23.22
CA ILE C 322 -24.14 -3.12 -23.10
C ILE C 322 -24.47 -2.72 -21.67
N ARG C 323 -25.31 -1.72 -21.53
CA ARG C 323 -25.69 -1.22 -20.24
C ARG C 323 -27.19 -1.45 -20.09
N ALA C 324 -27.60 -1.80 -18.87
CA ALA C 324 -29.00 -2.13 -18.59
C ALA C 324 -29.42 -1.49 -17.27
N GLY C 325 -30.68 -1.04 -17.22
CA GLY C 325 -31.29 -0.66 -15.97
C GLY C 325 -32.14 0.59 -15.98
N ASN C 326 -33.46 0.43 -16.08
CA ASN C 326 -34.37 1.56 -15.95
C ASN C 326 -34.05 2.61 -17.00
N PHE C 327 -33.76 2.16 -18.21
CA PHE C 327 -33.58 3.03 -19.36
C PHE C 327 -34.85 3.18 -20.16
N ALA C 328 -35.80 2.26 -19.96
CA ALA C 328 -37.06 2.31 -20.70
C ALA C 328 -37.83 3.57 -20.35
N LEU C 329 -37.94 3.87 -19.06
CA LEU C 329 -38.69 5.02 -18.63
C LEU C 329 -37.86 6.30 -18.66
N HIS C 330 -36.68 6.28 -19.28
CA HIS C 330 -35.82 7.47 -19.32
C HIS C 330 -35.13 7.57 -20.67
N PRO C 331 -35.86 7.97 -21.71
CA PRO C 331 -35.23 8.19 -23.02
C PRO C 331 -34.22 9.32 -23.01
N GLU C 332 -34.45 10.36 -22.20
CA GLU C 332 -33.51 11.47 -22.12
C GLU C 332 -32.14 11.03 -21.64
N VAL C 333 -32.09 9.99 -20.81
CA VAL C 333 -30.81 9.46 -20.39
C VAL C 333 -30.17 8.69 -21.54
N VAL C 334 -30.93 7.82 -22.18
CA VAL C 334 -30.38 6.96 -23.24
C VAL C 334 -29.86 7.81 -24.40
N ARG C 335 -30.59 8.88 -24.76
CA ARG C 335 -30.14 9.76 -25.84
C ARG C 335 -28.75 10.30 -25.57
N GLU C 336 -28.44 10.62 -24.31
CA GLU C 336 -27.09 11.07 -23.97
C GLU C 336 -26.10 9.91 -23.93
N GLU C 337 -26.52 8.73 -23.50
CA GLU C 337 -25.58 7.61 -23.39
C GLU C 337 -25.20 7.03 -24.74
N VAL C 338 -26.16 6.88 -25.66
CA VAL C 338 -25.83 6.28 -26.94
C VAL C 338 -24.94 7.18 -27.77
N LYS C 339 -24.83 8.47 -27.43
CA LYS C 339 -23.87 9.32 -28.12
C LYS C 339 -22.52 8.62 -28.23
N ASP C 340 -22.09 7.96 -27.17
CA ASP C 340 -20.89 7.16 -27.23
C ASP C 340 -21.10 5.99 -28.18
N PRO C 341 -20.28 5.86 -29.24
CA PRO C 341 -20.60 4.93 -30.34
C PRO C 341 -20.26 3.47 -30.08
N ARG C 342 -19.93 3.08 -28.86
CA ARG C 342 -19.80 1.67 -28.53
C ARG C 342 -20.73 1.27 -27.40
N THR C 343 -21.70 2.12 -27.07
CA THR C 343 -22.68 1.83 -26.05
C THR C 343 -23.86 1.06 -26.66
N LEU C 344 -24.37 0.08 -25.92
CA LEU C 344 -25.70 -0.46 -26.18
C LEU C 344 -26.51 -0.43 -24.88
N ILE C 345 -27.83 -0.46 -25.05
CA ILE C 345 -28.78 -0.21 -23.97
C ILE C 345 -29.68 -1.42 -23.84
N GLY C 346 -29.57 -2.13 -22.71
CA GLY C 346 -30.43 -3.26 -22.45
C GLY C 346 -31.75 -2.82 -21.85
N TYR C 347 -32.84 -3.32 -22.40
CA TYR C 347 -34.16 -3.00 -21.89
C TYR C 347 -34.75 -4.25 -21.26
N GLY C 348 -34.93 -4.19 -19.94
CA GLY C 348 -35.31 -5.39 -19.22
C GLY C 348 -36.78 -5.59 -19.02
N ARG C 349 -37.32 -4.98 -17.96
CA ARG C 349 -38.71 -5.24 -17.58
C ARG C 349 -39.67 -4.89 -18.71
N PHE C 350 -39.46 -3.75 -19.36
CA PHE C 350 -40.38 -3.27 -20.38
C PHE C 350 -40.26 -4.03 -21.70
N PHE C 351 -39.29 -4.93 -21.82
CA PHE C 351 -39.23 -5.85 -22.93
C PHE C 351 -40.01 -7.12 -22.60
N ILE C 352 -40.20 -7.39 -21.30
CA ILE C 352 -41.13 -8.45 -20.88
C ILE C 352 -42.53 -8.14 -21.35
N SER C 353 -42.93 -6.86 -21.22
CA SER C 353 -44.27 -6.35 -21.44
C SER C 353 -44.52 -5.78 -22.84
N ASN C 354 -43.48 -5.49 -23.62
CA ASN C 354 -43.62 -4.93 -24.96
C ASN C 354 -42.85 -5.80 -25.97
N PRO C 355 -43.50 -6.67 -26.73
CA PRO C 355 -42.74 -7.49 -27.69
C PRO C 355 -42.11 -6.66 -28.80
N ASP C 356 -42.74 -5.54 -29.15
CA ASP C 356 -42.27 -4.65 -30.22
C ASP C 356 -41.54 -3.43 -29.67
N LEU C 357 -40.86 -3.56 -28.53
CA LEU C 357 -40.31 -2.39 -27.85
C LEU C 357 -39.36 -1.58 -28.72
N VAL C 358 -38.63 -2.24 -29.64
CA VAL C 358 -37.76 -1.52 -30.57
C VAL C 358 -38.56 -0.58 -31.46
N ASP C 359 -39.73 -1.02 -31.96
CA ASP C 359 -40.60 -0.11 -32.70
C ASP C 359 -41.04 1.08 -31.83
N ARG C 360 -41.37 0.81 -30.57
CA ARG C 360 -41.86 1.85 -29.67
C ARG C 360 -40.76 2.85 -29.32
N LEU C 361 -39.52 2.38 -29.18
CA LEU C 361 -38.43 3.28 -28.84
C LEU C 361 -38.00 4.15 -30.01
N GLU C 362 -38.22 3.71 -31.26
CA GLU C 362 -37.93 4.54 -32.41
C GLU C 362 -38.96 5.65 -32.56
N LYS C 363 -40.24 5.28 -32.59
CA LYS C 363 -41.32 6.19 -32.88
C LYS C 363 -41.82 6.96 -31.65
N GLY C 364 -41.23 6.75 -30.49
CA GLY C 364 -41.80 7.34 -29.29
C GLY C 364 -43.25 6.96 -29.04
N LEU C 365 -43.54 5.66 -29.07
CA LEU C 365 -44.87 5.15 -28.75
C LEU C 365 -44.93 4.96 -27.24
N PRO C 366 -46.11 4.77 -26.65
CA PRO C 366 -46.20 4.51 -25.21
C PRO C 366 -45.80 3.07 -24.89
N LEU C 367 -45.42 2.84 -23.64
CA LEU C 367 -44.94 1.53 -23.25
C LEU C 367 -46.04 0.77 -22.53
N ASN C 368 -46.08 -0.55 -22.75
CA ASN C 368 -47.04 -1.38 -22.02
C ASN C 368 -46.59 -1.54 -20.58
N LYS C 369 -47.53 -1.37 -19.66
CA LYS C 369 -47.25 -1.64 -18.26
C LYS C 369 -46.99 -3.13 -18.08
N TYR C 370 -46.06 -3.46 -17.22
CA TYR C 370 -45.75 -4.87 -16.97
C TYR C 370 -46.47 -5.35 -15.71
N ASP C 371 -46.71 -6.65 -15.65
CA ASP C 371 -47.41 -7.30 -14.54
C ASP C 371 -46.39 -8.06 -13.69
N ARG C 372 -45.92 -7.42 -12.61
CA ARG C 372 -44.87 -7.96 -11.76
C ARG C 372 -45.15 -9.36 -11.26
N ASP C 373 -46.42 -9.78 -11.28
CA ASP C 373 -46.85 -11.06 -10.73
C ASP C 373 -46.50 -12.21 -11.65
N THR C 374 -46.95 -12.14 -12.89
CA THR C 374 -46.63 -13.12 -13.91
C THR C 374 -45.20 -12.98 -14.44
N PHE C 375 -44.32 -12.22 -13.77
CA PHE C 375 -42.88 -12.39 -14.01
C PHE C 375 -42.48 -13.85 -13.86
N TYR C 376 -42.61 -14.38 -12.63
CA TYR C 376 -42.27 -15.76 -12.31
C TYR C 376 -43.60 -16.48 -12.18
N LYS C 377 -43.99 -17.27 -13.19
CA LYS C 377 -45.22 -18.04 -13.01
C LYS C 377 -45.36 -19.01 -14.17
N MET C 378 -45.89 -20.20 -13.87
CA MET C 378 -46.03 -21.24 -14.89
C MET C 378 -47.33 -21.00 -15.65
N SER C 379 -47.23 -20.12 -16.64
CA SER C 379 -48.45 -19.54 -17.19
C SER C 379 -48.12 -18.85 -18.51
N ALA C 380 -49.02 -19.00 -19.48
CA ALA C 380 -48.87 -18.25 -20.72
C ALA C 380 -49.13 -16.76 -20.50
N GLU C 381 -50.05 -16.42 -19.60
CA GLU C 381 -50.44 -15.03 -19.38
C GLU C 381 -49.35 -14.28 -18.62
N GLY C 382 -48.98 -13.11 -19.14
CA GLY C 382 -47.81 -12.40 -18.70
C GLY C 382 -46.53 -12.83 -19.38
N TYR C 383 -46.61 -13.85 -20.24
CA TYR C 383 -45.46 -14.41 -20.92
C TYR C 383 -45.56 -14.18 -22.42
N ILE C 384 -46.63 -14.67 -23.05
CA ILE C 384 -46.81 -14.55 -24.49
C ILE C 384 -47.98 -13.67 -24.89
N ASP C 385 -48.86 -13.27 -23.96
CA ASP C 385 -50.04 -12.48 -24.30
C ASP C 385 -49.81 -10.97 -24.12
N TYR C 386 -48.56 -10.52 -24.27
CA TYR C 386 -48.40 -9.07 -24.24
C TYR C 386 -48.59 -8.52 -25.65
N PRO C 387 -49.44 -7.51 -25.84
CA PRO C 387 -49.86 -7.12 -27.19
C PRO C 387 -48.91 -6.14 -27.85
N THR C 388 -48.78 -6.28 -29.15
CA THR C 388 -48.00 -5.31 -29.90
C THR C 388 -48.79 -3.99 -30.01
N TYR C 389 -48.08 -2.93 -30.42
CA TYR C 389 -48.70 -1.60 -30.43
C TYR C 389 -49.99 -1.60 -31.22
N GLU C 390 -50.00 -2.25 -32.40
CA GLU C 390 -51.24 -2.34 -33.16
C GLU C 390 -52.31 -3.10 -32.39
N GLU C 391 -51.91 -4.10 -31.58
CA GLU C 391 -52.89 -4.95 -30.91
C GLU C 391 -53.55 -4.25 -29.74
N ALA C 392 -52.78 -3.50 -28.95
CA ALA C 392 -53.36 -2.78 -27.81
C ALA C 392 -54.40 -1.76 -28.28
N LEU C 393 -54.10 -1.03 -29.37
CA LEU C 393 -55.04 -0.04 -29.90
C LEU C 393 -56.31 -0.71 -30.42
N LYS C 394 -56.17 -1.90 -31.03
CA LYS C 394 -57.34 -2.68 -31.45
C LYS C 394 -58.19 -3.10 -30.25
N LEU C 395 -57.60 -3.14 -29.06
CA LEU C 395 -58.30 -3.41 -27.82
C LEU C 395 -58.66 -2.08 -27.13
N PRO D 2 50.67 -41.51 -2.92
CA PRO D 2 50.89 -42.95 -2.74
C PRO D 2 49.53 -43.58 -2.42
N PHE D 3 49.47 -44.66 -1.65
CA PHE D 3 48.16 -45.11 -1.21
C PHE D 3 47.65 -44.26 -0.04
N VAL D 4 46.53 -44.69 0.55
CA VAL D 4 45.95 -44.03 1.73
C VAL D 4 46.48 -44.74 2.98
N LYS D 5 47.13 -43.98 3.86
CA LYS D 5 47.91 -44.57 4.95
C LYS D 5 47.01 -45.16 6.03
N ASP D 6 46.03 -44.37 6.52
CA ASP D 6 45.25 -44.72 7.71
C ASP D 6 43.97 -45.48 7.40
N PHE D 7 43.92 -46.24 6.29
CA PHE D 7 42.72 -46.95 5.84
C PHE D 7 42.93 -48.47 5.88
N LYS D 8 42.05 -49.14 6.63
CA LYS D 8 41.91 -50.60 6.60
C LYS D 8 40.80 -50.95 5.61
N PRO D 9 41.10 -51.49 4.43
CA PRO D 9 40.05 -51.71 3.42
C PRO D 9 39.13 -52.85 3.82
N GLN D 10 38.05 -53.01 3.06
CA GLN D 10 37.15 -54.13 3.29
C GLN D 10 36.49 -54.56 1.98
N ALA D 11 36.62 -55.84 1.64
CA ALA D 11 35.93 -56.39 0.48
C ALA D 11 34.44 -56.20 0.64
N LEU D 12 33.78 -55.73 -0.41
CA LEU D 12 32.37 -55.43 -0.34
C LEU D 12 31.56 -56.14 -1.42
N GLY D 13 32.19 -57.01 -2.21
CA GLY D 13 31.51 -57.70 -3.30
C GLY D 13 30.50 -58.74 -2.87
N ASP D 14 30.59 -59.21 -1.63
CA ASP D 14 29.54 -60.10 -1.13
C ASP D 14 28.22 -59.34 -1.02
N THR D 15 28.28 -58.03 -0.76
CA THR D 15 27.17 -57.19 -0.37
C THR D 15 26.30 -56.78 -1.55
N ASN D 16 25.19 -56.11 -1.25
CA ASN D 16 24.33 -55.68 -2.34
C ASN D 16 24.97 -54.62 -3.23
N LEU D 17 26.13 -54.07 -2.82
CA LEU D 17 26.79 -53.08 -3.66
C LEU D 17 27.14 -53.64 -5.02
N PHE D 18 27.30 -54.96 -5.15
CA PHE D 18 27.67 -55.60 -6.41
C PHE D 18 26.57 -56.48 -6.98
N LYS D 19 25.34 -56.28 -6.57
CA LYS D 19 24.17 -56.91 -7.17
C LYS D 19 23.66 -55.98 -8.26
N PRO D 20 23.29 -56.47 -9.45
CA PRO D 20 22.76 -55.56 -10.48
C PRO D 20 21.41 -54.98 -10.07
N ILE D 21 21.00 -53.93 -10.80
CA ILE D 21 19.79 -53.18 -10.50
C ILE D 21 19.44 -52.39 -11.76
N LYS D 22 18.15 -52.17 -12.00
CA LYS D 22 17.73 -51.31 -13.09
C LYS D 22 17.39 -49.92 -12.55
N ILE D 23 18.01 -48.92 -13.16
CA ILE D 23 17.83 -47.50 -12.87
C ILE D 23 17.41 -46.84 -14.17
N GLY D 24 16.16 -46.41 -14.23
CA GLY D 24 15.68 -45.87 -15.48
C GLY D 24 15.78 -46.95 -16.52
N ASN D 25 16.23 -46.56 -17.71
CA ASN D 25 16.44 -47.49 -18.81
C ASN D 25 17.68 -48.36 -18.64
N ASN D 26 18.55 -48.10 -17.65
CA ASN D 26 19.85 -48.74 -17.58
C ASN D 26 19.86 -49.94 -16.65
N GLU D 27 20.58 -50.99 -17.07
CA GLU D 27 20.78 -52.17 -16.25
C GLU D 27 22.17 -52.12 -15.63
N LEU D 28 22.29 -51.35 -14.54
CA LEU D 28 23.53 -51.34 -13.79
C LEU D 28 23.93 -52.78 -13.46
N LEU D 29 25.24 -53.01 -13.37
CA LEU D 29 25.76 -54.29 -12.86
C LEU D 29 26.27 -54.17 -11.43
N HIS D 30 26.52 -52.95 -10.96
CA HIS D 30 26.90 -52.69 -9.60
C HIS D 30 26.26 -51.38 -9.17
N ARG D 31 26.16 -51.18 -7.86
CA ARG D 31 25.44 -50.04 -7.31
C ARG D 31 26.36 -48.94 -6.82
N ALA D 32 27.64 -48.99 -7.16
CA ALA D 32 28.50 -47.83 -6.98
C ALA D 32 28.21 -46.86 -8.10
N VAL D 33 28.01 -45.60 -7.73
CA VAL D 33 27.67 -44.54 -8.67
C VAL D 33 28.77 -43.50 -8.63
N ILE D 34 29.12 -42.97 -9.79
CA ILE D 34 29.93 -41.77 -9.91
C ILE D 34 29.02 -40.55 -9.80
N PRO D 35 29.05 -39.83 -8.69
CA PRO D 35 28.27 -38.62 -8.55
C PRO D 35 28.82 -37.52 -9.44
N PRO D 36 28.05 -36.45 -9.64
CA PRO D 36 28.56 -35.29 -10.38
C PRO D 36 29.78 -34.67 -9.72
N LEU D 37 30.86 -34.58 -10.49
CA LEU D 37 32.16 -34.08 -10.04
C LEU D 37 32.65 -33.04 -11.05
N THR D 38 32.34 -31.76 -10.80
CA THR D 38 32.89 -30.69 -11.62
C THR D 38 34.41 -30.64 -11.49
N ARG D 39 35.10 -30.76 -12.62
CA ARG D 39 36.56 -30.76 -12.60
C ARG D 39 37.18 -29.42 -13.03
N MET D 40 36.44 -28.57 -13.74
CA MET D 40 36.94 -27.25 -14.19
C MET D 40 38.01 -27.38 -15.27
N ARG D 41 37.79 -28.31 -16.19
CA ARG D 41 38.63 -28.48 -17.37
C ARG D 41 37.95 -28.02 -18.65
N ALA D 42 36.80 -27.37 -18.55
CA ALA D 42 36.16 -26.87 -19.76
C ALA D 42 36.99 -25.77 -20.38
N GLN D 43 36.83 -25.62 -21.70
CA GLN D 43 37.66 -24.72 -22.51
C GLN D 43 36.97 -23.38 -22.67
N HIS D 44 37.56 -22.35 -22.09
CA HIS D 44 37.11 -21.00 -22.37
C HIS D 44 37.82 -20.50 -23.60
N PRO D 45 37.12 -19.93 -24.58
CA PRO D 45 35.74 -19.47 -24.54
C PRO D 45 34.71 -20.53 -24.87
N GLY D 46 33.47 -20.31 -24.41
CA GLY D 46 32.34 -21.07 -24.89
C GLY D 46 32.03 -22.33 -24.13
N ASN D 47 32.80 -22.64 -23.08
CA ASN D 47 32.48 -23.72 -22.14
C ASN D 47 32.38 -25.07 -22.86
N ILE D 48 33.35 -25.33 -23.72
CA ILE D 48 33.40 -26.62 -24.40
C ILE D 48 34.10 -27.64 -23.50
N PRO D 49 33.56 -28.85 -23.36
CA PRO D 49 34.27 -29.87 -22.59
C PRO D 49 35.57 -30.27 -23.28
N ASN D 50 36.55 -30.66 -22.46
CA ASN D 50 37.94 -30.76 -22.92
C ASN D 50 38.09 -31.72 -24.09
N ARG D 51 38.53 -31.18 -25.24
CA ARG D 51 38.77 -31.99 -26.43
C ARG D 51 40.06 -32.79 -26.35
N ASP D 52 40.80 -32.67 -25.24
CA ASP D 52 42.05 -33.37 -25.01
C ASP D 52 41.97 -34.42 -23.91
N TRP D 53 41.20 -34.17 -22.86
CA TRP D 53 41.27 -35.01 -21.65
C TRP D 53 39.91 -35.49 -21.17
N ALA D 54 38.81 -34.87 -21.61
CA ALA D 54 37.51 -35.24 -21.05
C ALA D 54 37.13 -36.64 -21.43
N VAL D 55 37.47 -37.06 -22.65
CA VAL D 55 37.03 -38.36 -23.12
C VAL D 55 37.84 -39.47 -22.46
N GLU D 56 39.16 -39.27 -22.32
CA GLU D 56 39.95 -40.24 -21.57
C GLU D 56 39.55 -40.26 -20.10
N TYR D 57 39.19 -39.09 -19.54
CA TYR D 57 38.79 -38.99 -18.13
C TYR D 57 37.52 -39.78 -17.83
N TYR D 58 36.45 -39.53 -18.59
CA TYR D 58 35.21 -40.25 -18.37
C TYR D 58 35.30 -41.73 -18.75
N ALA D 59 36.11 -42.08 -19.77
CA ALA D 59 36.20 -43.46 -20.22
C ALA D 59 37.14 -44.28 -19.35
N GLN D 60 38.14 -43.63 -18.73
CA GLN D 60 38.94 -44.29 -17.71
C GLN D 60 38.06 -44.85 -16.60
N ARG D 61 37.12 -44.03 -16.10
CA ARG D 61 36.35 -44.37 -14.92
C ARG D 61 35.15 -45.25 -15.23
N ALA D 62 34.76 -45.33 -16.49
CA ALA D 62 33.78 -46.29 -16.99
C ALA D 62 34.33 -47.72 -17.11
N GLN D 63 35.55 -47.98 -16.65
CA GLN D 63 36.21 -49.24 -16.96
C GLN D 63 35.57 -50.44 -16.26
N ARG D 64 34.79 -50.22 -15.20
CA ARG D 64 34.00 -51.32 -14.68
C ARG D 64 32.68 -51.33 -15.44
N PRO D 65 32.37 -52.40 -16.15
CA PRO D 65 31.15 -52.41 -16.96
C PRO D 65 29.92 -52.39 -16.06
N GLY D 66 28.91 -51.68 -16.52
CA GLY D 66 27.70 -51.48 -15.75
C GLY D 66 27.84 -50.46 -14.66
N THR D 67 28.55 -49.36 -14.92
CA THR D 67 28.69 -48.27 -13.96
C THR D 67 27.71 -47.16 -14.31
N LEU D 68 27.00 -46.65 -13.30
CA LEU D 68 26.25 -45.41 -13.44
C LEU D 68 27.16 -44.22 -13.18
N ILE D 69 27.35 -43.39 -14.21
CA ILE D 69 28.22 -42.22 -14.15
C ILE D 69 27.38 -41.00 -14.41
N ILE D 70 27.47 -40.02 -13.50
CA ILE D 70 26.82 -38.73 -13.68
C ILE D 70 27.91 -37.71 -13.97
N THR D 71 27.74 -37.00 -15.09
CA THR D 71 28.71 -36.02 -15.53
C THR D 71 28.81 -34.86 -14.53
N GLU D 72 29.81 -34.01 -14.74
CA GLU D 72 29.94 -32.79 -13.97
C GLU D 72 28.71 -31.91 -14.19
N GLY D 73 28.59 -30.87 -13.35
CA GLY D 73 27.53 -29.91 -13.53
C GLY D 73 27.63 -29.22 -14.87
N THR D 74 26.59 -29.34 -15.70
CA THR D 74 26.61 -28.91 -17.09
C THR D 74 25.56 -27.82 -17.27
N PHE D 75 26.00 -26.60 -17.62
CA PHE D 75 25.09 -25.45 -17.75
C PHE D 75 24.07 -25.66 -18.87
N PRO D 76 22.76 -25.47 -18.61
CA PRO D 76 21.78 -25.57 -19.70
C PRO D 76 21.77 -24.39 -20.64
N SER D 77 22.46 -23.31 -20.31
CA SER D 77 22.49 -22.13 -21.17
C SER D 77 23.53 -21.15 -20.64
N PRO D 78 23.92 -20.13 -21.41
CA PRO D 78 24.85 -19.12 -20.87
C PRO D 78 24.37 -18.42 -19.61
N GLN D 79 23.08 -18.11 -19.52
CA GLN D 79 22.58 -17.41 -18.35
C GLN D 79 22.73 -18.26 -17.10
N SER D 80 22.77 -19.58 -17.26
CA SER D 80 22.78 -20.52 -16.16
C SER D 80 24.15 -20.65 -15.51
N GLY D 81 25.20 -20.24 -16.19
CA GLY D 81 26.54 -20.42 -15.70
C GLY D 81 27.11 -19.13 -15.17
N GLY D 82 28.44 -19.01 -15.30
CA GLY D 82 29.15 -17.89 -14.73
C GLY D 82 30.58 -18.26 -14.43
N TYR D 83 30.87 -19.56 -14.49
CA TYR D 83 32.22 -20.06 -14.43
C TYR D 83 32.68 -20.26 -15.86
N ASP D 84 33.86 -19.72 -16.20
CA ASP D 84 34.32 -19.85 -17.57
C ASP D 84 34.70 -21.29 -17.91
N ASN D 85 35.04 -22.10 -16.90
CA ASN D 85 35.65 -23.40 -17.14
C ASN D 85 34.76 -24.55 -16.66
N ALA D 86 33.47 -24.37 -16.70
CA ALA D 86 32.62 -25.54 -16.59
C ALA D 86 31.89 -25.77 -17.91
N PRO D 87 31.40 -26.98 -18.16
CA PRO D 87 30.87 -27.31 -19.49
C PRO D 87 29.40 -26.93 -19.63
N GLY D 88 29.01 -26.69 -20.89
CA GLY D 88 27.63 -26.43 -21.25
C GLY D 88 27.07 -27.56 -22.11
N ILE D 89 25.83 -27.38 -22.51
CA ILE D 89 25.19 -28.35 -23.41
C ILE D 89 24.09 -27.63 -24.16
N TRP D 90 24.32 -26.34 -24.44
CA TRP D 90 23.32 -25.56 -25.14
C TRP D 90 23.65 -25.37 -26.59
N SER D 91 24.94 -25.39 -26.93
CA SER D 91 25.45 -25.00 -28.24
C SER D 91 25.79 -26.24 -29.06
N GLU D 92 25.92 -26.05 -30.38
CA GLU D 92 26.34 -27.16 -31.24
C GLU D 92 27.71 -27.68 -30.84
N GLU D 93 28.71 -26.82 -30.90
CA GLU D 93 30.04 -27.03 -30.33
C GLU D 93 30.11 -28.05 -29.21
N GLN D 94 29.47 -27.69 -28.09
CA GLN D 94 29.58 -28.45 -26.86
C GLN D 94 28.91 -29.82 -26.97
N ILE D 95 27.84 -29.90 -27.76
CA ILE D 95 27.16 -31.18 -27.90
C ILE D 95 28.04 -32.16 -28.65
N LYS D 96 28.78 -31.68 -29.65
CA LYS D 96 29.69 -32.58 -30.36
C LYS D 96 30.61 -33.26 -29.35
N GLU D 97 31.18 -32.46 -28.44
CA GLU D 97 32.15 -33.01 -27.51
C GLU D 97 31.48 -33.90 -26.48
N TRP D 98 30.24 -33.59 -26.13
CA TRP D 98 29.51 -34.48 -25.23
C TRP D 98 29.28 -35.84 -25.87
N THR D 99 28.87 -35.86 -27.15
CA THR D 99 28.53 -37.13 -27.78
C THR D 99 29.72 -38.06 -27.74
N LYS D 100 30.93 -37.51 -27.85
CA LYS D 100 32.14 -38.33 -27.80
C LYS D 100 32.33 -38.94 -26.42
N ILE D 101 32.08 -38.16 -25.37
CA ILE D 101 32.17 -38.65 -24.00
C ILE D 101 31.18 -39.79 -23.77
N PHE D 102 29.95 -39.63 -24.28
CA PHE D 102 28.94 -40.68 -24.09
C PHE D 102 29.32 -41.94 -24.87
N LYS D 103 29.78 -41.78 -26.10
CA LYS D 103 30.23 -42.94 -26.85
C LYS D 103 31.34 -43.67 -26.10
N ALA D 104 32.24 -42.93 -25.46
CA ALA D 104 33.30 -43.58 -24.70
C ALA D 104 32.76 -44.27 -23.45
N ILE D 105 31.69 -43.74 -22.87
CA ILE D 105 31.14 -44.35 -21.67
C ILE D 105 30.34 -45.58 -22.05
N HIS D 106 29.59 -45.48 -23.15
CA HIS D 106 28.80 -46.59 -23.64
C HIS D 106 29.69 -47.76 -24.02
N GLU D 107 30.78 -47.47 -24.73
CA GLU D 107 31.60 -48.54 -25.25
C GLU D 107 32.25 -49.33 -24.13
N ASN D 108 32.44 -48.71 -22.99
CA ASN D 108 32.88 -49.49 -21.86
C ASN D 108 31.74 -50.22 -21.20
N LYS D 109 30.57 -50.25 -21.83
CA LYS D 109 29.40 -50.93 -21.30
C LYS D 109 28.98 -50.27 -19.98
N SER D 110 28.88 -48.94 -20.01
CA SER D 110 28.56 -48.14 -18.84
C SER D 110 27.48 -47.14 -19.23
N PHE D 111 27.08 -46.28 -18.27
CA PHE D 111 25.95 -45.36 -18.50
C PHE D 111 26.31 -43.93 -18.14
N ALA D 112 25.58 -43.00 -18.74
CA ALA D 112 25.95 -41.59 -18.72
C ALA D 112 24.72 -40.74 -18.47
N TRP D 113 24.71 -40.02 -17.34
CA TRP D 113 23.63 -39.09 -17.00
C TRP D 113 24.25 -37.70 -16.83
N VAL D 114 23.63 -36.69 -17.45
CA VAL D 114 24.16 -35.33 -17.41
C VAL D 114 23.49 -34.57 -16.28
N GLN D 115 24.30 -33.88 -15.46
CA GLN D 115 23.78 -33.04 -14.37
C GLN D 115 23.53 -31.62 -14.86
N LEU D 116 22.26 -31.20 -14.84
CA LEU D 116 21.86 -29.88 -15.32
C LEU D 116 22.00 -28.85 -14.19
N TRP D 117 22.96 -27.95 -14.35
CA TRP D 117 23.52 -27.14 -13.27
C TRP D 117 23.18 -25.69 -13.58
N VAL D 118 22.36 -25.06 -12.76
CA VAL D 118 22.17 -23.62 -12.84
C VAL D 118 22.70 -23.02 -11.53
N LEU D 119 23.53 -21.98 -11.65
CA LEU D 119 24.33 -21.53 -10.51
C LEU D 119 23.53 -20.65 -9.53
N GLY D 120 22.67 -19.79 -10.04
CA GLY D 120 22.05 -18.84 -9.14
C GLY D 120 23.14 -17.92 -8.61
N TRP D 121 23.23 -17.83 -7.29
CA TRP D 121 24.10 -16.87 -6.65
C TRP D 121 25.51 -17.39 -6.42
N ALA D 122 25.77 -18.65 -6.73
CA ALA D 122 27.13 -19.13 -6.62
C ALA D 122 27.97 -18.69 -7.81
N ALA D 123 27.34 -18.29 -8.90
CA ALA D 123 27.99 -17.73 -10.09
C ALA D 123 28.90 -16.56 -9.71
N PHE D 124 29.91 -16.31 -10.55
CA PHE D 124 30.75 -15.12 -10.39
C PHE D 124 30.11 -13.93 -11.09
N PRO D 125 29.86 -12.82 -10.38
CA PRO D 125 29.05 -11.74 -10.95
C PRO D 125 29.86 -10.89 -11.93
N ASP D 126 31.13 -10.65 -11.60
CA ASP D 126 32.01 -9.97 -12.53
C ASP D 126 32.06 -10.68 -13.87
N THR D 127 32.22 -12.01 -13.83
CA THR D 127 32.25 -12.81 -15.05
C THR D 127 30.96 -12.70 -15.85
N LEU D 128 29.82 -12.92 -15.18
CA LEU D 128 28.52 -12.76 -15.84
C LEU D 128 28.37 -11.38 -16.45
N ALA D 129 28.98 -10.36 -15.84
CA ALA D 129 28.88 -9.00 -16.39
C ALA D 129 29.66 -8.87 -17.71
N ARG D 130 30.85 -9.48 -17.76
CA ARG D 130 31.63 -9.48 -19.01
C ARG D 130 30.82 -10.03 -20.17
N ASP D 131 29.93 -10.98 -19.90
CA ASP D 131 29.06 -11.59 -20.90
C ASP D 131 27.64 -11.03 -20.84
N GLY D 132 27.45 -9.91 -20.12
CA GLY D 132 26.21 -9.18 -20.10
C GLY D 132 25.01 -10.00 -19.68
N LEU D 133 25.16 -10.74 -18.58
CA LEU D 133 24.11 -11.58 -18.03
C LEU D 133 23.79 -11.19 -16.59
N ARG D 134 22.54 -11.41 -16.22
CA ARG D 134 22.06 -11.11 -14.88
C ARG D 134 22.77 -11.99 -13.87
N TYR D 135 22.95 -11.46 -12.69
CA TYR D 135 23.35 -12.30 -11.56
C TYR D 135 22.05 -12.69 -10.86
N ASP D 136 21.60 -13.94 -11.04
CA ASP D 136 20.26 -14.36 -10.65
C ASP D 136 20.25 -15.10 -9.32
N SER D 137 19.12 -15.00 -8.61
CA SER D 137 18.86 -15.75 -7.38
C SER D 137 17.39 -15.61 -6.99
N ALA D 138 17.04 -16.20 -5.84
CA ALA D 138 15.66 -16.25 -5.42
C ALA D 138 15.20 -14.88 -4.94
N SER D 139 15.95 -14.27 -4.04
CA SER D 139 15.75 -12.89 -3.62
C SER D 139 16.82 -12.02 -4.23
N ASP D 140 16.76 -10.73 -3.88
CA ASP D 140 17.86 -9.81 -4.08
C ASP D 140 18.26 -9.05 -2.84
N ASN D 141 17.51 -9.16 -1.73
CA ASN D 141 17.94 -8.57 -0.47
C ASN D 141 18.59 -9.56 0.49
N VAL D 142 19.05 -10.70 0.00
CA VAL D 142 19.94 -11.56 0.76
C VAL D 142 20.99 -12.05 -0.22
N TYR D 143 22.26 -12.06 0.22
CA TYR D 143 23.40 -12.46 -0.61
C TYR D 143 24.03 -13.70 -0.02
N MET D 144 24.89 -14.32 -0.82
CA MET D 144 25.54 -15.54 -0.35
C MET D 144 26.57 -15.23 0.72
N ASN D 145 27.33 -14.15 0.54
CA ASN D 145 28.41 -13.81 1.47
C ASN D 145 28.96 -12.42 1.12
N ALA D 146 29.92 -11.97 1.95
CA ALA D 146 30.50 -10.64 1.77
C ALA D 146 31.12 -10.49 0.39
N GLU D 147 32.04 -11.41 0.06
CA GLU D 147 32.83 -11.32 -1.16
C GLU D 147 31.94 -11.22 -2.40
N GLN D 148 30.85 -11.98 -2.44
CA GLN D 148 30.00 -11.96 -3.63
C GLN D 148 29.26 -10.63 -3.77
N GLU D 149 28.86 -10.05 -2.64
CA GLU D 149 28.12 -8.79 -2.67
C GLU D 149 28.99 -7.65 -3.16
N GLU D 150 30.26 -7.64 -2.74
CA GLU D 150 31.18 -6.64 -3.28
C GLU D 150 31.44 -6.90 -4.76
N LYS D 151 31.77 -8.14 -5.12
CA LYS D 151 31.99 -8.45 -6.53
C LYS D 151 30.82 -8.00 -7.38
N ALA D 152 29.59 -8.27 -6.92
CA ALA D 152 28.42 -7.87 -7.69
C ALA D 152 28.37 -6.36 -7.89
N LYS D 153 28.52 -5.59 -6.80
CA LYS D 153 28.43 -4.14 -6.88
C LYS D 153 29.61 -3.55 -7.65
N LYS D 154 30.82 -4.01 -7.35
CA LYS D 154 31.97 -3.46 -8.06
C LYS D 154 31.83 -3.68 -9.57
N ALA D 155 30.97 -4.60 -9.99
CA ALA D 155 30.79 -4.98 -11.38
C ALA D 155 29.56 -4.34 -11.99
N ASN D 156 28.78 -3.62 -11.18
CA ASN D 156 27.48 -3.07 -11.57
C ASN D 156 26.53 -4.17 -12.04
N ASN D 157 26.66 -5.35 -11.46
CA ASN D 157 25.78 -6.48 -11.72
C ASN D 157 25.17 -6.88 -10.39
N PRO D 158 24.23 -6.09 -9.88
CA PRO D 158 23.60 -6.45 -8.61
C PRO D 158 22.71 -7.67 -8.76
N GLN D 159 22.63 -8.45 -7.68
CA GLN D 159 21.80 -9.65 -7.66
C GLN D 159 20.37 -9.30 -8.02
N HIS D 160 19.63 -10.30 -8.48
CA HIS D 160 18.34 -10.05 -9.11
C HIS D 160 17.38 -11.18 -8.75
N SER D 161 16.27 -10.83 -8.13
CA SER D 161 15.17 -11.73 -7.84
C SER D 161 14.45 -12.04 -9.17
N ILE D 162 14.61 -13.26 -9.72
CA ILE D 162 14.10 -13.55 -11.05
C ILE D 162 12.59 -13.51 -11.08
N THR D 163 12.04 -12.91 -12.14
CA THR D 163 10.60 -12.67 -12.27
C THR D 163 9.90 -14.02 -12.38
N LYS D 164 8.62 -14.02 -12.73
CA LYS D 164 7.99 -15.29 -13.01
C LYS D 164 8.26 -15.74 -14.44
N ASP D 165 8.52 -14.78 -15.33
CA ASP D 165 8.90 -15.15 -16.70
C ASP D 165 10.31 -15.69 -16.75
N GLU D 166 11.25 -15.05 -16.04
CA GLU D 166 12.63 -15.52 -16.08
C GLU D 166 12.77 -16.87 -15.41
N ILE D 167 11.81 -17.28 -14.59
CA ILE D 167 11.74 -18.67 -14.17
C ILE D 167 11.24 -19.55 -15.30
N LYS D 168 10.17 -19.14 -15.97
CA LYS D 168 9.72 -19.89 -17.14
C LYS D 168 10.82 -20.01 -18.17
N GLN D 169 11.66 -18.97 -18.29
CA GLN D 169 12.76 -19.04 -19.23
C GLN D 169 13.76 -20.13 -18.81
N TYR D 170 14.06 -20.21 -17.52
CA TYR D 170 14.99 -21.22 -17.01
C TYR D 170 14.41 -22.61 -17.14
N VAL D 171 13.09 -22.73 -17.00
CA VAL D 171 12.44 -23.99 -17.27
C VAL D 171 12.62 -24.36 -18.73
N LYS D 172 12.33 -23.43 -19.64
CA LYS D 172 12.61 -23.67 -21.05
C LYS D 172 14.02 -24.22 -21.27
N GLU D 173 15.02 -23.56 -20.71
CA GLU D 173 16.42 -23.90 -21.00
C GLU D 173 16.80 -25.26 -20.45
N TYR D 174 16.46 -25.54 -19.18
CA TYR D 174 16.50 -26.90 -18.66
C TYR D 174 15.99 -27.90 -19.68
N VAL D 175 14.73 -27.74 -20.09
CA VAL D 175 14.10 -28.70 -20.98
C VAL D 175 14.92 -28.86 -22.25
N GLN D 176 15.32 -27.75 -22.86
CA GLN D 176 16.13 -27.86 -24.06
C GLN D 176 17.42 -28.63 -23.80
N ALA D 177 18.14 -28.28 -22.74
CA ALA D 177 19.39 -28.98 -22.42
C ALA D 177 19.13 -30.46 -22.23
N ALA D 178 18.06 -30.80 -21.51
CA ALA D 178 17.72 -32.19 -21.27
C ALA D 178 17.47 -32.91 -22.59
N LYS D 179 16.86 -32.21 -23.56
CA LYS D 179 16.67 -32.79 -24.88
C LYS D 179 17.99 -32.89 -25.65
N ASN D 180 18.84 -31.87 -25.57
CA ASN D 180 20.18 -31.96 -26.16
C ASN D 180 20.95 -33.16 -25.65
N SER D 181 20.90 -33.40 -24.32
CA SER D 181 21.68 -34.48 -23.71
C SER D 181 21.26 -35.84 -24.22
N ILE D 182 19.95 -36.12 -24.25
CA ILE D 182 19.50 -37.37 -24.86
C ILE D 182 19.92 -37.43 -26.32
N ALA D 183 19.64 -36.35 -27.06
CA ALA D 183 20.08 -36.25 -28.45
C ALA D 183 21.56 -36.52 -28.60
N ALA D 184 22.39 -35.96 -27.72
CA ALA D 184 23.82 -36.20 -27.80
C ALA D 184 24.19 -37.63 -27.38
N GLY D 185 23.27 -38.39 -26.81
CA GLY D 185 23.53 -39.77 -26.49
C GLY D 185 23.41 -40.16 -25.03
N ALA D 186 23.15 -39.25 -24.10
CA ALA D 186 23.04 -39.63 -22.71
C ALA D 186 21.88 -40.60 -22.51
N ASP D 187 21.94 -41.32 -21.40
CA ASP D 187 20.85 -42.18 -20.95
C ASP D 187 19.82 -41.44 -20.09
N GLY D 188 20.19 -40.29 -19.52
CA GLY D 188 19.22 -39.47 -18.81
C GLY D 188 19.90 -38.26 -18.24
N VAL D 189 19.10 -37.45 -17.53
CA VAL D 189 19.60 -36.25 -16.89
C VAL D 189 19.25 -36.25 -15.42
N GLU D 190 20.06 -35.52 -14.67
CA GLU D 190 19.88 -35.28 -13.25
C GLU D 190 19.71 -33.79 -13.05
N ILE D 191 18.60 -33.39 -12.44
CA ILE D 191 18.38 -31.98 -12.10
C ILE D 191 19.09 -31.67 -10.79
N HIS D 192 20.09 -30.79 -10.86
CA HIS D 192 20.79 -30.33 -9.68
C HIS D 192 19.89 -29.38 -8.92
N SER D 193 19.46 -29.78 -7.71
CA SER D 193 18.64 -29.00 -6.80
C SER D 193 19.21 -29.11 -5.41
N ALA D 194 20.51 -28.92 -5.31
CA ALA D 194 21.25 -29.27 -4.11
C ALA D 194 22.49 -28.40 -4.02
N ASN D 195 23.23 -28.58 -2.93
CA ASN D 195 24.48 -27.87 -2.62
C ASN D 195 24.44 -26.37 -2.86
N GLY D 196 23.26 -25.78 -2.94
CA GLY D 196 23.18 -24.35 -2.86
C GLY D 196 23.20 -23.62 -4.18
N TYR D 197 22.68 -24.25 -5.24
CA TYR D 197 22.57 -23.59 -6.53
C TYR D 197 21.13 -23.10 -6.72
N LEU D 198 20.81 -22.60 -7.90
CA LEU D 198 19.59 -21.82 -8.06
C LEU D 198 18.36 -22.53 -7.50
N LEU D 199 18.22 -23.82 -7.74
CA LEU D 199 17.05 -24.49 -7.20
C LEU D 199 17.11 -24.55 -5.67
N ASN D 200 18.24 -24.97 -5.09
CA ASN D 200 18.33 -25.04 -3.64
C ASN D 200 18.12 -23.66 -3.01
N GLN D 201 18.46 -22.60 -3.73
CA GLN D 201 18.22 -21.26 -3.22
C GLN D 201 16.73 -20.96 -3.21
N PHE D 202 15.97 -21.52 -4.16
CA PHE D 202 14.53 -21.42 -4.05
C PHE D 202 13.97 -22.36 -3.01
N LEU D 203 14.68 -23.43 -2.67
CA LEU D 203 14.19 -24.36 -1.66
C LEU D 203 14.34 -23.80 -0.26
N ASP D 204 15.45 -23.07 -0.01
CA ASP D 204 15.94 -22.81 1.33
C ASP D 204 15.46 -21.46 1.84
N PRO D 205 14.70 -21.41 2.94
CA PRO D 205 14.11 -20.15 3.34
C PRO D 205 15.11 -19.05 3.71
N HIS D 206 16.36 -19.38 4.09
CA HIS D 206 17.31 -18.28 4.33
C HIS D 206 17.46 -17.39 3.10
N SER D 207 17.38 -17.97 1.90
CA SER D 207 17.57 -17.21 0.68
C SER D 207 16.30 -16.93 -0.10
N ASN D 208 15.19 -17.61 0.20
CA ASN D 208 13.97 -17.40 -0.57
C ASN D 208 13.05 -16.49 0.26
N ASN D 209 13.27 -15.18 0.12
CA ASN D 209 12.47 -14.16 0.78
C ASN D 209 11.37 -13.63 -0.12
N ARG D 210 10.81 -14.48 -0.95
CA ARG D 210 9.76 -14.00 -1.81
C ARG D 210 8.43 -14.21 -1.09
N THR D 211 7.39 -13.59 -1.61
CA THR D 211 6.03 -13.89 -1.16
C THR D 211 5.15 -14.37 -2.29
N ASP D 212 5.63 -14.28 -3.53
CA ASP D 212 4.91 -14.74 -4.71
C ASP D 212 4.85 -16.26 -4.73
N GLU D 213 4.32 -16.82 -5.80
CA GLU D 213 4.08 -18.26 -5.95
C GLU D 213 5.33 -19.10 -5.70
N TYR D 214 6.48 -18.46 -5.56
CA TYR D 214 7.74 -19.16 -5.37
C TYR D 214 8.38 -18.80 -4.03
N GLY D 215 7.59 -18.47 -3.01
CA GLY D 215 8.21 -18.08 -1.75
C GLY D 215 7.25 -17.99 -0.58
N GLY D 216 7.81 -18.17 0.61
CA GLY D 216 7.08 -17.97 1.85
C GLY D 216 6.23 -19.13 2.30
N SER D 217 6.29 -20.27 1.64
CA SER D 217 5.64 -21.47 2.11
C SER D 217 6.48 -22.67 1.67
N ILE D 218 6.31 -23.81 2.35
CA ILE D 218 6.94 -25.03 1.85
C ILE D 218 6.56 -25.23 0.40
N GLU D 219 5.26 -25.17 0.13
CA GLU D 219 4.73 -25.45 -1.20
C GLU D 219 5.26 -24.49 -2.26
N ASN D 220 5.55 -23.24 -1.90
CA ASN D 220 5.99 -22.29 -2.92
C ASN D 220 7.49 -22.40 -3.18
N ARG D 221 8.31 -22.61 -2.15
CA ARG D 221 9.73 -22.75 -2.39
C ARG D 221 10.04 -24.00 -3.22
N ALA D 222 9.24 -25.06 -3.04
CA ALA D 222 9.36 -26.27 -3.82
C ALA D 222 8.82 -26.13 -5.24
N ARG D 223 8.18 -25.01 -5.57
CA ARG D 223 7.51 -24.93 -6.86
C ARG D 223 8.52 -24.89 -8.01
N PHE D 224 9.64 -24.21 -7.82
CA PHE D 224 10.56 -24.09 -8.95
C PHE D 224 11.21 -25.43 -9.27
N THR D 225 11.62 -26.19 -8.24
CA THR D 225 12.22 -27.51 -8.47
C THR D 225 11.22 -28.47 -9.09
N LEU D 226 9.97 -28.42 -8.66
CA LEU D 226 9.01 -29.35 -9.23
C LEU D 226 8.62 -28.93 -10.64
N GLU D 227 8.62 -27.63 -10.92
CA GLU D 227 8.32 -27.16 -12.26
C GLU D 227 9.34 -27.68 -13.29
N VAL D 228 10.62 -27.66 -12.91
CA VAL D 228 11.67 -28.17 -13.78
C VAL D 228 11.56 -29.69 -13.93
N VAL D 229 11.47 -30.42 -12.83
CA VAL D 229 11.35 -31.87 -12.95
C VAL D 229 10.15 -32.24 -13.80
N ASP D 230 9.03 -31.55 -13.59
CA ASP D 230 7.83 -31.81 -14.39
C ASP D 230 8.09 -31.57 -15.87
N ALA D 231 8.72 -30.44 -16.19
CA ALA D 231 8.84 -30.03 -17.58
C ALA D 231 9.83 -30.89 -18.33
N VAL D 232 10.93 -31.23 -17.67
CA VAL D 232 11.87 -32.16 -18.24
C VAL D 232 11.25 -33.54 -18.40
N VAL D 233 10.54 -34.03 -17.38
CA VAL D 233 9.90 -35.34 -17.50
C VAL D 233 8.91 -35.36 -18.65
N ASP D 234 8.08 -34.32 -18.80
CA ASP D 234 7.20 -34.34 -19.95
C ASP D 234 7.94 -34.20 -21.28
N ALA D 235 9.24 -33.88 -21.26
CA ALA D 235 10.02 -33.77 -22.49
C ALA D 235 10.85 -35.01 -22.82
N ILE D 236 11.53 -35.64 -21.85
CA ILE D 236 12.34 -36.80 -22.16
C ILE D 236 11.87 -38.05 -21.43
N GLY D 237 10.66 -38.04 -20.88
CA GLY D 237 10.17 -39.18 -20.13
C GLY D 237 10.84 -39.31 -18.78
N PRO D 238 10.09 -39.85 -17.80
CA PRO D 238 10.56 -39.80 -16.41
C PRO D 238 11.65 -40.81 -16.09
N GLU D 239 11.77 -41.87 -16.87
CA GLU D 239 12.85 -42.80 -16.64
C GLU D 239 14.20 -42.23 -17.04
N LYS D 240 14.21 -41.09 -17.73
CA LYS D 240 15.46 -40.44 -18.10
C LYS D 240 15.72 -39.20 -17.26
N VAL D 241 15.09 -39.11 -16.10
CA VAL D 241 15.21 -37.96 -15.22
C VAL D 241 15.51 -38.43 -13.81
N GLY D 242 16.55 -37.84 -13.21
CA GLY D 242 16.80 -37.96 -11.79
C GLY D 242 16.78 -36.58 -11.15
N LEU D 243 16.93 -36.55 -9.83
CA LEU D 243 16.90 -35.28 -9.10
C LEU D 243 17.86 -35.34 -7.93
N ARG D 244 18.82 -34.42 -7.87
CA ARG D 244 19.75 -34.35 -6.76
C ARG D 244 19.31 -33.31 -5.74
N LEU D 245 19.32 -33.72 -4.46
CA LEU D 245 18.88 -32.92 -3.32
C LEU D 245 19.84 -33.11 -2.16
N SER D 246 20.02 -32.05 -1.38
CA SER D 246 20.92 -32.08 -0.22
C SER D 246 20.24 -31.37 0.95
N PRO D 247 19.44 -32.10 1.74
CA PRO D 247 18.69 -31.41 2.81
C PRO D 247 19.60 -30.76 3.83
N TYR D 248 20.50 -31.53 4.44
CA TYR D 248 21.34 -31.02 5.51
C TYR D 248 22.54 -30.26 4.99
N GLY D 249 22.56 -29.98 3.68
CA GLY D 249 23.65 -29.22 3.12
C GLY D 249 23.67 -27.81 3.65
N VAL D 250 24.88 -27.30 3.85
CA VAL D 250 25.11 -25.90 4.22
C VAL D 250 25.98 -25.18 3.23
N PHE D 251 26.54 -25.89 2.26
CA PHE D 251 27.43 -25.27 1.27
C PHE D 251 26.73 -24.14 0.53
N ASN D 252 27.52 -23.24 -0.05
CA ASN D 252 27.00 -22.03 -0.71
C ASN D 252 25.90 -21.39 0.13
N SER D 253 26.06 -21.47 1.46
CA SER D 253 25.26 -20.77 2.48
C SER D 253 23.78 -21.15 2.50
N MET D 254 23.48 -22.44 2.71
CA MET D 254 22.15 -22.96 2.92
C MET D 254 21.96 -23.28 4.40
N SER D 255 20.69 -23.39 4.81
CA SER D 255 20.35 -23.46 6.24
C SER D 255 20.85 -24.73 6.89
N GLY D 256 20.44 -25.87 6.36
CA GLY D 256 20.86 -27.14 6.91
C GLY D 256 20.02 -27.52 8.10
N GLY D 257 20.61 -28.38 8.94
CA GLY D 257 19.91 -28.82 10.13
C GLY D 257 19.49 -27.67 11.03
N ALA D 258 20.19 -26.54 10.95
CA ALA D 258 19.89 -25.39 11.78
C ALA D 258 18.43 -24.97 11.61
N GLU D 259 17.91 -25.10 10.40
CA GLU D 259 16.54 -24.68 10.09
C GLU D 259 15.60 -25.81 10.48
N THR D 260 14.63 -25.51 11.35
CA THR D 260 13.91 -26.57 12.04
C THR D 260 12.92 -27.29 11.13
N GLY D 261 12.37 -26.61 10.13
CA GLY D 261 11.44 -27.24 9.22
C GLY D 261 12.07 -27.62 7.91
N ILE D 262 13.41 -27.80 7.92
CA ILE D 262 14.07 -28.16 6.67
C ILE D 262 13.62 -29.53 6.22
N VAL D 263 13.55 -30.51 7.14
CA VAL D 263 13.08 -31.83 6.74
C VAL D 263 11.67 -31.74 6.18
N ALA D 264 10.80 -30.93 6.81
CA ALA D 264 9.46 -30.73 6.28
C ALA D 264 9.48 -30.25 4.84
N GLN D 265 10.36 -29.29 4.51
CA GLN D 265 10.53 -28.85 3.13
C GLN D 265 10.84 -29.99 2.18
N TYR D 266 11.88 -30.76 2.48
CA TYR D 266 12.34 -31.77 1.53
C TYR D 266 11.40 -32.98 1.53
N ALA D 267 10.79 -33.30 2.67
CA ALA D 267 9.81 -34.39 2.67
C ALA D 267 8.61 -34.08 1.79
N TYR D 268 8.32 -32.80 1.57
CA TYR D 268 7.22 -32.40 0.68
C TYR D 268 7.59 -32.61 -0.76
N VAL D 269 8.85 -32.31 -1.12
CA VAL D 269 9.37 -32.57 -2.46
C VAL D 269 9.32 -34.06 -2.77
N LEU D 270 9.91 -34.89 -1.90
CA LEU D 270 9.81 -36.33 -2.09
C LEU D 270 8.36 -36.77 -2.11
N GLY D 271 7.53 -36.22 -1.22
CA GLY D 271 6.11 -36.47 -1.29
C GLY D 271 5.57 -36.24 -2.69
N GLU D 272 5.91 -35.09 -3.28
CA GLU D 272 5.39 -34.78 -4.60
C GLU D 272 5.89 -35.76 -5.62
N LEU D 273 7.19 -36.05 -5.61
CA LEU D 273 7.73 -37.03 -6.55
C LEU D 273 6.93 -38.32 -6.46
N GLU D 274 6.82 -38.88 -5.26
CA GLU D 274 6.04 -40.09 -5.04
C GLU D 274 4.63 -39.99 -5.60
N ARG D 275 3.98 -38.84 -5.44
CA ARG D 275 2.64 -38.69 -5.98
C ARG D 275 2.66 -38.85 -7.50
N ARG D 276 3.53 -38.11 -8.16
CA ARG D 276 3.77 -38.29 -9.59
C ARG D 276 4.05 -39.74 -9.95
N ALA D 277 4.82 -40.44 -9.11
CA ALA D 277 5.16 -41.84 -9.37
C ALA D 277 3.94 -42.74 -9.21
N LYS D 278 3.19 -42.59 -8.11
CA LYS D 278 1.97 -43.37 -7.96
C LYS D 278 1.02 -43.12 -9.14
N ALA D 279 0.89 -41.86 -9.55
CA ALA D 279 0.13 -41.48 -10.73
C ALA D 279 0.61 -42.15 -12.01
N GLY D 280 1.90 -42.47 -12.12
CA GLY D 280 2.40 -43.18 -13.29
C GLY D 280 3.59 -42.57 -13.98
N LYS D 281 4.31 -41.66 -13.33
CA LYS D 281 5.55 -41.07 -13.88
C LYS D 281 6.62 -41.05 -12.78
N ARG D 282 7.13 -42.22 -12.44
CA ARG D 282 8.17 -42.31 -11.42
C ARG D 282 9.54 -41.83 -11.93
N LEU D 283 10.22 -41.01 -11.14
CA LEU D 283 11.56 -40.58 -11.53
C LEU D 283 12.50 -41.77 -11.48
N ALA D 284 13.61 -41.63 -12.21
CA ALA D 284 14.53 -42.76 -12.32
C ALA D 284 15.17 -43.10 -10.97
N PHE D 285 15.56 -42.08 -10.20
CA PHE D 285 16.26 -42.20 -8.92
C PHE D 285 16.29 -40.82 -8.27
N VAL D 286 16.36 -40.80 -6.95
CA VAL D 286 16.54 -39.55 -6.19
C VAL D 286 17.92 -39.60 -5.56
N HIS D 287 18.71 -38.56 -5.80
CA HIS D 287 20.08 -38.54 -5.34
C HIS D 287 20.20 -37.57 -4.18
N LEU D 288 20.70 -38.04 -3.03
CA LEU D 288 20.75 -37.29 -1.78
C LEU D 288 22.20 -37.16 -1.31
N VAL D 289 22.59 -35.98 -0.83
CA VAL D 289 23.88 -35.82 -0.16
C VAL D 289 23.72 -36.18 1.30
N GLU D 290 24.56 -37.08 1.79
CA GLU D 290 24.43 -37.46 3.19
C GLU D 290 24.95 -36.33 4.07
N PRO D 291 24.45 -36.21 5.30
CA PRO D 291 24.96 -35.15 6.21
C PRO D 291 26.38 -35.40 6.70
N ARG D 292 26.96 -36.53 6.31
CA ARG D 292 28.37 -36.85 6.56
C ARG D 292 29.32 -35.83 5.92
N VAL D 293 28.87 -35.17 4.84
CA VAL D 293 29.65 -34.17 4.12
C VAL D 293 28.71 -33.05 3.68
N THR D 294 28.51 -32.07 4.55
CA THR D 294 27.69 -30.92 4.21
C THR D 294 28.44 -29.79 3.49
N ASN D 295 29.77 -29.87 3.41
CA ASN D 295 30.58 -28.95 2.63
C ASN D 295 31.67 -29.80 2.00
N PRO D 296 31.50 -30.18 0.72
CA PRO D 296 32.42 -31.15 0.12
C PRO D 296 33.87 -30.66 -0.04
N PHE D 297 34.18 -29.42 0.34
CA PHE D 297 35.56 -28.91 0.31
C PHE D 297 36.25 -28.88 1.67
N LEU D 298 35.60 -29.35 2.74
CA LEU D 298 36.28 -29.66 3.99
C LEU D 298 36.62 -31.15 3.99
N THR D 299 37.83 -31.48 4.47
CA THR D 299 38.34 -32.85 4.47
C THR D 299 37.34 -33.83 5.10
N GLU D 300 37.38 -35.12 4.74
CA GLU D 300 36.41 -36.09 5.27
C GLU D 300 36.38 -36.09 6.79
N GLY D 301 35.15 -36.13 7.34
CA GLY D 301 34.90 -35.99 8.74
C GLY D 301 34.61 -34.57 9.18
N GLU D 302 35.33 -33.58 8.64
CA GLU D 302 35.00 -32.20 8.89
C GLU D 302 33.63 -31.88 8.29
N GLY D 303 32.91 -30.96 8.92
CA GLY D 303 31.60 -30.54 8.45
C GLY D 303 30.55 -31.62 8.35
N GLU D 304 30.41 -32.45 9.39
CA GLU D 304 29.49 -33.58 9.38
C GLU D 304 28.38 -33.40 10.42
N TYR D 305 27.17 -33.05 9.94
CA TYR D 305 26.00 -32.77 10.80
C TYR D 305 25.36 -34.08 11.27
N ASN D 306 25.50 -34.39 12.57
CA ASN D 306 25.01 -35.65 13.09
C ASN D 306 23.64 -35.54 13.75
N GLY D 307 23.10 -34.33 13.88
CA GLY D 307 21.81 -34.14 14.49
C GLY D 307 20.70 -34.23 13.46
N GLY D 308 20.90 -35.06 12.43
CA GLY D 308 19.86 -35.30 11.45
C GLY D 308 20.25 -36.39 10.47
N SER D 309 19.29 -37.16 9.95
CA SER D 309 19.57 -38.27 9.05
C SER D 309 18.65 -38.27 7.84
N ASN D 310 19.12 -38.92 6.79
CA ASN D 310 18.32 -39.00 5.57
C ASN D 310 17.25 -40.07 5.62
N LYS D 311 17.16 -40.85 6.72
CA LYS D 311 16.30 -42.02 6.76
C LYS D 311 14.85 -41.72 6.39
N PHE D 312 14.43 -40.46 6.54
CA PHE D 312 13.04 -40.10 6.27
C PHE D 312 12.70 -40.30 4.80
N ALA D 313 13.66 -40.04 3.92
CA ALA D 313 13.40 -40.17 2.49
C ALA D 313 12.79 -41.52 2.18
N TYR D 314 13.31 -42.58 2.80
CA TYR D 314 12.84 -43.91 2.43
C TYR D 314 11.40 -44.14 2.86
N SER D 315 10.90 -43.38 3.84
CA SER D 315 9.52 -43.57 4.24
C SER D 315 8.56 -42.91 3.26
N ILE D 316 9.06 -42.02 2.38
CA ILE D 316 8.26 -41.21 1.47
C ILE D 316 8.45 -41.64 0.02
N TRP D 317 9.62 -41.33 -0.54
CA TRP D 317 9.98 -41.70 -1.92
C TRP D 317 10.30 -43.18 -2.02
N LYS D 318 9.54 -43.91 -2.84
CA LYS D 318 9.67 -45.35 -2.90
C LYS D 318 10.58 -45.84 -4.03
N GLY D 319 11.18 -44.95 -4.81
CA GLY D 319 12.05 -45.38 -5.88
C GLY D 319 13.45 -45.76 -5.40
N PRO D 320 14.40 -45.81 -6.34
CA PRO D 320 15.81 -45.93 -5.97
C PRO D 320 16.39 -44.64 -5.39
N ILE D 321 17.23 -44.80 -4.38
CA ILE D 321 17.91 -43.68 -3.72
C ILE D 321 19.40 -43.92 -3.85
N ILE D 322 20.12 -42.89 -4.30
CA ILE D 322 21.58 -42.84 -4.30
C ILE D 322 22.02 -41.99 -3.13
N ARG D 323 23.02 -42.45 -2.38
CA ARG D 323 23.48 -41.77 -1.19
C ARG D 323 24.96 -41.49 -1.29
N ALA D 324 25.32 -40.23 -1.39
CA ALA D 324 26.68 -39.82 -1.68
C ALA D 324 27.31 -39.22 -0.43
N GLY D 325 28.56 -39.58 -0.13
CA GLY D 325 29.32 -38.80 0.83
C GLY D 325 30.11 -39.50 1.90
N ASN D 326 31.44 -39.32 1.87
CA ASN D 326 32.37 -39.96 2.83
C ASN D 326 32.02 -41.42 3.07
N PHE D 327 31.76 -42.14 1.99
CA PHE D 327 31.55 -43.57 2.11
C PHE D 327 32.79 -44.39 1.83
N ALA D 328 33.76 -43.81 1.13
CA ALA D 328 34.88 -44.61 0.63
C ALA D 328 35.71 -45.18 1.76
N LEU D 329 36.05 -44.35 2.74
CA LEU D 329 36.87 -44.75 3.87
C LEU D 329 36.08 -45.52 4.92
N HIS D 330 34.76 -45.64 4.75
CA HIS D 330 33.89 -46.23 5.76
C HIS D 330 33.08 -47.34 5.11
N PRO D 331 33.72 -48.40 4.64
CA PRO D 331 32.94 -49.49 4.03
C PRO D 331 32.13 -50.30 5.03
N GLU D 332 32.44 -50.19 6.33
CA GLU D 332 31.56 -50.72 7.36
C GLU D 332 30.19 -50.05 7.36
N VAL D 333 30.13 -48.75 7.03
CA VAL D 333 28.85 -48.10 6.86
C VAL D 333 28.12 -48.67 5.66
N VAL D 334 28.81 -48.73 4.53
CA VAL D 334 28.17 -49.09 3.26
C VAL D 334 27.61 -50.51 3.33
N ARG D 335 28.34 -51.42 3.98
CA ARG D 335 27.83 -52.76 4.22
C ARG D 335 26.43 -52.74 4.83
N GLU D 336 26.18 -51.80 5.75
CA GLU D 336 24.89 -51.66 6.43
C GLU D 336 23.87 -50.94 5.57
N GLU D 337 24.28 -49.87 4.88
CA GLU D 337 23.34 -49.08 4.11
C GLU D 337 22.80 -49.82 2.88
N VAL D 338 23.65 -50.59 2.21
CA VAL D 338 23.20 -51.31 1.02
C VAL D 338 22.35 -52.51 1.38
N LYS D 339 22.13 -52.79 2.67
CA LYS D 339 21.15 -53.79 3.05
C LYS D 339 19.80 -53.47 2.41
N ASP D 340 19.37 -52.22 2.50
CA ASP D 340 18.14 -51.82 1.81
C ASP D 340 18.36 -51.94 0.31
N PRO D 341 17.57 -52.75 -0.39
CA PRO D 341 17.88 -53.11 -1.76
C PRO D 341 17.60 -52.05 -2.82
N ARG D 342 17.06 -50.88 -2.47
CA ARG D 342 16.94 -49.81 -3.46
C ARG D 342 17.92 -48.69 -3.18
N THR D 343 19.00 -48.99 -2.47
CA THR D 343 20.03 -48.01 -2.19
C THR D 343 21.16 -48.22 -3.18
N LEU D 344 21.71 -47.12 -3.67
CA LEU D 344 22.99 -47.06 -4.37
C LEU D 344 23.89 -46.10 -3.63
N ILE D 345 25.19 -46.36 -3.67
CA ILE D 345 26.14 -45.55 -2.95
C ILE D 345 26.99 -44.85 -3.99
N GLY D 346 27.07 -43.53 -3.88
CA GLY D 346 27.87 -42.74 -4.80
C GLY D 346 29.14 -42.29 -4.10
N TYR D 347 30.26 -42.54 -4.76
CA TYR D 347 31.58 -42.23 -4.23
C TYR D 347 32.14 -41.04 -5.00
N GLY D 348 32.48 -39.98 -4.30
CA GLY D 348 32.83 -38.77 -5.00
C GLY D 348 34.30 -38.55 -5.20
N ARG D 349 35.02 -38.30 -4.12
CA ARG D 349 36.40 -37.84 -4.24
C ARG D 349 37.33 -38.99 -4.55
N PHE D 350 37.07 -40.15 -3.95
CA PHE D 350 37.93 -41.30 -4.18
C PHE D 350 37.65 -41.99 -5.50
N PHE D 351 36.73 -41.44 -6.28
CA PHE D 351 36.56 -41.84 -7.67
C PHE D 351 37.34 -40.90 -8.59
N ILE D 352 37.64 -39.69 -8.13
CA ILE D 352 38.54 -38.82 -8.88
C ILE D 352 39.92 -39.44 -8.98
N SER D 353 40.33 -40.19 -7.95
CA SER D 353 41.69 -40.70 -7.81
C SER D 353 41.84 -42.17 -8.18
N ASN D 354 40.78 -42.96 -8.06
CA ASN D 354 40.81 -44.41 -8.29
C ASN D 354 39.95 -44.74 -9.50
N PRO D 355 40.52 -44.81 -10.70
CA PRO D 355 39.71 -45.11 -11.89
C PRO D 355 39.08 -46.49 -11.83
N ASP D 356 39.70 -47.42 -11.09
CA ASP D 356 39.18 -48.78 -10.90
C ASP D 356 38.58 -48.96 -9.51
N LEU D 357 37.80 -47.98 -9.04
CA LEU D 357 37.30 -48.03 -7.66
C LEU D 357 36.34 -49.18 -7.46
N VAL D 358 35.48 -49.45 -8.44
CA VAL D 358 34.51 -50.53 -8.28
C VAL D 358 35.27 -51.84 -8.02
N ASP D 359 36.49 -51.95 -8.54
CA ASP D 359 37.30 -53.15 -8.41
C ASP D 359 38.01 -53.21 -7.06
N ARG D 360 38.48 -52.06 -6.55
CA ARG D 360 39.15 -52.02 -5.25
C ARG D 360 38.17 -52.25 -4.11
N LEU D 361 36.90 -51.89 -4.30
CA LEU D 361 35.86 -52.07 -3.30
C LEU D 361 35.31 -53.50 -3.31
N GLU D 362 35.34 -54.18 -4.46
CA GLU D 362 35.01 -55.60 -4.51
C GLU D 362 36.08 -56.45 -3.84
N LYS D 363 37.35 -56.15 -4.12
CA LYS D 363 38.44 -56.98 -3.64
C LYS D 363 39.13 -56.41 -2.41
N GLY D 364 38.67 -55.28 -1.88
CA GLY D 364 39.22 -54.71 -0.66
C GLY D 364 40.65 -54.23 -0.81
N LEU D 365 40.89 -53.53 -1.87
CA LEU D 365 42.24 -53.09 -2.16
C LEU D 365 42.49 -51.72 -1.56
N PRO D 366 43.75 -51.32 -1.35
CA PRO D 366 44.00 -49.97 -0.86
C PRO D 366 43.42 -48.94 -1.81
N LEU D 367 43.28 -47.71 -1.32
CA LEU D 367 42.76 -46.63 -2.14
C LEU D 367 43.90 -45.67 -2.48
N ASN D 368 43.84 -45.07 -3.68
CA ASN D 368 44.80 -44.03 -4.07
C ASN D 368 44.47 -42.73 -3.36
N LYS D 369 45.49 -42.07 -2.80
CA LYS D 369 45.31 -40.75 -2.22
C LYS D 369 44.90 -39.76 -3.32
N TYR D 370 44.03 -38.81 -2.98
CA TYR D 370 43.56 -37.82 -3.93
C TYR D 370 44.24 -36.48 -3.65
N ASP D 371 44.52 -35.72 -4.71
CA ASP D 371 45.21 -34.43 -4.56
C ASP D 371 44.19 -33.31 -4.68
N ARG D 372 43.80 -32.73 -3.53
CA ARG D 372 42.75 -31.71 -3.54
C ARG D 372 43.12 -30.54 -4.46
N ASP D 373 44.42 -30.32 -4.68
CA ASP D 373 44.88 -29.18 -5.49
C ASP D 373 44.45 -29.31 -6.95
N THR D 374 44.81 -30.42 -7.60
CA THR D 374 44.43 -30.67 -8.99
C THR D 374 42.94 -31.07 -9.12
N PHE D 375 42.12 -30.78 -8.11
CA PHE D 375 40.66 -30.81 -8.28
C PHE D 375 40.23 -29.81 -9.35
N TYR D 376 40.47 -28.52 -9.08
CA TYR D 376 40.11 -27.43 -9.97
C TYR D 376 41.41 -26.89 -10.56
N LYS D 377 41.79 -27.36 -11.75
CA LYS D 377 43.00 -26.89 -12.43
C LYS D 377 43.00 -27.32 -13.88
N MET D 378 43.50 -26.44 -14.75
CA MET D 378 43.60 -26.78 -16.17
C MET D 378 44.83 -27.65 -16.40
N SER D 379 44.73 -28.90 -16.00
CA SER D 379 45.88 -29.80 -16.06
C SER D 379 45.41 -31.24 -16.13
N ALA D 380 46.02 -32.01 -17.03
CA ALA D 380 45.73 -33.43 -17.10
C ALA D 380 46.23 -34.17 -15.86
N GLU D 381 47.18 -33.61 -15.11
CA GLU D 381 47.57 -34.20 -13.84
C GLU D 381 46.50 -33.97 -12.78
N GLY D 382 46.27 -35.00 -11.98
CA GLY D 382 45.10 -35.06 -11.13
C GLY D 382 43.80 -35.33 -11.87
N TYR D 383 43.83 -35.42 -13.20
CA TYR D 383 42.63 -35.64 -13.99
C TYR D 383 42.61 -37.04 -14.59
N ILE D 384 43.60 -37.37 -15.43
CA ILE D 384 43.64 -38.65 -16.11
C ILE D 384 44.87 -39.48 -15.75
N ASP D 385 45.83 -38.94 -14.99
CA ASP D 385 47.05 -39.67 -14.67
C ASP D 385 46.99 -40.42 -13.33
N TYR D 386 45.80 -40.74 -12.85
CA TYR D 386 45.67 -41.48 -11.59
C TYR D 386 45.76 -42.98 -11.89
N PRO D 387 46.65 -43.74 -11.23
CA PRO D 387 46.92 -45.12 -11.64
C PRO D 387 45.87 -46.13 -11.18
N THR D 388 45.65 -47.16 -12.03
CA THR D 388 44.90 -48.31 -11.54
C THR D 388 45.76 -49.10 -10.55
N TYR D 389 45.16 -50.11 -9.90
CA TYR D 389 45.92 -50.83 -8.89
C TYR D 389 47.06 -51.64 -9.50
N GLU D 390 46.81 -52.31 -10.62
CA GLU D 390 47.90 -52.94 -11.37
C GLU D 390 49.02 -51.94 -11.64
N GLU D 391 48.68 -50.78 -12.22
CA GLU D 391 49.66 -49.75 -12.53
C GLU D 391 50.34 -49.21 -11.28
N ALA D 392 49.58 -49.04 -10.18
CA ALA D 392 50.16 -48.50 -8.95
C ALA D 392 51.17 -49.48 -8.35
N LEU D 393 50.87 -50.78 -8.36
CA LEU D 393 51.84 -51.75 -7.87
C LEU D 393 53.17 -51.59 -8.59
N LYS D 394 53.13 -51.53 -9.93
CA LYS D 394 54.35 -51.48 -10.75
C LYS D 394 55.24 -50.29 -10.41
N LEU D 395 54.67 -49.19 -9.91
CA LEU D 395 55.46 -47.98 -9.64
C LEU D 395 55.70 -47.81 -8.15
#